data_9JQN
#
_entry.id   9JQN
#
_cell.length_a   1.00
_cell.length_b   1.00
_cell.length_c   1.00
_cell.angle_alpha   90.00
_cell.angle_beta   90.00
_cell.angle_gamma   90.00
#
_symmetry.space_group_name_H-M   'P 1'
#
loop_
_entity.id
_entity.type
_entity.pdbx_description
1 polymer 'V(D)J recombination-activating protein 1'
2 polymer 'V(D)J recombination-activating protein 2'
3 polymer "DNA (5'-D(P*AP*TP*TP*TP*GP*CP*AP*TP*CP*AP*CP*TP*GP*TP*G)-3')"
4 polymer "DNA (5'-D(*CP*AP*CP*AP*GP*TP*GP*AP*TP*AP*CP*AP*GP*CP*C)-3')"
5 polymer "DNA (5'-D(*CP*AP*CP*AP*GP*TP*GP*AP*TP*GP*CP*AP*AP*AP*T)-3')"
6 polymer "DNA (5'-D(P*GP*GP*CP*TP*GP*TP*AP*TP*CP*AP*CP*TP*GP*TP*G)-3')"
7 polymer "DNA (5'-D(*CP*AP*GP*GP*CP*CP*AP*GP*AP*TP*CP*CP*A)-3')"
8 polymer "DNA (5'-D(P*TP*GP*GP*AP*TP*CP*TP*GP*GP*CP*CP*TP*G)-3')"
9 non-polymer 'CALCIUM ION'
10 non-polymer 'ZINC ION'
#
loop_
_entity_poly.entity_id
_entity_poly.type
_entity_poly.pdbx_seq_one_letter_code
_entity_poly.pdbx_strand_id
1 'polypeptide(L)'
;MAASLPSTLSFSSAPDEIQHPQIKFSEWKFKLFRVRSFEKAPEEAQKEKDSSEGKPYLEQSPVVPEKPGGQNSILTQRAL
KLHPKFSKKFHADGKSSDKAVHQARLRHFCRICGNRFKSDGHSRRYPVHGPVDAKTQSLFRKKEKRVTSWPDLIARIFRI
DVKADVDSIHPTEFCHDCWSIMHRKFSSSHSQVYFPRKVTVEWHPHTPSCDICFTAHRGLKRKRHQPNVQLSKKLKTVLN
HARRDRRKRTQARVSSKEVLKKISNCSKIHLSTKLLAVDFPAHFVKSISCQICEHILADPVETSCKHLFCRICILRCLKV
MGSYCPSCRYPCFPTDLESPVKSFLNILNSLMVKCPAQDCNEEVSLEKYNHHVSSHKESKETLVHINKGGRPRQHLLSLT
RRAQKHRLRELKIQVKEFADKEEGGDVKAVCLTLFLLALRARNEHRQADELEAIMQGRGSGLQPAVCLAIRVNTFLSCSQ
YHKMYRTVKAITGRQIFQPLHALRNAEKVLLPGYHPFEWQPPLKNVSSRTDVGIIDGLSGLASSVDEYPVDTIAKRFRYD
SALVSALMDMEEDILEGMRSQDLDDYLNGPFTVVVKESCDGMGDVSEKHGSGPAVPEKAVRFSFTVMRITIEHGSQNVKV
FEEPKPNSELCCKPLCLMLADESDHETLTAILSPLIAEREAMKSSELTLEMGGIPRTFKFIFRGTGYDEKLVREVEGLEA
SGSVYICTLCDTTRLEASQNLVFHSITRSHAENLQRYEVWRSNPYHESVEELRDRVKGVSAKPFIETVPSIDALHCDIGN
AAEFYKIFQLEIGEVYKHPNASKEERKRWQATLDKHLRKRMNLKPIMRMNGNFARKLMTQETVDAVCELIPSEERHEALR
ELMDLYLKMKPVWRSSCPAKECPESLCQYSFNSQRFAELLSTKFKYRYEGKITNYFHKTLAHVPEIIERDGSIGAWASEG
NESGNKLFRRFRKMNARQSKCYEMEDVLKHHWLYTSKYLQKFMNAHNALKSSGFTMNSKETLGDPLGIEDSLESQDSMEF
;
A,C
2 'polypeptide(L)'
;MSLQMVTVGHNIALIQPGFSLMNFDGQVFFFGQKGWPKRSCPTGVFHFDIKQNHLKLKPAIFSKDSCYLPPLRYPATCSY
KGSIDSDKHQYIIHGGKTPNNELSDKIYIMSVACKNNKKVTFRCTEKDLVGDVPEPRYGHSIDVVYSRGKSMGVLFGGRS
YMPSTQRTTEKWNSVADCLPHVFLIDFEFGCATSYILPELQDGLSFHVSIARNDTVYILGGHSLASNIRPANLYRIRVDL
PLGTPAVNCTVLPGGISVSSAILTQTNNDEFVIVGGYQLENQKRMVCSLVSLGDNTIEISEMETPDWTSDIKHSKIWFGS
NMGNGTIFLGIPGDNKQAMSEAFYFYTLRCSEEDLSEDQKIVSNSQTSTEDPGDSTPFEDSEEFCFSAEATSFDGDDEFD
TYNEDDEDDESVTGYWITCCPTCDVDINTWVPFYSTELNKPAMIYCSHGDGHWVHAQCMDLEERTLIHLSEGSNKYYCNE
HVQIARALQTPKRNPPLQKPPMKSLHKKGSGKVLTPAKKSFLRRLFD
;
B,D
3 'polydeoxyribonucleotide' (DA)(DT)(DT)(DT)(DG)(DC)(DA)(DT)(DC)(DA)(DC)(DT)(DG)(DT)(DG) G
4 'polydeoxyribonucleotide' (DC)(DA)(DC)(DA)(DG)(DT)(DG)(DA)(DT)(DA)(DC)(DA)(DG)(DC)(DC) L
5 'polydeoxyribonucleotide' (DC)(DA)(DC)(DA)(DG)(DT)(DG)(DA)(DT)(DG)(DC)(DA)(DA)(DA)(DT) M
6 'polydeoxyribonucleotide' (DG)(DG)(DC)(DT)(DG)(DT)(DA)(DT)(DC)(DA)(DC)(DT)(DG)(DT)(DG) F
7 'polydeoxyribonucleotide' (DC)(DA)(DG)(DG)(DC)(DC)(DA)(DG)(DA)(DT)(DC)(DC)(DA) H,E
8 'polydeoxyribonucleotide' (DT)(DG)(DG)(DA)(DT)(DC)(DT)(DG)(DG)(DC)(DC)(DT)(DG) I,J
#
# COMPACT_ATOMS: atom_id res chain seq x y z
N GLY A 461 31.60 6.17 34.39
CA GLY A 461 32.11 6.12 33.04
C GLY A 461 31.76 4.84 32.31
N LEU A 462 31.18 4.97 31.12
CA LEU A 462 30.78 3.83 30.31
C LEU A 462 31.82 3.57 29.22
N GLN A 463 32.00 2.29 28.90
CA GLN A 463 32.93 1.89 27.87
C GLN A 463 32.30 2.08 26.48
N PRO A 464 33.12 2.29 25.46
CA PRO A 464 32.57 2.42 24.10
C PRO A 464 31.81 1.18 23.64
N ALA A 465 32.23 -0.01 24.06
CA ALA A 465 31.48 -1.22 23.70
C ALA A 465 30.09 -1.20 24.31
N VAL A 466 29.98 -0.81 25.59
CA VAL A 466 28.67 -0.74 26.24
C VAL A 466 27.81 0.34 25.58
N CYS A 467 28.40 1.49 25.27
CA CYS A 467 27.65 2.55 24.61
C CYS A 467 27.14 2.10 23.25
N LEU A 468 27.98 1.42 22.47
CA LEU A 468 27.55 0.91 21.17
C LEU A 468 26.45 -0.13 21.33
N ALA A 469 26.57 -1.01 22.33
CA ALA A 469 25.53 -2.00 22.58
C ALA A 469 24.20 -1.34 22.89
N ILE A 470 24.22 -0.31 23.73
CA ILE A 470 22.99 0.41 24.04
C ILE A 470 22.42 1.07 22.79
N ARG A 471 23.27 1.79 22.05
CA ARG A 471 22.81 2.50 20.87
C ARG A 471 22.25 1.55 19.82
N VAL A 472 22.76 0.32 19.77
CA VAL A 472 22.31 -0.64 18.76
C VAL A 472 21.03 -1.35 19.20
N ASN A 473 21.00 -1.87 20.43
CA ASN A 473 19.85 -2.66 20.87
C ASN A 473 18.64 -1.79 21.18
N THR A 474 18.83 -0.61 21.78
CA THR A 474 17.71 0.29 22.04
C THR A 474 17.24 1.02 20.79
N PHE A 475 17.71 0.60 19.61
CA PHE A 475 17.19 1.06 18.31
C PHE A 475 17.36 2.56 18.14
N LEU A 476 18.43 3.11 18.70
CA LEU A 476 18.70 4.54 18.62
C LEU A 476 19.59 4.83 17.42
N SER A 477 19.26 5.90 16.70
CA SER A 477 20.06 6.32 15.55
C SER A 477 21.23 7.19 16.03
N CYS A 478 22.15 7.45 15.10
CA CYS A 478 23.35 8.20 15.44
C CYS A 478 23.02 9.63 15.89
N SER A 479 22.08 10.29 15.20
CA SER A 479 21.74 11.67 15.56
C SER A 479 21.08 11.73 16.94
N GLN A 480 20.12 10.84 17.19
CA GLN A 480 19.45 10.82 18.49
C GLN A 480 20.43 10.50 19.60
N TYR A 481 21.33 9.53 19.36
CA TYR A 481 22.34 9.20 20.36
C TYR A 481 23.28 10.38 20.60
N HIS A 482 23.65 11.10 19.54
CA HIS A 482 24.53 12.25 19.68
C HIS A 482 23.89 13.34 20.52
N LYS A 483 22.60 13.62 20.27
CA LYS A 483 21.95 14.67 21.06
C LYS A 483 21.71 14.22 22.50
N MET A 484 21.42 12.93 22.72
CA MET A 484 21.35 12.41 24.08
C MET A 484 22.68 12.55 24.80
N TYR A 485 23.78 12.21 24.11
CA TYR A 485 25.11 12.33 24.70
C TYR A 485 25.41 13.78 25.05
N ARG A 486 25.13 14.71 24.13
CA ARG A 486 25.46 16.10 24.39
C ARG A 486 24.62 16.66 25.55
N THR A 487 23.32 16.33 25.61
CA THR A 487 22.52 16.86 26.71
C THR A 487 22.91 16.23 28.04
N VAL A 488 23.22 14.93 28.05
CA VAL A 488 23.63 14.28 29.29
C VAL A 488 24.95 14.87 29.77
N LYS A 489 25.90 15.08 28.86
CA LYS A 489 27.17 15.69 29.25
C LYS A 489 26.95 17.10 29.79
N ALA A 490 26.17 17.92 29.08
CA ALA A 490 25.99 19.31 29.47
C ALA A 490 25.28 19.43 30.81
N ILE A 491 24.37 18.52 31.12
CA ILE A 491 23.62 18.61 32.38
C ILE A 491 24.37 17.95 33.53
N THR A 492 24.77 16.68 33.37
CA THR A 492 25.43 15.96 34.46
C THR A 492 26.83 16.48 34.75
N GLY A 493 27.48 17.12 33.77
CA GLY A 493 28.87 17.49 33.97
C GLY A 493 29.82 16.47 33.37
N ARG A 494 30.27 15.52 34.18
CA ARG A 494 31.18 14.47 33.71
C ARG A 494 30.59 13.74 32.51
N GLN A 495 31.48 13.19 31.70
CA GLN A 495 31.09 12.52 30.45
C GLN A 495 30.72 11.07 30.76
N ILE A 496 29.42 10.77 30.75
CA ILE A 496 28.97 9.42 31.03
C ILE A 496 29.08 8.54 29.79
N PHE A 497 28.46 8.96 28.70
CA PHE A 497 28.49 8.20 27.46
C PHE A 497 29.80 8.48 26.72
N GLN A 498 29.91 8.00 25.49
CA GLN A 498 31.14 8.14 24.72
C GLN A 498 30.84 8.72 23.36
N PRO A 499 31.82 9.41 22.76
CA PRO A 499 31.57 10.08 21.48
C PRO A 499 31.34 9.10 20.33
N LEU A 500 30.65 9.62 19.30
CA LEU A 500 30.32 8.80 18.15
C LEU A 500 31.56 8.27 17.46
N HIS A 501 32.66 9.04 17.45
CA HIS A 501 33.89 8.54 16.85
C HIS A 501 34.46 7.39 17.66
N ALA A 502 34.34 7.45 18.99
CA ALA A 502 34.76 6.34 19.83
C ALA A 502 33.92 5.09 19.54
N LEU A 503 32.60 5.26 19.40
CA LEU A 503 31.76 4.13 19.06
C LEU A 503 32.11 3.55 17.69
N ARG A 504 32.39 4.43 16.71
CA ARG A 504 32.76 3.97 15.39
C ARG A 504 34.08 3.19 15.42
N ASN A 505 35.05 3.68 16.19
CA ASN A 505 36.32 2.96 16.33
C ASN A 505 36.13 1.63 17.04
N ALA A 506 35.19 1.57 17.98
CA ALA A 506 34.95 0.34 18.74
C ALA A 506 34.09 -0.67 17.99
N GLU A 507 33.56 -0.32 16.82
CA GLU A 507 32.72 -1.23 16.05
C GLU A 507 33.45 -1.92 14.92
N LYS A 508 34.64 -1.44 14.55
CA LYS A 508 35.41 -2.10 13.49
C LYS A 508 35.93 -3.47 13.91
N VAL A 509 36.04 -3.72 15.22
CA VAL A 509 36.48 -5.02 15.69
C VAL A 509 35.48 -6.10 15.35
N LEU A 510 34.19 -5.79 15.47
CA LEU A 510 33.14 -6.77 15.25
C LEU A 510 32.85 -7.03 13.78
N LEU A 511 33.04 -6.04 12.92
CA LEU A 511 32.75 -6.22 11.50
C LEU A 511 33.74 -7.21 10.88
N PRO A 512 33.32 -8.00 9.90
CA PRO A 512 34.25 -8.91 9.23
C PRO A 512 35.32 -8.16 8.47
N GLY A 513 36.49 -8.78 8.38
CA GLY A 513 37.64 -8.16 7.78
C GLY A 513 38.60 -7.52 8.74
N TYR A 514 38.67 -8.00 9.97
CA TYR A 514 39.56 -7.42 10.99
C TYR A 514 40.40 -8.51 11.63
N HIS A 515 39.89 -9.73 11.65
CA HIS A 515 40.54 -10.85 12.32
C HIS A 515 41.32 -11.70 11.33
N PRO A 516 42.55 -12.09 11.67
CA PRO A 516 43.33 -12.93 10.76
C PRO A 516 42.85 -14.37 10.76
N PHE A 517 42.91 -14.99 9.59
CA PHE A 517 42.54 -16.39 9.43
C PHE A 517 43.28 -16.96 8.23
N GLU A 518 43.35 -18.29 8.19
CA GLU A 518 44.09 -18.97 7.13
C GLU A 518 43.39 -20.27 6.79
N TRP A 519 43.00 -20.43 5.53
CA TRP A 519 42.40 -21.66 5.06
C TRP A 519 43.48 -22.66 4.63
N GLN A 520 43.21 -23.93 4.87
CA GLN A 520 44.13 -25.01 4.52
C GLN A 520 43.36 -26.29 4.23
N PRO A 521 43.30 -26.73 2.96
CA PRO A 521 43.94 -26.15 1.77
C PRO A 521 43.33 -24.81 1.35
N PRO A 522 44.10 -23.99 0.66
CA PRO A 522 43.59 -22.68 0.22
C PRO A 522 42.34 -22.85 -0.64
N LEU A 523 41.37 -21.96 -0.42
CA LEU A 523 40.11 -22.05 -1.15
C LEU A 523 40.30 -21.72 -2.62
N LYS A 524 39.61 -22.46 -3.48
CA LYS A 524 39.74 -22.26 -4.92
C LYS A 524 38.93 -21.05 -5.36
N ASN A 525 39.52 -20.25 -6.25
CA ASN A 525 38.84 -19.15 -6.92
C ASN A 525 38.35 -18.08 -5.94
N VAL A 526 39.15 -17.77 -4.93
CA VAL A 526 38.86 -16.65 -4.03
C VAL A 526 40.19 -16.15 -3.46
N SER A 527 40.26 -14.84 -3.24
CA SER A 527 41.47 -14.23 -2.71
C SER A 527 41.73 -14.68 -1.27
N SER A 528 43.00 -14.71 -0.89
CA SER A 528 43.42 -15.10 0.45
C SER A 528 43.53 -13.91 1.39
N ARG A 529 43.20 -12.71 0.94
CA ARG A 529 43.29 -11.54 1.80
C ARG A 529 42.26 -11.63 2.92
N THR A 530 42.66 -11.17 4.10
CA THR A 530 41.85 -11.28 5.31
C THR A 530 41.45 -9.91 5.85
N ASP A 531 41.32 -8.92 4.97
CA ASP A 531 40.98 -7.56 5.38
C ASP A 531 39.92 -6.96 4.45
N VAL A 532 38.96 -7.78 4.03
CA VAL A 532 37.90 -7.37 3.13
C VAL A 532 36.61 -7.22 3.94
N GLY A 533 35.89 -6.12 3.70
CA GLY A 533 34.64 -5.87 4.38
C GLY A 533 33.46 -5.87 3.44
N ILE A 534 32.80 -4.72 3.31
CA ILE A 534 31.67 -4.58 2.40
C ILE A 534 32.21 -4.40 0.99
N ILE A 535 31.81 -5.29 0.08
CA ILE A 535 32.23 -5.22 -1.31
C ILE A 535 30.99 -5.18 -2.19
N ASP A 536 31.20 -4.73 -3.43
CA ASP A 536 30.09 -4.59 -4.36
C ASP A 536 29.48 -5.95 -4.69
N GLY A 537 28.14 -6.02 -4.63
CA GLY A 537 27.46 -7.27 -4.93
C GLY A 537 27.43 -7.65 -6.39
N LEU A 538 27.62 -6.67 -7.29
CA LEU A 538 27.65 -6.96 -8.71
C LEU A 538 28.84 -7.79 -9.11
N SER A 539 29.89 -7.82 -8.28
CA SER A 539 31.10 -8.62 -8.53
C SER A 539 31.71 -8.29 -9.90
N GLY A 540 31.82 -7.00 -10.17
CA GLY A 540 32.43 -6.54 -11.42
C GLY A 540 31.65 -6.91 -12.65
N LEU A 541 30.32 -6.91 -12.57
CA LEU A 541 29.50 -7.20 -13.74
C LEU A 541 29.59 -6.06 -14.74
N ALA A 542 29.64 -6.40 -16.01
CA ALA A 542 29.81 -5.40 -17.06
C ALA A 542 28.58 -4.50 -17.14
N SER A 543 28.80 -3.19 -16.96
CA SER A 543 27.74 -2.21 -16.99
C SER A 543 27.77 -1.36 -18.25
N SER A 544 28.55 -1.75 -19.25
CA SER A 544 28.65 -0.98 -20.48
C SER A 544 27.36 -1.08 -21.30
N VAL A 545 27.18 -0.12 -22.21
CA VAL A 545 25.99 -0.08 -23.04
C VAL A 545 25.93 -1.22 -24.04
N ASP A 546 27.04 -1.88 -24.30
CA ASP A 546 27.09 -3.00 -25.24
C ASP A 546 26.69 -4.32 -24.61
N GLU A 547 26.42 -4.35 -23.32
CA GLU A 547 26.14 -5.57 -22.58
C GLU A 547 24.68 -5.61 -22.16
N TYR A 548 24.32 -6.66 -21.43
CA TYR A 548 22.98 -6.78 -20.88
C TYR A 548 22.76 -5.68 -19.85
N PRO A 549 21.68 -4.91 -19.95
CA PRO A 549 21.48 -3.81 -19.00
C PRO A 549 21.38 -4.31 -17.56
N VAL A 550 21.98 -3.56 -16.65
CA VAL A 550 21.93 -3.86 -15.22
C VAL A 550 21.16 -2.73 -14.53
N ASP A 551 20.26 -3.12 -13.62
CA ASP A 551 19.43 -2.16 -12.91
C ASP A 551 19.33 -2.52 -11.42
N THR A 552 20.37 -3.14 -10.87
CA THR A 552 20.35 -3.61 -9.50
C THR A 552 21.51 -3.01 -8.71
N ILE A 553 21.26 -2.75 -7.44
CA ILE A 553 22.28 -2.32 -6.49
C ILE A 553 22.42 -3.37 -5.41
N ALA A 554 23.65 -3.77 -5.10
CA ALA A 554 23.88 -4.85 -4.16
C ALA A 554 25.22 -4.65 -3.46
N LYS A 555 25.22 -4.80 -2.14
CA LYS A 555 26.42 -4.81 -1.34
C LYS A 555 26.44 -6.09 -0.49
N ARG A 556 27.61 -6.71 -0.39
CA ARG A 556 27.70 -8.01 0.24
C ARG A 556 29.02 -8.15 0.98
N PHE A 557 29.03 -9.06 1.95
CA PHE A 557 30.26 -9.48 2.62
C PHE A 557 30.79 -10.75 1.96
N ARG A 558 32.10 -10.96 2.10
CA ARG A 558 32.67 -12.25 1.72
C ARG A 558 32.20 -13.31 2.71
N TYR A 559 31.89 -14.49 2.19
CA TYR A 559 31.27 -15.53 3.02
C TYR A 559 32.20 -15.97 4.14
N ASP A 560 33.48 -16.22 3.81
CA ASP A 560 34.42 -16.66 4.83
C ASP A 560 34.68 -15.57 5.86
N SER A 561 34.76 -14.31 5.41
CA SER A 561 34.95 -13.21 6.35
C SER A 561 33.76 -13.09 7.31
N ALA A 562 32.54 -13.22 6.78
CA ALA A 562 31.36 -13.16 7.64
C ALA A 562 31.36 -14.31 8.63
N LEU A 563 31.72 -15.52 8.18
CA LEU A 563 31.71 -16.67 9.08
C LEU A 563 32.78 -16.55 10.16
N VAL A 564 33.98 -16.07 9.81
CA VAL A 564 35.00 -15.91 10.84
C VAL A 564 34.62 -14.80 11.82
N SER A 565 33.96 -13.74 11.33
CA SER A 565 33.47 -12.71 12.24
C SER A 565 32.44 -13.28 13.21
N ALA A 566 31.51 -14.09 12.70
CA ALA A 566 30.50 -14.69 13.57
C ALA A 566 31.15 -15.63 14.58
N LEU A 567 32.13 -16.41 14.15
CA LEU A 567 32.80 -17.33 15.07
C LEU A 567 33.56 -16.57 16.15
N MET A 568 34.27 -15.51 15.78
CA MET A 568 34.96 -14.71 16.79
C MET A 568 33.98 -13.98 17.70
N ASP A 569 32.76 -13.70 17.22
CA ASP A 569 31.73 -13.15 18.09
C ASP A 569 31.25 -14.18 19.10
N MET A 570 31.03 -15.42 18.64
CA MET A 570 30.56 -16.50 19.50
C MET A 570 31.69 -17.20 20.26
N GLU A 571 32.91 -16.66 20.17
CA GLU A 571 34.06 -17.17 20.91
C GLU A 571 33.73 -17.49 22.37
N GLU A 572 33.25 -16.49 23.12
CA GLU A 572 33.03 -16.68 24.55
C GLU A 572 31.89 -17.65 24.82
N ASP A 573 30.86 -17.68 23.95
CA ASP A 573 29.81 -18.67 24.06
C ASP A 573 30.37 -20.09 23.89
N ILE A 574 31.28 -20.26 22.92
CA ILE A 574 31.88 -21.57 22.70
C ILE A 574 32.73 -21.98 23.91
N LEU A 575 33.51 -21.04 24.44
CA LEU A 575 34.32 -21.35 25.62
C LEU A 575 33.44 -21.72 26.81
N GLU A 576 32.37 -20.96 27.04
CA GLU A 576 31.46 -21.29 28.14
C GLU A 576 30.81 -22.65 27.93
N GLY A 577 30.45 -22.97 26.68
CA GLY A 577 29.88 -24.29 26.41
C GLY A 577 30.86 -25.41 26.68
N MET A 578 32.13 -25.23 26.29
CA MET A 578 33.13 -26.25 26.57
C MET A 578 33.35 -26.41 28.07
N ARG A 579 33.35 -25.30 28.81
CA ARG A 579 33.47 -25.40 30.26
C ARG A 579 32.28 -26.14 30.87
N SER A 580 31.07 -25.84 30.41
CA SER A 580 29.87 -26.44 30.98
C SER A 580 29.68 -27.88 30.56
N GLN A 581 30.28 -28.31 29.45
CA GLN A 581 30.14 -29.68 28.97
C GLN A 581 31.11 -30.64 29.66
N ASP A 582 31.84 -30.18 30.67
CA ASP A 582 32.81 -30.97 31.43
C ASP A 582 34.02 -31.38 30.60
N LEU A 583 34.22 -30.76 29.44
CA LEU A 583 35.43 -30.94 28.66
C LEU A 583 36.47 -29.91 29.08
N ASP A 584 37.62 -29.95 28.42
CA ASP A 584 38.71 -29.03 28.70
C ASP A 584 38.44 -27.71 27.98
N ASP A 585 39.36 -26.76 28.10
CA ASP A 585 39.20 -25.42 27.52
C ASP A 585 40.06 -25.20 26.28
N TYR A 586 41.34 -25.56 26.33
CA TYR A 586 42.25 -25.31 25.22
C TYR A 586 42.21 -26.39 24.15
N LEU A 587 41.13 -27.16 24.07
CA LEU A 587 40.99 -28.17 23.02
C LEU A 587 40.90 -27.48 21.66
N ASN A 588 41.65 -28.01 20.68
CA ASN A 588 41.70 -27.45 19.34
C ASN A 588 41.19 -28.42 18.28
N GLY A 589 40.30 -29.33 18.66
CA GLY A 589 39.81 -30.35 17.75
C GLY A 589 39.02 -29.79 16.59
N PRO A 590 38.70 -30.64 15.62
CA PRO A 590 37.99 -30.17 14.43
C PRO A 590 36.55 -29.78 14.72
N PHE A 591 36.36 -28.55 15.20
CA PHE A 591 35.01 -28.02 15.44
C PHE A 591 34.18 -28.10 14.15
N THR A 592 32.94 -28.57 14.30
CA THR A 592 32.01 -28.68 13.19
C THR A 592 30.88 -27.69 13.39
N VAL A 593 30.61 -26.88 12.36
CA VAL A 593 29.62 -25.81 12.43
C VAL A 593 28.51 -26.10 11.43
N VAL A 594 27.26 -25.98 11.88
CA VAL A 594 26.10 -26.14 11.02
C VAL A 594 25.49 -24.76 10.80
N VAL A 595 25.41 -24.35 9.54
CA VAL A 595 24.95 -23.01 9.17
C VAL A 595 23.70 -23.13 8.32
N LYS A 596 22.68 -22.35 8.66
CA LYS A 596 21.42 -22.32 7.92
C LYS A 596 21.35 -21.04 7.11
N GLU A 597 21.18 -21.17 5.80
CA GLU A 597 21.06 -20.03 4.90
C GLU A 597 19.60 -19.86 4.49
N SER A 598 19.10 -18.64 4.60
CA SER A 598 17.73 -18.33 4.23
C SER A 598 17.72 -17.15 3.26
N CYS A 599 16.91 -17.27 2.22
CA CYS A 599 16.73 -16.22 1.23
C CYS A 599 15.24 -15.93 1.10
N ASP A 600 14.91 -14.69 0.76
CA ASP A 600 13.52 -14.31 0.58
C ASP A 600 13.46 -13.01 -0.21
N GLY A 601 12.59 -12.98 -1.22
CA GLY A 601 12.32 -11.75 -1.95
C GLY A 601 11.28 -10.90 -1.23
N MET A 602 11.43 -9.58 -1.36
CA MET A 602 10.54 -8.64 -0.71
C MET A 602 9.88 -7.75 -1.75
N GLY A 603 8.77 -7.14 -1.34
CA GLY A 603 8.02 -6.25 -2.21
C GLY A 603 7.65 -4.97 -1.49
N ASP A 604 7.08 -4.05 -2.27
CA ASP A 604 6.56 -2.77 -1.78
C ASP A 604 7.65 -1.88 -1.19
N VAL A 605 8.90 -2.07 -1.59
CA VAL A 605 9.96 -1.13 -1.22
C VAL A 605 10.02 -0.02 -2.25
N SER A 606 10.04 1.22 -1.78
CA SER A 606 9.97 2.39 -2.64
C SER A 606 11.38 2.81 -3.03
N GLU A 607 11.62 2.93 -4.34
CA GLU A 607 12.90 3.43 -4.82
C GLU A 607 13.03 4.91 -4.48
N LYS A 608 14.27 5.34 -4.25
CA LYS A 608 14.54 6.73 -3.93
C LYS A 608 14.81 7.52 -5.21
N HIS A 609 15.05 8.82 -5.04
CA HIS A 609 15.48 9.68 -6.13
C HIS A 609 17.00 9.51 -6.31
N GLY A 610 17.61 10.39 -7.09
CA GLY A 610 19.05 10.42 -7.20
C GLY A 610 19.59 9.58 -8.35
N SER A 611 20.88 9.78 -8.60
CA SER A 611 21.54 9.10 -9.71
C SER A 611 21.64 7.60 -9.44
N GLY A 612 21.56 6.82 -10.51
CA GLY A 612 21.64 5.38 -10.42
C GLY A 612 20.80 4.71 -11.48
N PRO A 613 20.82 3.38 -11.49
CA PRO A 613 20.05 2.63 -12.48
C PRO A 613 18.56 2.67 -12.18
N ALA A 614 17.78 2.17 -13.15
CA ALA A 614 16.34 2.04 -12.96
C ALA A 614 16.05 0.88 -12.01
N VAL A 615 16.32 1.10 -10.72
CA VAL A 615 16.23 0.02 -9.73
C VAL A 615 14.79 -0.45 -9.61
N PRO A 616 14.54 -1.75 -9.47
CA PRO A 616 13.16 -2.21 -9.26
C PRO A 616 12.69 -1.89 -7.84
N GLU A 617 11.37 -2.06 -7.65
CA GLU A 617 10.74 -1.83 -6.35
C GLU A 617 10.62 -3.11 -5.53
N LYS A 618 11.56 -4.04 -5.70
CA LYS A 618 11.59 -5.28 -4.95
C LYS A 618 13.00 -5.50 -4.41
N ALA A 619 13.09 -6.24 -3.31
CA ALA A 619 14.37 -6.51 -2.66
C ALA A 619 14.50 -7.99 -2.36
N VAL A 620 15.73 -8.48 -2.44
CA VAL A 620 16.08 -9.86 -2.11
C VAL A 620 17.15 -9.83 -1.04
N ARG A 621 16.96 -10.60 0.02
CA ARG A 621 17.87 -10.65 1.14
C ARG A 621 18.43 -12.06 1.30
N PHE A 622 19.73 -12.15 1.53
CA PHE A 622 20.41 -13.41 1.80
C PHE A 622 21.05 -13.32 3.19
N SER A 623 20.71 -14.27 4.05
CA SER A 623 21.19 -14.26 5.42
C SER A 623 21.52 -15.67 5.86
N PHE A 624 22.37 -15.78 6.88
CA PHE A 624 22.76 -17.06 7.43
C PHE A 624 22.76 -16.98 8.95
N THR A 625 22.54 -18.13 9.58
CA THR A 625 22.56 -18.24 11.04
C THR A 625 23.33 -19.49 11.42
N VAL A 626 23.90 -19.47 12.62
CA VAL A 626 24.67 -20.59 13.15
C VAL A 626 23.81 -21.32 14.17
N MET A 627 23.57 -22.60 13.93
CA MET A 627 22.65 -23.40 14.76
C MET A 627 23.41 -24.28 15.76
N ARG A 628 24.30 -25.14 15.28
CA ARG A 628 24.97 -26.10 16.14
C ARG A 628 26.48 -26.05 15.91
N ILE A 629 27.23 -26.23 17.00
CA ILE A 629 28.67 -26.39 16.95
C ILE A 629 29.02 -27.65 17.74
N THR A 630 29.84 -28.52 17.14
CA THR A 630 30.22 -29.78 17.75
C THR A 630 31.73 -29.98 17.63
N ILE A 631 32.30 -30.67 18.62
CA ILE A 631 33.70 -31.08 18.59
C ILE A 631 33.78 -32.56 18.94
N GLU A 632 34.70 -33.26 18.28
CA GLU A 632 34.87 -34.69 18.47
C GLU A 632 35.77 -34.96 19.66
N HIS A 633 35.29 -35.80 20.58
CA HIS A 633 36.04 -36.20 21.77
C HIS A 633 35.96 -37.71 21.90
N GLY A 634 37.08 -38.39 21.65
CA GLY A 634 37.11 -39.83 21.70
C GLY A 634 36.40 -40.47 20.52
N SER A 635 35.29 -41.16 20.79
CA SER A 635 34.51 -41.80 19.75
C SER A 635 33.18 -41.10 19.49
N GLN A 636 32.84 -40.08 20.27
CA GLN A 636 31.60 -39.34 20.11
C GLN A 636 31.92 -37.86 20.00
N ASN A 637 30.90 -37.08 19.57
CA ASN A 637 31.01 -35.64 19.49
C ASN A 637 30.00 -34.99 20.43
N VAL A 638 30.45 -33.96 21.15
CA VAL A 638 29.62 -33.27 22.12
C VAL A 638 28.90 -32.12 21.44
N LYS A 639 27.89 -31.60 22.11
CA LYS A 639 26.95 -30.62 21.56
C LYS A 639 27.17 -29.32 22.34
N VAL A 640 28.09 -28.49 21.84
CA VAL A 640 28.65 -27.40 22.65
C VAL A 640 27.91 -26.07 22.51
N PHE A 641 27.18 -25.87 21.42
CA PHE A 641 26.47 -24.60 21.21
C PHE A 641 25.09 -24.86 20.63
N GLU A 642 24.12 -24.10 21.13
CA GLU A 642 22.75 -24.15 20.63
C GLU A 642 22.15 -22.75 20.67
N GLU A 643 21.36 -22.42 19.66
CA GLU A 643 20.67 -21.14 19.64
C GLU A 643 19.35 -21.26 20.39
N PRO A 644 19.17 -20.55 21.50
CA PRO A 644 17.91 -20.66 22.25
C PRO A 644 16.69 -20.25 21.44
N LYS A 645 16.84 -19.29 20.53
CA LYS A 645 15.74 -18.79 19.71
C LYS A 645 16.16 -18.86 18.25
N PRO A 646 16.09 -20.05 17.64
CA PRO A 646 16.55 -20.19 16.25
C PRO A 646 15.73 -19.38 15.25
N ASN A 647 14.50 -19.00 15.59
CA ASN A 647 13.64 -18.25 14.70
C ASN A 647 13.56 -16.77 15.05
N SER A 648 14.47 -16.28 15.89
CA SER A 648 14.45 -14.89 16.30
C SER A 648 15.18 -14.02 15.28
N GLU A 649 14.97 -12.71 15.39
CA GLU A 649 15.65 -11.74 14.54
C GLU A 649 17.08 -11.48 14.98
N LEU A 650 17.48 -11.97 16.14
CA LEU A 650 18.82 -11.71 16.68
C LEU A 650 19.85 -12.73 16.23
N CYS A 651 19.45 -13.74 15.46
CA CYS A 651 20.38 -14.79 15.03
C CYS A 651 20.65 -14.79 13.53
N CYS A 652 19.71 -14.33 12.71
CA CYS A 652 19.90 -14.34 11.26
C CYS A 652 20.78 -13.18 10.86
N LYS A 653 22.04 -13.46 10.54
CA LYS A 653 23.01 -12.44 10.17
C LYS A 653 22.93 -12.14 8.68
N PRO A 654 22.73 -10.89 8.29
CA PRO A 654 22.64 -10.57 6.86
C PRO A 654 23.96 -10.81 6.15
N LEU A 655 23.86 -11.21 4.90
CA LEU A 655 25.05 -11.54 4.11
C LEU A 655 25.10 -10.81 2.78
N CYS A 656 23.96 -10.62 2.12
CA CYS A 656 23.92 -9.95 0.82
C CYS A 656 22.53 -9.35 0.63
N LEU A 657 22.47 -8.04 0.48
CA LEU A 657 21.22 -7.32 0.25
C LEU A 657 21.22 -6.72 -1.15
N MET A 658 20.19 -7.05 -1.92
CA MET A 658 20.10 -6.59 -3.30
C MET A 658 18.69 -6.10 -3.57
N LEU A 659 18.57 -5.21 -4.55
CA LEU A 659 17.28 -4.70 -5.02
C LEU A 659 17.06 -5.25 -6.43
N ALA A 660 16.50 -6.45 -6.49
CA ALA A 660 16.21 -7.10 -7.76
C ALA A 660 14.90 -7.88 -7.62
N ASP A 661 14.20 -8.05 -8.73
CA ASP A 661 12.99 -8.85 -8.72
C ASP A 661 13.35 -10.32 -8.51
N GLU A 662 12.56 -11.00 -7.68
CA GLU A 662 12.79 -12.42 -7.43
C GLU A 662 12.63 -13.24 -8.70
N SER A 663 11.73 -12.83 -9.59
CA SER A 663 11.49 -13.56 -10.83
C SER A 663 12.52 -13.26 -11.91
N ASP A 664 13.41 -12.30 -11.69
CA ASP A 664 14.40 -11.93 -12.70
C ASP A 664 15.62 -12.84 -12.53
N HIS A 665 15.57 -13.97 -13.23
CA HIS A 665 16.56 -15.03 -13.05
C HIS A 665 17.96 -14.57 -13.43
N GLU A 666 18.06 -13.72 -14.46
CA GLU A 666 19.36 -13.27 -14.93
C GLU A 666 20.15 -12.57 -13.82
N THR A 667 19.60 -11.46 -13.30
CA THR A 667 20.30 -10.74 -12.24
C THR A 667 20.35 -11.54 -10.95
N LEU A 668 19.32 -12.35 -10.67
CA LEU A 668 19.37 -13.18 -9.47
C LEU A 668 20.60 -14.08 -9.48
N THR A 669 20.80 -14.82 -10.58
CA THR A 669 21.98 -15.67 -10.69
C THR A 669 23.26 -14.83 -10.74
N ALA A 670 23.23 -13.69 -11.43
CA ALA A 670 24.43 -12.87 -11.55
C ALA A 670 24.93 -12.41 -10.19
N ILE A 671 24.01 -12.07 -9.28
CA ILE A 671 24.43 -11.61 -7.96
C ILE A 671 24.69 -12.77 -7.00
N LEU A 672 23.98 -13.89 -7.14
CA LEU A 672 24.15 -15.00 -6.19
C LEU A 672 25.22 -16.00 -6.60
N SER A 673 25.79 -15.89 -7.80
CA SER A 673 26.81 -16.85 -8.22
C SER A 673 28.07 -16.81 -7.36
N PRO A 674 28.67 -15.65 -7.06
CA PRO A 674 29.90 -15.67 -6.24
C PRO A 674 29.70 -16.29 -4.87
N LEU A 675 28.53 -16.10 -4.26
CA LEU A 675 28.29 -16.68 -2.95
C LEU A 675 28.28 -18.21 -3.03
N ILE A 676 27.63 -18.75 -4.05
CA ILE A 676 27.61 -20.20 -4.23
C ILE A 676 29.00 -20.71 -4.55
N ALA A 677 29.78 -19.94 -5.32
CA ALA A 677 31.15 -20.34 -5.61
C ALA A 677 31.99 -20.44 -4.34
N GLU A 678 31.87 -19.43 -3.48
CA GLU A 678 32.60 -19.47 -2.20
C GLU A 678 32.11 -20.61 -1.33
N ARG A 679 30.80 -20.86 -1.31
CA ARG A 679 30.25 -21.95 -0.52
C ARG A 679 30.81 -23.30 -0.96
N GLU A 680 30.84 -23.53 -2.28
CA GLU A 680 31.40 -24.78 -2.78
C GLU A 680 32.90 -24.85 -2.56
N ALA A 681 33.60 -23.72 -2.61
CA ALA A 681 35.04 -23.72 -2.34
C ALA A 681 35.34 -24.10 -0.90
N MET A 682 34.56 -23.58 0.05
CA MET A 682 34.83 -23.84 1.46
C MET A 682 34.07 -25.03 2.02
N LYS A 683 33.26 -25.72 1.20
CA LYS A 683 32.56 -26.91 1.67
C LYS A 683 33.51 -28.05 1.98
N SER A 684 34.72 -28.04 1.42
CA SER A 684 35.67 -29.15 1.54
C SER A 684 37.05 -28.64 1.95
N SER A 685 37.09 -27.80 2.99
CA SER A 685 38.35 -27.22 3.46
C SER A 685 38.34 -27.11 4.98
N GLU A 686 39.45 -26.63 5.52
CA GLU A 686 39.63 -26.45 6.96
C GLU A 686 39.95 -24.98 7.22
N LEU A 687 39.35 -24.43 8.26
CA LEU A 687 39.58 -23.04 8.64
C LEU A 687 40.27 -22.98 9.99
N THR A 688 41.47 -22.40 10.02
CA THR A 688 42.23 -22.23 11.25
C THR A 688 42.07 -20.79 11.72
N LEU A 689 41.53 -20.62 12.92
CA LEU A 689 41.24 -19.30 13.46
C LEU A 689 41.81 -19.20 14.87
N GLU A 690 42.47 -18.08 15.15
CA GLU A 690 43.03 -17.82 16.47
C GLU A 690 41.89 -17.49 17.43
N MET A 691 41.70 -18.34 18.44
CA MET A 691 40.55 -18.24 19.34
C MET A 691 41.01 -18.39 20.79
N GLY A 692 41.06 -17.28 21.51
CA GLY A 692 41.35 -17.31 22.94
C GLY A 692 42.71 -17.86 23.31
N GLY A 693 43.74 -17.49 22.56
CA GLY A 693 45.09 -17.88 22.88
C GLY A 693 45.54 -19.21 22.30
N ILE A 694 44.62 -19.98 21.70
CA ILE A 694 44.94 -21.28 21.13
C ILE A 694 44.33 -21.36 19.73
N PRO A 695 45.12 -21.68 18.71
CA PRO A 695 44.53 -21.83 17.36
C PRO A 695 43.65 -23.07 17.29
N ARG A 696 42.48 -22.91 16.67
CA ARG A 696 41.50 -23.97 16.55
C ARG A 696 41.02 -24.07 15.10
N THR A 697 40.70 -25.29 14.68
CA THR A 697 40.24 -25.57 13.33
C THR A 697 38.72 -25.65 13.30
N PHE A 698 38.16 -25.44 12.11
CA PHE A 698 36.71 -25.39 11.94
C PHE A 698 36.30 -26.07 10.64
N LYS A 699 35.32 -26.96 10.73
CA LYS A 699 34.63 -27.51 9.58
C LYS A 699 33.24 -26.89 9.47
N PHE A 700 32.66 -27.00 8.27
CA PHE A 700 31.39 -26.34 8.01
C PHE A 700 30.45 -27.29 7.28
N ILE A 701 29.21 -27.35 7.74
CA ILE A 701 28.13 -28.06 7.07
C ILE A 701 27.04 -27.06 6.73
N PHE A 702 26.61 -27.04 5.48
CA PHE A 702 25.71 -26.02 4.96
C PHE A 702 24.35 -26.65 4.70
N ARG A 703 23.30 -26.03 5.24
CA ARG A 703 21.93 -26.51 5.07
C ARG A 703 21.05 -25.33 4.71
N GLY A 704 20.49 -25.35 3.50
CA GLY A 704 19.59 -24.29 3.08
C GLY A 704 18.13 -24.71 3.16
N THR A 705 17.45 -24.25 4.20
CA THR A 705 16.04 -24.60 4.42
C THR A 705 15.11 -23.40 4.35
N GLY A 706 15.57 -22.21 4.70
CA GLY A 706 14.70 -21.04 4.72
C GLY A 706 14.33 -20.52 3.34
N TYR A 707 13.90 -21.42 2.47
CA TYR A 707 13.40 -21.07 1.14
C TYR A 707 11.93 -21.48 1.05
N ASP A 708 11.10 -20.56 0.55
CA ASP A 708 9.71 -20.92 0.34
C ASP A 708 9.57 -21.72 -0.95
N GLU A 709 8.33 -22.12 -1.24
CA GLU A 709 8.08 -23.00 -2.38
C GLU A 709 8.50 -22.34 -3.69
N LYS A 710 8.20 -21.05 -3.84
CA LYS A 710 8.52 -20.36 -5.09
C LYS A 710 10.03 -20.30 -5.32
N LEU A 711 10.80 -19.95 -4.29
CA LEU A 711 12.25 -19.95 -4.42
C LEU A 711 12.80 -21.34 -4.70
N VAL A 712 12.26 -22.37 -4.03
CA VAL A 712 12.74 -23.73 -4.28
C VAL A 712 12.50 -24.11 -5.73
N ARG A 713 11.29 -23.84 -6.24
CA ARG A 713 10.99 -24.16 -7.63
C ARG A 713 11.89 -23.40 -8.59
N GLU A 714 12.15 -22.12 -8.32
CA GLU A 714 12.92 -21.31 -9.25
C GLU A 714 14.39 -21.71 -9.26
N VAL A 715 14.99 -21.91 -8.07
CA VAL A 715 16.42 -22.16 -7.99
C VAL A 715 16.79 -23.64 -8.13
N GLU A 716 15.82 -24.55 -8.03
CA GLU A 716 16.09 -25.96 -8.19
C GLU A 716 15.77 -26.49 -9.59
N GLY A 717 15.48 -25.60 -10.53
CA GLY A 717 15.20 -26.01 -11.89
C GLY A 717 13.85 -26.66 -12.09
N LEU A 718 12.90 -26.42 -11.19
CA LEU A 718 11.58 -27.02 -11.28
C LEU A 718 10.63 -26.09 -12.03
N GLU A 719 9.39 -26.54 -12.19
CA GLU A 719 8.37 -25.77 -12.91
C GLU A 719 7.78 -24.71 -11.98
N ALA A 720 6.67 -24.10 -12.39
CA ALA A 720 5.99 -23.12 -11.57
C ALA A 720 5.28 -23.84 -10.42
N SER A 721 4.54 -23.08 -9.61
CA SER A 721 3.92 -23.65 -8.42
C SER A 721 2.76 -24.57 -8.75
N GLY A 722 1.93 -24.22 -9.74
CA GLY A 722 0.77 -25.04 -10.02
C GLY A 722 1.13 -26.39 -10.60
N SER A 723 1.60 -26.39 -11.84
CA SER A 723 2.19 -27.58 -12.46
C SER A 723 1.32 -28.82 -12.33
N VAL A 724 1.93 -29.99 -12.50
CA VAL A 724 1.32 -31.26 -12.16
C VAL A 724 2.10 -31.98 -11.07
N TYR A 725 3.43 -31.97 -11.16
CA TYR A 725 4.30 -32.48 -10.11
C TYR A 725 4.36 -31.43 -9.00
N ILE A 726 3.70 -31.73 -7.88
CA ILE A 726 3.44 -30.70 -6.87
C ILE A 726 4.58 -30.60 -5.86
N CYS A 727 5.17 -31.72 -5.45
CA CYS A 727 6.12 -31.72 -4.35
C CYS A 727 7.54 -31.49 -4.86
N THR A 728 8.34 -30.84 -4.02
CA THR A 728 9.75 -30.62 -4.28
C THR A 728 10.63 -31.71 -3.68
N LEU A 729 10.03 -32.73 -3.06
CA LEU A 729 10.77 -33.83 -2.46
C LEU A 729 10.54 -35.16 -3.17
N CYS A 730 9.36 -35.37 -3.76
CA CYS A 730 9.06 -36.60 -4.47
C CYS A 730 8.50 -36.28 -5.85
N ASP A 731 8.75 -37.18 -6.80
CA ASP A 731 8.35 -36.97 -8.19
C ASP A 731 7.02 -37.67 -8.47
N THR A 732 5.96 -37.14 -7.83
CA THR A 732 4.62 -37.69 -7.96
C THR A 732 3.69 -36.62 -8.48
N THR A 733 2.79 -37.02 -9.39
CA THR A 733 1.84 -36.10 -9.99
C THR A 733 0.75 -35.73 -8.99
N ARG A 734 -0.03 -34.70 -9.36
CA ARG A 734 -1.11 -34.23 -8.49
C ARG A 734 -2.19 -35.30 -8.34
N LEU A 735 -2.53 -36.00 -9.43
CA LEU A 735 -3.53 -37.05 -9.35
C LEU A 735 -3.09 -38.20 -8.45
N GLU A 736 -1.83 -38.63 -8.60
CA GLU A 736 -1.31 -39.70 -7.75
C GLU A 736 -1.27 -39.27 -6.30
N ALA A 737 -0.98 -37.99 -6.05
CA ALA A 737 -1.02 -37.49 -4.67
C ALA A 737 -2.43 -37.54 -4.11
N SER A 738 -3.44 -37.22 -4.92
CA SER A 738 -4.82 -37.28 -4.44
C SER A 738 -5.34 -38.71 -4.36
N GLN A 739 -4.66 -39.67 -4.98
CA GLN A 739 -5.10 -41.06 -4.91
C GLN A 739 -4.49 -41.82 -3.73
N ASN A 740 -3.23 -41.56 -3.38
CA ASN A 740 -2.58 -42.25 -2.28
C ASN A 740 -2.46 -41.37 -1.04
N LEU A 741 -1.78 -40.22 -1.16
CA LEU A 741 -1.74 -39.14 -0.19
C LEU A 741 -1.03 -39.51 1.11
N VAL A 742 -0.62 -40.76 1.29
CA VAL A 742 -0.03 -41.17 2.56
C VAL A 742 1.39 -41.70 2.35
N PHE A 743 1.52 -42.78 1.59
CA PHE A 743 2.79 -43.48 1.45
C PHE A 743 3.60 -42.85 0.32
N HIS A 744 4.75 -42.28 0.67
CA HIS A 744 5.65 -41.67 -0.29
C HIS A 744 7.07 -41.74 0.23
N SER A 745 8.01 -41.19 -0.52
CA SER A 745 9.41 -41.17 -0.11
C SER A 745 10.11 -40.01 -0.80
N ILE A 746 11.14 -39.49 -0.12
CA ILE A 746 11.91 -38.37 -0.65
C ILE A 746 12.89 -38.90 -1.69
N THR A 747 12.87 -38.29 -2.88
CA THR A 747 13.69 -38.78 -3.99
C THR A 747 14.43 -37.69 -4.75
N ARG A 748 14.15 -36.41 -4.51
CA ARG A 748 14.80 -35.34 -5.25
C ARG A 748 16.07 -34.87 -4.53
N SER A 749 17.03 -34.39 -5.32
CA SER A 749 18.29 -33.87 -4.82
C SER A 749 18.87 -32.95 -5.89
N HIS A 750 19.88 -32.16 -5.48
CA HIS A 750 20.50 -31.23 -6.42
C HIS A 750 21.22 -31.96 -7.54
N ALA A 751 21.96 -33.02 -7.22
CA ALA A 751 22.64 -33.80 -8.25
C ALA A 751 21.65 -34.46 -9.19
N GLU A 752 20.55 -34.98 -8.65
CA GLU A 752 19.52 -35.58 -9.49
C GLU A 752 18.89 -34.54 -10.41
N ASN A 753 18.64 -33.34 -9.90
CA ASN A 753 18.10 -32.27 -10.73
C ASN A 753 19.07 -31.89 -11.84
N LEU A 754 20.36 -31.82 -11.52
CA LEU A 754 21.36 -31.50 -12.54
C LEU A 754 21.39 -32.58 -13.62
N GLN A 755 21.36 -33.84 -13.22
CA GLN A 755 21.35 -34.93 -14.20
C GLN A 755 20.09 -34.88 -15.05
N ARG A 756 18.94 -34.57 -14.44
CA ARG A 756 17.70 -34.51 -15.19
C ARG A 756 17.71 -33.35 -16.18
N TYR A 757 18.28 -32.21 -15.79
CA TYR A 757 18.42 -31.11 -16.75
C TYR A 757 19.35 -31.48 -17.89
N GLU A 758 20.44 -32.20 -17.59
CA GLU A 758 21.34 -32.66 -18.64
C GLU A 758 20.61 -33.58 -19.61
N VAL A 759 19.79 -34.48 -19.08
CA VAL A 759 19.00 -35.38 -19.93
C VAL A 759 18.03 -34.57 -20.78
N TRP A 760 17.38 -33.58 -20.19
CA TRP A 760 16.44 -32.74 -20.94
C TRP A 760 17.14 -32.00 -22.07
N ARG A 761 18.34 -31.49 -21.81
CA ARG A 761 19.06 -30.75 -22.84
C ARG A 761 19.56 -31.67 -23.94
N SER A 762 20.10 -32.83 -23.57
CA SER A 762 20.72 -33.72 -24.56
C SER A 762 19.69 -34.46 -25.40
N ASN A 763 18.58 -34.88 -24.78
CA ASN A 763 17.57 -35.73 -25.42
C ASN A 763 18.22 -36.96 -26.02
N PRO A 764 18.75 -37.89 -25.20
CA PRO A 764 19.45 -39.05 -25.75
C PRO A 764 18.54 -40.17 -26.23
N TYR A 765 17.28 -40.19 -25.81
CA TYR A 765 16.36 -41.25 -26.19
C TYR A 765 15.40 -40.84 -27.31
N HIS A 766 15.54 -39.63 -27.84
CA HIS A 766 14.75 -39.15 -28.97
C HIS A 766 13.25 -39.23 -28.68
N GLU A 767 12.83 -38.44 -27.68
CA GLU A 767 11.45 -38.41 -27.24
C GLU A 767 10.85 -37.03 -27.49
N SER A 768 9.52 -36.98 -27.49
CA SER A 768 8.79 -35.75 -27.75
C SER A 768 8.71 -34.92 -26.47
N VAL A 769 7.93 -33.83 -26.51
CA VAL A 769 7.85 -32.93 -25.36
C VAL A 769 7.28 -33.65 -24.14
N GLU A 770 6.15 -34.33 -24.32
CA GLU A 770 5.48 -34.95 -23.18
C GLU A 770 6.29 -36.11 -22.61
N GLU A 771 6.87 -36.95 -23.48
CA GLU A 771 7.69 -38.05 -23.00
C GLU A 771 8.94 -37.55 -22.30
N LEU A 772 9.57 -36.50 -22.84
CA LEU A 772 10.75 -35.95 -22.20
C LEU A 772 10.42 -35.33 -20.85
N ARG A 773 9.27 -34.65 -20.75
CA ARG A 773 8.84 -34.10 -19.47
C ARG A 773 8.56 -35.21 -18.46
N ASP A 774 7.93 -36.30 -18.91
CA ASP A 774 7.69 -37.42 -18.01
C ASP A 774 9.00 -38.04 -17.53
N ARG A 775 9.98 -38.16 -18.42
CA ARG A 775 11.27 -38.73 -18.04
C ARG A 775 12.02 -37.83 -17.06
N VAL A 776 12.03 -36.52 -17.31
CA VAL A 776 12.78 -35.60 -16.46
C VAL A 776 12.01 -35.14 -15.23
N LYS A 777 10.75 -35.53 -15.10
CA LYS A 777 9.92 -35.21 -13.94
C LYS A 777 9.84 -33.69 -13.71
N GLY A 778 9.72 -32.94 -14.79
CA GLY A 778 9.48 -31.51 -14.72
C GLY A 778 10.72 -30.63 -14.65
N VAL A 779 11.91 -31.22 -14.58
CA VAL A 779 13.14 -30.43 -14.50
C VAL A 779 13.46 -29.90 -15.90
N SER A 780 13.06 -28.66 -16.17
CA SER A 780 13.31 -28.02 -17.45
C SER A 780 14.28 -26.84 -17.32
N ALA A 781 15.03 -26.78 -16.22
CA ALA A 781 15.96 -25.70 -15.98
C ALA A 781 17.17 -26.23 -15.23
N LYS A 782 18.27 -25.47 -15.30
CA LYS A 782 19.49 -25.86 -14.62
C LYS A 782 19.53 -25.24 -13.23
N PRO A 783 19.55 -26.03 -12.17
CA PRO A 783 19.66 -25.46 -10.82
C PRO A 783 21.03 -24.83 -10.60
N PHE A 784 21.04 -23.79 -9.76
CA PHE A 784 22.28 -23.11 -9.42
C PHE A 784 22.45 -22.87 -7.92
N ILE A 785 21.46 -23.21 -7.10
CA ILE A 785 21.56 -23.12 -5.64
C ILE A 785 21.15 -24.45 -5.05
N GLU A 786 21.99 -24.99 -4.18
CA GLU A 786 21.72 -26.28 -3.54
C GLU A 786 20.87 -26.06 -2.29
N THR A 787 19.65 -26.58 -2.30
CA THR A 787 18.73 -26.47 -1.19
C THR A 787 18.34 -27.85 -0.70
N VAL A 788 18.44 -28.06 0.61
CA VAL A 788 18.05 -29.33 1.22
C VAL A 788 16.53 -29.44 1.17
N PRO A 789 15.98 -30.60 0.79
CA PRO A 789 14.52 -30.76 0.74
C PRO A 789 13.93 -30.75 2.14
N SER A 790 13.05 -29.78 2.40
CA SER A 790 12.39 -29.64 3.69
C SER A 790 11.10 -28.87 3.49
N ILE A 791 10.42 -28.59 4.60
CA ILE A 791 9.13 -27.92 4.60
C ILE A 791 9.25 -26.64 5.41
N ASP A 792 8.80 -25.52 4.84
CA ASP A 792 8.78 -24.25 5.54
C ASP A 792 7.53 -24.17 6.42
N ALA A 793 7.73 -24.14 7.74
CA ALA A 793 6.61 -24.26 8.67
C ALA A 793 5.65 -23.08 8.57
N LEU A 794 6.18 -21.86 8.43
CA LEU A 794 5.32 -20.69 8.39
C LEU A 794 4.40 -20.71 7.18
N HIS A 795 4.95 -20.93 5.99
CA HIS A 795 4.13 -20.98 4.80
C HIS A 795 3.24 -22.21 4.78
N CYS A 796 3.67 -23.30 5.42
CA CYS A 796 2.80 -24.46 5.57
C CYS A 796 1.57 -24.11 6.39
N ASP A 797 1.78 -23.39 7.51
CA ASP A 797 0.65 -22.92 8.32
C ASP A 797 -0.26 -22.03 7.51
N ILE A 798 0.32 -21.08 6.77
CA ILE A 798 -0.50 -20.14 6.01
C ILE A 798 -1.35 -20.87 4.97
N GLY A 799 -0.71 -21.77 4.20
CA GLY A 799 -1.45 -22.48 3.16
C GLY A 799 -2.52 -23.40 3.71
N ASN A 800 -2.18 -24.16 4.77
CA ASN A 800 -3.16 -25.06 5.36
C ASN A 800 -4.34 -24.28 5.94
N ALA A 801 -4.07 -23.15 6.60
CA ALA A 801 -5.14 -22.37 7.18
C ALA A 801 -6.01 -21.73 6.12
N ALA A 802 -5.41 -21.28 5.01
CA ALA A 802 -6.20 -20.75 3.91
C ALA A 802 -7.08 -21.83 3.30
N GLU A 803 -6.55 -23.05 3.19
CA GLU A 803 -7.36 -24.16 2.69
C GLU A 803 -8.51 -24.46 3.65
N PHE A 804 -8.25 -24.37 4.95
CA PHE A 804 -9.33 -24.54 5.93
C PHE A 804 -10.37 -23.43 5.80
N TYR A 805 -9.92 -22.21 5.51
CA TYR A 805 -10.84 -21.11 5.27
C TYR A 805 -11.76 -21.41 4.10
N LYS A 806 -11.19 -21.91 3.00
CA LYS A 806 -12.02 -22.28 1.85
C LYS A 806 -12.95 -23.44 2.17
N ILE A 807 -12.48 -24.39 2.99
CA ILE A 807 -13.32 -25.50 3.40
C ILE A 807 -14.54 -24.99 4.16
N PHE A 808 -14.30 -24.06 5.09
CA PHE A 808 -15.41 -23.46 5.84
C PHE A 808 -16.37 -22.74 4.90
N GLN A 809 -15.82 -21.99 3.94
CA GLN A 809 -16.66 -21.27 2.99
C GLN A 809 -17.57 -22.22 2.24
N LEU A 810 -17.01 -23.33 1.76
CA LEU A 810 -17.83 -24.32 1.05
C LEU A 810 -18.85 -24.96 1.98
N GLU A 811 -18.47 -25.26 3.22
CA GLU A 811 -19.36 -25.96 4.13
C GLU A 811 -20.51 -25.10 4.62
N ILE A 812 -20.37 -23.77 4.58
CA ILE A 812 -21.49 -22.92 4.97
C ILE A 812 -22.67 -23.12 4.02
N GLY A 813 -22.40 -23.16 2.71
CA GLY A 813 -23.44 -23.30 1.72
C GLY A 813 -23.82 -24.71 1.34
N GLU A 814 -23.20 -25.73 1.93
CA GLU A 814 -23.51 -27.13 1.63
C GLU A 814 -23.34 -27.43 0.14
N VAL A 815 -22.09 -27.30 -0.33
CA VAL A 815 -21.79 -27.58 -1.72
C VAL A 815 -21.98 -29.07 -2.05
N TYR A 816 -21.94 -29.93 -1.03
CA TYR A 816 -22.14 -31.36 -1.26
C TYR A 816 -23.56 -31.68 -1.72
N LYS A 817 -24.50 -30.76 -1.58
CA LYS A 817 -25.84 -30.91 -2.12
C LYS A 817 -26.13 -30.00 -3.30
N HIS A 818 -25.33 -28.94 -3.49
CA HIS A 818 -25.51 -27.98 -4.57
C HIS A 818 -24.20 -27.86 -5.33
N PRO A 819 -23.91 -28.79 -6.24
CA PRO A 819 -22.64 -28.74 -6.97
C PRO A 819 -22.47 -27.50 -7.83
N ASN A 820 -23.56 -26.84 -8.22
CA ASN A 820 -23.49 -25.63 -9.03
C ASN A 820 -23.81 -24.42 -8.16
N ALA A 821 -22.93 -23.42 -8.21
CA ALA A 821 -23.09 -22.22 -7.42
C ALA A 821 -22.63 -21.02 -8.24
N SER A 822 -23.08 -19.83 -7.83
CA SER A 822 -22.80 -18.62 -8.56
C SER A 822 -21.80 -17.75 -7.79
N LYS A 823 -21.20 -16.79 -8.51
CA LYS A 823 -20.26 -15.86 -7.90
C LYS A 823 -20.91 -15.08 -6.77
N GLU A 824 -22.17 -14.66 -6.97
CA GLU A 824 -22.88 -13.93 -5.93
C GLU A 824 -23.08 -14.80 -4.68
N GLU A 825 -23.43 -16.07 -4.86
CA GLU A 825 -23.60 -16.95 -3.72
C GLU A 825 -22.29 -17.17 -2.98
N ARG A 826 -21.19 -17.36 -3.71
CA ARG A 826 -19.90 -17.52 -3.05
C ARG A 826 -19.48 -16.25 -2.33
N LYS A 827 -19.78 -15.08 -2.91
CA LYS A 827 -19.47 -13.82 -2.23
C LYS A 827 -20.30 -13.66 -0.97
N ARG A 828 -21.56 -14.06 -1.00
CA ARG A 828 -22.39 -14.01 0.20
C ARG A 828 -21.86 -14.96 1.28
N TRP A 829 -21.39 -16.14 0.87
CA TRP A 829 -20.75 -17.05 1.83
C TRP A 829 -19.51 -16.41 2.45
N GLN A 830 -18.70 -15.76 1.62
CA GLN A 830 -17.57 -14.98 2.12
C GLN A 830 -18.01 -13.96 3.16
N ALA A 831 -19.06 -13.20 2.84
CA ALA A 831 -19.51 -12.13 3.72
C ALA A 831 -19.99 -12.68 5.06
N THR A 832 -20.80 -13.74 5.04
CA THR A 832 -21.32 -14.27 6.28
C THR A 832 -20.22 -14.92 7.12
N LEU A 833 -19.27 -15.60 6.47
CA LEU A 833 -18.15 -16.16 7.21
C LEU A 833 -17.32 -15.07 7.87
N ASP A 834 -17.04 -13.99 7.13
CA ASP A 834 -16.28 -12.88 7.71
C ASP A 834 -17.01 -12.24 8.87
N LYS A 835 -18.33 -12.04 8.71
CA LYS A 835 -19.11 -11.43 9.78
C LYS A 835 -19.08 -12.27 11.05
N HIS A 836 -19.33 -13.57 10.92
CA HIS A 836 -19.38 -14.42 12.10
C HIS A 836 -17.99 -14.61 12.71
N LEU A 837 -16.96 -14.68 11.87
CA LEU A 837 -15.59 -14.78 12.40
C LEU A 837 -15.23 -13.54 13.21
N ARG A 838 -15.55 -12.35 12.69
CA ARG A 838 -15.36 -11.14 13.47
C ARG A 838 -16.12 -11.23 14.78
N LYS A 839 -17.42 -11.54 14.69
CA LYS A 839 -18.29 -11.62 15.86
C LYS A 839 -17.71 -12.49 16.96
N ARG A 840 -17.20 -13.67 16.59
CA ARG A 840 -16.80 -14.65 17.60
C ARG A 840 -15.33 -14.55 17.97
N MET A 841 -14.44 -14.67 16.99
CA MET A 841 -13.02 -14.73 17.25
C MET A 841 -12.33 -13.37 17.13
N ASN A 842 -13.08 -12.29 16.94
CA ASN A 842 -12.52 -10.94 16.90
C ASN A 842 -11.47 -10.81 15.81
N LEU A 843 -11.76 -11.37 14.65
CA LEU A 843 -10.85 -11.38 13.51
C LEU A 843 -11.40 -10.52 12.39
N LYS A 844 -10.60 -9.56 11.93
CA LYS A 844 -10.98 -8.77 10.78
C LYS A 844 -10.64 -9.50 9.48
N PRO A 845 -11.39 -9.23 8.41
CA PRO A 845 -11.06 -9.87 7.12
C PRO A 845 -9.81 -9.28 6.51
N ILE A 846 -8.94 -10.14 6.00
CA ILE A 846 -7.69 -9.73 5.38
C ILE A 846 -7.56 -10.43 4.03
N MET A 847 -7.13 -9.66 3.01
CA MET A 847 -7.08 -10.20 1.65
C MET A 847 -5.96 -11.21 1.48
N ARG A 848 -4.79 -10.97 2.06
CA ARG A 848 -3.69 -11.93 2.06
C ARG A 848 -3.42 -12.34 3.50
N MET A 849 -3.44 -13.65 3.73
CA MET A 849 -3.57 -14.17 5.08
C MET A 849 -2.22 -14.31 5.75
N ASN A 850 -2.14 -13.85 7.01
CA ASN A 850 -0.91 -13.81 7.77
C ASN A 850 -0.75 -15.10 8.58
N GLY A 851 0.18 -15.11 9.52
CA GLY A 851 0.41 -16.27 10.36
C GLY A 851 -0.32 -16.19 11.69
N ASN A 852 -0.46 -14.98 12.24
CA ASN A 852 -1.28 -14.81 13.44
C ASN A 852 -2.73 -15.18 13.16
N PHE A 853 -3.22 -14.82 11.97
CA PHE A 853 -4.55 -15.26 11.56
C PHE A 853 -4.63 -16.78 11.51
N ALA A 854 -3.59 -17.43 10.99
CA ALA A 854 -3.56 -18.88 10.94
C ALA A 854 -3.61 -19.48 12.35
N ARG A 855 -2.82 -18.94 13.27
CA ARG A 855 -2.79 -19.46 14.62
C ARG A 855 -4.13 -19.27 15.33
N LYS A 856 -4.75 -18.10 15.17
CA LYS A 856 -6.03 -17.84 15.83
C LYS A 856 -7.19 -18.56 15.15
N LEU A 857 -7.04 -18.94 13.88
CA LEU A 857 -8.06 -19.73 13.19
C LEU A 857 -7.84 -21.23 13.34
N MET A 858 -6.67 -21.64 13.84
CA MET A 858 -6.41 -23.05 14.12
C MET A 858 -6.77 -23.40 15.57
N THR A 859 -8.03 -23.17 15.90
CA THR A 859 -8.55 -23.43 17.23
C THR A 859 -9.91 -24.09 17.12
N GLN A 860 -10.37 -24.67 18.24
CA GLN A 860 -11.69 -25.28 18.29
C GLN A 860 -12.79 -24.24 18.40
N GLU A 861 -12.50 -23.09 18.99
CA GLU A 861 -13.52 -22.05 19.16
C GLU A 861 -14.03 -21.56 17.80
N THR A 862 -13.12 -21.36 16.85
CA THR A 862 -13.54 -20.86 15.54
C THR A 862 -14.31 -21.91 14.76
N VAL A 863 -13.95 -23.19 14.90
CA VAL A 863 -14.72 -24.21 14.21
C VAL A 863 -16.11 -24.34 14.84
N ASP A 864 -16.22 -24.16 16.15
CA ASP A 864 -17.54 -24.11 16.77
C ASP A 864 -18.34 -22.93 16.24
N ALA A 865 -17.70 -21.77 16.11
CA ALA A 865 -18.39 -20.59 15.57
C ALA A 865 -18.88 -20.83 14.15
N VAL A 866 -18.05 -21.47 13.32
CA VAL A 866 -18.48 -21.80 11.96
C VAL A 866 -19.63 -22.79 11.98
N CYS A 867 -19.55 -23.80 12.85
CA CYS A 867 -20.63 -24.77 12.98
C CYS A 867 -21.92 -24.12 13.49
N GLU A 868 -21.84 -22.94 14.11
CA GLU A 868 -23.04 -22.22 14.46
C GLU A 868 -23.82 -21.74 13.25
N LEU A 869 -23.21 -21.79 12.06
CA LEU A 869 -23.88 -21.39 10.82
C LEU A 869 -24.25 -22.56 9.92
N ILE A 870 -23.75 -23.75 10.19
CA ILE A 870 -24.04 -24.93 9.38
C ILE A 870 -25.27 -25.62 9.96
N PRO A 871 -26.38 -25.71 9.22
CA PRO A 871 -27.58 -26.32 9.79
C PRO A 871 -27.42 -27.79 10.14
N SER A 872 -26.63 -28.55 9.39
CA SER A 872 -26.52 -29.98 9.61
C SER A 872 -25.55 -30.29 10.76
N GLU A 873 -25.75 -31.47 11.35
CA GLU A 873 -24.89 -31.93 12.45
C GLU A 873 -23.78 -32.87 11.98
N GLU A 874 -24.01 -33.61 10.89
CA GLU A 874 -22.95 -34.45 10.34
C GLU A 874 -21.75 -33.61 9.91
N ARG A 875 -22.01 -32.48 9.26
CA ARG A 875 -20.93 -31.57 8.91
C ARG A 875 -20.26 -31.01 10.15
N HIS A 876 -21.05 -30.75 11.20
CA HIS A 876 -20.48 -30.29 12.46
C HIS A 876 -19.46 -31.29 13.01
N GLU A 877 -19.85 -32.56 13.11
CA GLU A 877 -18.95 -33.54 13.69
C GLU A 877 -17.76 -33.81 12.77
N ALA A 878 -17.98 -33.77 11.45
CA ALA A 878 -16.88 -33.96 10.51
C ALA A 878 -15.84 -32.87 10.66
N LEU A 879 -16.29 -31.61 10.68
CA LEU A 879 -15.36 -30.49 10.86
C LEU A 879 -14.68 -30.57 12.22
N ARG A 880 -15.42 -30.94 13.26
CA ARG A 880 -14.82 -31.02 14.60
C ARG A 880 -13.70 -32.05 14.63
N GLU A 881 -13.95 -33.25 14.12
CA GLU A 881 -12.94 -34.30 14.17
C GLU A 881 -11.76 -33.99 13.26
N LEU A 882 -12.03 -33.39 12.08
CA LEU A 882 -10.94 -33.03 11.19
C LEU A 882 -10.07 -31.94 11.80
N MET A 883 -10.69 -30.96 12.46
CA MET A 883 -9.95 -29.90 13.12
C MET A 883 -9.12 -30.45 14.28
N ASP A 884 -9.69 -31.39 15.03
CA ASP A 884 -8.94 -32.03 16.12
C ASP A 884 -7.74 -32.78 15.56
N LEU A 885 -7.92 -33.50 14.45
CA LEU A 885 -6.79 -34.20 13.84
C LEU A 885 -5.71 -33.23 13.40
N TYR A 886 -6.10 -32.11 12.79
CA TYR A 886 -5.09 -31.14 12.36
C TYR A 886 -4.35 -30.55 13.55
N LEU A 887 -5.08 -30.24 14.63
CA LEU A 887 -4.44 -29.68 15.82
C LEU A 887 -3.52 -30.69 16.49
N LYS A 888 -3.83 -31.98 16.38
CA LYS A 888 -2.93 -33.00 16.92
C LYS A 888 -1.69 -33.15 16.04
N MET A 889 -1.84 -33.00 14.73
CA MET A 889 -0.69 -33.14 13.82
C MET A 889 0.22 -31.94 13.85
N LYS A 890 -0.31 -30.74 14.14
CA LYS A 890 0.48 -29.53 14.02
C LYS A 890 1.75 -29.49 14.88
N PRO A 891 1.72 -29.84 16.18
CA PRO A 891 2.90 -29.61 17.02
C PRO A 891 4.14 -30.42 16.63
N VAL A 892 4.05 -31.34 15.67
CA VAL A 892 5.22 -32.13 15.30
C VAL A 892 6.18 -31.33 14.44
N TRP A 893 5.67 -30.69 13.39
CA TRP A 893 6.49 -29.92 12.46
C TRP A 893 6.48 -28.43 12.78
N ARG A 894 6.22 -28.06 14.03
CA ARG A 894 6.33 -26.68 14.48
C ARG A 894 7.20 -26.48 15.69
N SER A 895 7.39 -27.50 16.54
CA SER A 895 8.19 -27.38 17.74
C SER A 895 9.68 -27.46 17.41
N SER A 896 10.48 -26.67 18.11
CA SER A 896 11.92 -26.66 17.88
C SER A 896 12.58 -27.97 18.26
N CYS A 897 11.95 -28.77 19.12
CA CYS A 897 12.45 -30.09 19.49
C CYS A 897 11.26 -31.01 19.70
N PRO A 898 10.92 -31.81 18.69
CA PRO A 898 9.74 -32.67 18.78
C PRO A 898 9.98 -34.09 19.30
N ALA A 899 11.21 -34.45 19.66
CA ALA A 899 11.48 -35.75 20.28
C ALA A 899 11.49 -35.68 21.80
N LYS A 900 11.29 -34.48 22.38
CA LYS A 900 11.35 -34.29 23.82
C LYS A 900 10.04 -33.82 24.40
N GLU A 901 9.40 -32.81 23.79
CA GLU A 901 8.18 -32.25 24.36
C GLU A 901 6.90 -32.82 23.74
N CYS A 902 6.98 -33.45 22.57
CA CYS A 902 5.81 -34.05 21.93
C CYS A 902 6.11 -35.47 21.46
N PRO A 903 6.47 -36.38 22.38
CA PRO A 903 6.79 -37.75 21.96
C PRO A 903 5.57 -38.53 21.52
N GLU A 904 4.48 -38.44 22.30
CA GLU A 904 3.24 -39.12 21.94
C GLU A 904 2.68 -38.58 20.63
N SER A 905 2.71 -37.25 20.46
CA SER A 905 2.23 -36.65 19.22
C SER A 905 3.08 -37.09 18.04
N LEU A 906 4.40 -37.13 18.21
CA LEU A 906 5.27 -37.60 17.13
C LEU A 906 4.98 -39.05 16.78
N CYS A 907 4.73 -39.89 17.79
N CYS A 907 4.74 -39.89 17.79
CA CYS A 907 4.45 -41.30 17.54
CA CYS A 907 4.45 -41.30 17.54
C CYS A 907 3.11 -41.49 16.85
C CYS A 907 3.11 -41.48 16.83
N GLN A 908 2.11 -40.67 17.20
CA GLN A 908 0.77 -40.79 16.64
C GLN A 908 0.57 -39.97 15.38
N TYR A 909 1.61 -39.24 14.92
CA TYR A 909 1.47 -38.44 13.71
C TYR A 909 1.08 -39.28 12.50
N SER A 910 1.64 -40.47 12.35
CA SER A 910 1.33 -41.30 11.19
C SER A 910 -0.13 -41.72 11.17
N PHE A 911 -0.63 -42.20 12.32
CA PHE A 911 -2.03 -42.60 12.40
C PHE A 911 -2.95 -41.40 12.19
N ASN A 912 -2.60 -40.25 12.75
CA ASN A 912 -3.42 -39.06 12.56
C ASN A 912 -3.43 -38.61 11.10
N SER A 913 -2.28 -38.72 10.42
CA SER A 913 -2.23 -38.38 9.00
C SER A 913 -3.08 -39.31 8.17
N GLN A 914 -3.04 -40.62 8.48
CA GLN A 914 -3.88 -41.56 7.75
C GLN A 914 -5.35 -41.27 7.98
N ARG A 915 -5.73 -40.96 9.23
CA ARG A 915 -7.12 -40.63 9.53
C ARG A 915 -7.55 -39.36 8.79
N PHE A 916 -6.67 -38.35 8.76
CA PHE A 916 -6.98 -37.11 8.05
C PHE A 916 -7.16 -37.36 6.56
N ALA A 917 -6.29 -38.17 5.97
CA ALA A 917 -6.39 -38.48 4.55
C ALA A 917 -7.69 -39.20 4.23
N GLU A 918 -8.03 -40.21 5.04
CA GLU A 918 -9.28 -40.95 4.81
C GLU A 918 -10.48 -40.04 4.98
N LEU A 919 -10.47 -39.18 6.00
CA LEU A 919 -11.59 -38.29 6.24
C LEU A 919 -11.77 -37.31 5.08
N LEU A 920 -10.68 -36.74 4.58
CA LEU A 920 -10.78 -35.89 3.41
C LEU A 920 -11.36 -36.65 2.22
N SER A 921 -10.77 -37.80 1.90
CA SER A 921 -11.15 -38.52 0.68
C SER A 921 -12.59 -39.02 0.75
N THR A 922 -13.12 -39.22 1.96
CA THR A 922 -14.50 -39.69 2.08
C THR A 922 -15.51 -38.55 2.21
N LYS A 923 -15.35 -37.71 3.24
CA LYS A 923 -16.36 -36.71 3.56
C LYS A 923 -16.23 -35.44 2.72
N PHE A 924 -15.13 -35.23 2.01
CA PHE A 924 -14.91 -34.00 1.26
C PHE A 924 -14.58 -34.33 -0.20
N LYS A 925 -15.38 -35.19 -0.81
CA LYS A 925 -15.18 -35.57 -2.21
C LYS A 925 -15.41 -34.40 -3.16
N TYR A 926 -16.08 -33.34 -2.72
CA TYR A 926 -16.34 -32.20 -3.58
C TYR A 926 -15.16 -31.22 -3.66
N ARG A 927 -14.09 -31.48 -2.91
CA ARG A 927 -12.95 -30.58 -2.90
C ARG A 927 -11.64 -31.32 -3.18
N TYR A 928 -11.58 -32.59 -2.81
CA TYR A 928 -10.34 -33.36 -2.87
C TYR A 928 -10.55 -34.70 -3.59
N GLU A 929 -11.21 -34.64 -4.73
CA GLU A 929 -11.35 -35.79 -5.62
C GLU A 929 -10.61 -35.45 -6.92
N GLY A 930 -9.42 -36.03 -7.08
CA GLY A 930 -8.59 -35.75 -8.22
C GLY A 930 -7.69 -34.54 -8.11
N LYS A 931 -7.69 -33.86 -6.96
CA LYS A 931 -6.86 -32.69 -6.76
C LYS A 931 -6.70 -32.44 -5.27
N ILE A 932 -5.47 -32.16 -4.85
CA ILE A 932 -5.20 -31.84 -3.45
C ILE A 932 -3.98 -30.93 -3.39
N THR A 933 -3.92 -30.10 -2.36
CA THR A 933 -2.86 -29.12 -2.23
C THR A 933 -1.52 -29.78 -1.94
N ASN A 934 -0.45 -29.19 -2.50
CA ASN A 934 0.88 -29.72 -2.27
C ASN A 934 1.30 -29.61 -0.81
N TYR A 935 0.79 -28.60 -0.09
CA TYR A 935 1.12 -28.49 1.32
C TYR A 935 0.45 -29.59 2.14
N PHE A 936 -0.79 -29.95 1.81
CA PHE A 936 -1.40 -31.12 2.44
C PHE A 936 -0.63 -32.39 2.08
N HIS A 937 -0.20 -32.53 0.82
CA HIS A 937 0.62 -33.68 0.46
C HIS A 937 1.87 -33.75 1.32
N LYS A 938 2.58 -32.64 1.45
CA LYS A 938 3.80 -32.62 2.26
C LYS A 938 3.49 -32.99 3.70
N THR A 939 2.50 -32.33 4.30
CA THR A 939 2.18 -32.56 5.70
C THR A 939 1.75 -33.98 5.98
N LEU A 940 1.08 -34.63 5.03
CA LEU A 940 0.58 -35.98 5.23
C LEU A 940 1.54 -37.06 4.74
N ALA A 941 2.62 -36.70 4.05
CA ALA A 941 3.52 -37.73 3.54
C ALA A 941 4.95 -37.63 4.03
N HIS A 942 5.52 -36.43 4.10
CA HIS A 942 6.97 -36.28 4.23
C HIS A 942 7.45 -35.84 5.60
N VAL A 943 6.55 -35.44 6.51
CA VAL A 943 6.99 -34.87 7.78
C VAL A 943 7.77 -35.86 8.63
N PRO A 944 7.30 -37.10 8.87
CA PRO A 944 8.10 -38.00 9.73
C PRO A 944 9.48 -38.31 9.16
N GLU A 945 9.58 -38.44 7.83
CA GLU A 945 10.89 -38.71 7.23
C GLU A 945 11.84 -37.54 7.42
N ILE A 946 11.34 -36.31 7.26
CA ILE A 946 12.18 -35.13 7.48
C ILE A 946 12.58 -35.03 8.94
N ILE A 947 11.67 -35.38 9.86
CA ILE A 947 12.01 -35.40 11.28
C ILE A 947 13.14 -36.39 11.54
N GLU A 948 13.03 -37.59 10.99
CA GLU A 948 14.06 -38.60 11.19
C GLU A 948 15.39 -38.15 10.58
N ARG A 949 15.34 -37.49 9.43
CA ARG A 949 16.57 -37.09 8.76
C ARG A 949 17.27 -35.95 9.49
N ASP A 950 16.53 -34.94 9.91
CA ASP A 950 17.11 -33.73 10.48
C ASP A 950 17.15 -33.74 12.00
N GLY A 951 16.00 -33.91 12.66
CA GLY A 951 15.88 -33.80 14.10
C GLY A 951 14.77 -32.87 14.54
N SER A 952 14.45 -31.87 13.72
CA SER A 952 13.40 -30.92 14.06
C SER A 952 12.96 -30.19 12.80
N ILE A 953 11.68 -29.84 12.77
CA ILE A 953 11.11 -28.96 11.74
C ILE A 953 10.53 -27.74 12.44
N GLY A 954 10.88 -26.57 11.94
CA GLY A 954 10.47 -25.33 12.58
C GLY A 954 11.66 -24.55 13.07
N ALA A 955 12.65 -25.26 13.63
CA ALA A 955 13.93 -24.63 13.96
C ALA A 955 14.68 -24.20 12.71
N TRP A 956 14.37 -24.79 11.56
CA TRP A 956 14.98 -24.43 10.29
C TRP A 956 14.06 -23.61 9.41
N ALA A 957 12.95 -23.12 9.95
CA ALA A 957 11.98 -22.38 9.17
C ALA A 957 12.51 -20.99 8.85
N SER A 958 11.68 -20.18 8.19
CA SER A 958 12.04 -18.84 7.75
C SER A 958 11.47 -17.75 8.65
N GLU A 959 11.08 -18.10 9.88
CA GLU A 959 10.56 -17.09 10.80
C GLU A 959 11.61 -16.04 11.12
N GLY A 960 12.85 -16.48 11.35
CA GLY A 960 13.93 -15.52 11.59
C GLY A 960 14.21 -14.65 10.38
N ASN A 961 14.11 -15.24 9.19
CA ASN A 961 14.29 -14.45 7.97
C ASN A 961 13.19 -13.41 7.82
N GLU A 962 11.96 -13.77 8.18
CA GLU A 962 10.86 -12.80 8.13
C GLU A 962 11.06 -11.69 9.15
N SER A 963 11.54 -12.03 10.34
CA SER A 963 11.83 -11.01 11.34
C SER A 963 12.95 -10.08 10.87
N GLY A 964 13.98 -10.64 10.24
CA GLY A 964 15.00 -9.79 9.64
C GLY A 964 14.47 -8.94 8.51
N ASN A 965 13.51 -9.46 7.75
CA ASN A 965 12.85 -8.66 6.72
C ASN A 965 12.12 -7.48 7.34
N LYS A 966 11.47 -7.71 8.48
CA LYS A 966 10.84 -6.62 9.22
C LYS A 966 11.87 -5.59 9.67
N LEU A 967 13.01 -6.07 10.19
CA LEU A 967 14.07 -5.15 10.62
C LEU A 967 14.64 -4.37 9.45
N PHE A 968 14.60 -4.94 8.25
CA PHE A 968 15.20 -4.29 7.08
C PHE A 968 14.53 -2.95 6.79
N ARG A 969 13.20 -2.92 6.83
CA ARG A 969 12.48 -1.67 6.54
C ARG A 969 12.77 -0.61 7.60
N ARG A 970 12.78 -1.02 8.88
CA ARG A 970 13.08 -0.07 9.95
C ARG A 970 14.49 0.49 9.81
N PHE A 971 15.47 -0.37 9.51
CA PHE A 971 16.83 0.11 9.33
C PHE A 971 16.94 1.05 8.13
N ARG A 972 16.27 0.70 7.02
CA ARG A 972 16.31 1.56 5.84
C ARG A 972 15.67 2.91 6.11
N LYS A 973 14.64 2.96 6.96
CA LYS A 973 13.94 4.21 7.22
C LYS A 973 14.58 5.04 8.32
N MET A 974 15.29 4.43 9.26
CA MET A 974 15.79 5.17 10.42
C MET A 974 17.30 5.16 10.58
N ASN A 975 17.96 4.04 10.33
CA ASN A 975 19.39 3.93 10.65
C ASN A 975 20.22 3.68 9.40
N ALA A 976 19.95 4.43 8.33
CA ALA A 976 20.71 4.31 7.10
C ALA A 976 20.73 5.65 6.37
N ARG A 977 21.80 5.89 5.62
CA ARG A 977 21.87 7.08 4.79
C ARG A 977 20.82 7.02 3.70
N GLN A 978 20.15 8.14 3.48
CA GLN A 978 19.04 8.19 2.52
C GLN A 978 19.54 8.46 1.11
N SER A 979 20.50 7.67 0.65
CA SER A 979 21.06 7.79 -0.69
C SER A 979 21.06 6.43 -1.37
N LYS A 980 20.93 6.45 -2.70
CA LYS A 980 20.82 5.22 -3.46
C LYS A 980 22.14 4.46 -3.58
N CYS A 981 23.26 5.07 -3.17
CA CYS A 981 24.57 4.45 -3.33
C CYS A 981 25.21 4.06 -2.00
N TYR A 982 24.58 4.36 -0.87
CA TYR A 982 25.11 4.00 0.44
C TYR A 982 24.11 3.31 1.35
N GLU A 983 22.81 3.34 1.01
CA GLU A 983 21.78 2.86 1.92
C GLU A 983 21.98 1.39 2.27
N MET A 984 22.33 0.56 1.28
CA MET A 984 22.42 -0.87 1.56
C MET A 984 23.69 -1.21 2.31
N GLU A 985 24.78 -0.48 2.06
CA GLU A 985 25.98 -0.64 2.88
C GLU A 985 25.68 -0.33 4.35
N ASP A 986 25.01 0.81 4.59
CA ASP A 986 24.69 1.17 5.97
C ASP A 986 23.73 0.15 6.60
N VAL A 987 22.72 -0.29 5.85
CA VAL A 987 21.76 -1.24 6.39
C VAL A 987 22.43 -2.57 6.72
N LEU A 988 23.30 -3.05 5.83
CA LEU A 988 23.99 -4.30 6.07
C LEU A 988 24.89 -4.21 7.30
N LYS A 989 25.64 -3.11 7.43
CA LYS A 989 26.51 -2.95 8.58
C LYS A 989 25.72 -2.88 9.88
N HIS A 990 24.64 -2.10 9.89
CA HIS A 990 23.86 -1.95 11.11
C HIS A 990 23.16 -3.25 11.48
N HIS A 991 22.65 -3.99 10.49
CA HIS A 991 22.01 -5.27 10.77
C HIS A 991 23.01 -6.27 11.31
N TRP A 992 24.24 -6.28 10.76
CA TRP A 992 25.27 -7.15 11.31
C TRP A 992 25.58 -6.78 12.76
N LEU A 993 25.69 -5.49 13.06
CA LEU A 993 25.95 -5.06 14.43
C LEU A 993 24.82 -5.48 15.35
N TYR A 994 23.57 -5.32 14.90
CA TYR A 994 22.42 -5.69 15.72
C TYR A 994 22.37 -7.19 15.98
N THR A 995 22.65 -7.99 14.96
CA THR A 995 22.63 -9.45 15.11
C THR A 995 23.85 -9.98 15.83
N SER A 996 24.90 -9.18 16.00
CA SER A 996 26.06 -9.61 16.76
C SER A 996 25.68 -9.95 18.19
N LYS A 997 26.28 -11.01 18.73
CA LYS A 997 25.98 -11.49 20.06
C LYS A 997 26.86 -10.90 21.15
N TYR A 998 27.93 -10.19 20.78
CA TYR A 998 28.76 -9.53 21.79
C TYR A 998 28.07 -8.29 22.35
N LEU A 999 27.20 -7.67 21.57
CA LEU A 999 26.49 -6.47 21.99
C LEU A 999 25.16 -6.77 22.65
N GLN A 1000 24.75 -8.03 22.73
CA GLN A 1000 23.47 -8.38 23.33
C GLN A 1000 23.60 -8.77 24.79
N LYS A 1001 24.71 -9.42 25.18
CA LYS A 1001 24.88 -9.78 26.58
C LYS A 1001 25.18 -8.58 27.47
N PHE A 1002 25.58 -7.46 26.90
CA PHE A 1002 25.77 -6.25 27.69
C PHE A 1002 24.44 -5.71 28.19
N MET A 1003 23.35 -5.96 27.45
CA MET A 1003 22.02 -5.58 27.90
C MET A 1003 21.42 -6.60 28.86
N ASN A 1004 22.02 -7.79 28.97
CA ASN A 1004 21.57 -8.81 29.91
C ASN A 1004 22.52 -8.94 31.10
N ALA A 1005 23.36 -7.93 31.33
CA ALA A 1005 24.30 -7.97 32.46
C ALA A 1005 23.61 -7.81 33.80
N HIS A 1006 22.33 -7.40 33.81
CA HIS A 1006 21.61 -7.26 35.06
C HIS A 1006 21.29 -8.59 35.72
N ASN A 1007 21.35 -9.69 34.96
CA ASN A 1007 21.12 -11.02 35.50
C ASN A 1007 22.36 -11.65 36.10
N ALA A 1008 23.53 -11.01 35.94
CA ALA A 1008 24.77 -11.55 36.48
C ALA A 1008 24.88 -11.27 37.97
N MET B 1 13.74 3.26 -45.59
CA MET B 1 13.95 4.16 -44.47
C MET B 1 12.63 4.60 -43.85
N SER B 2 11.71 3.66 -43.68
CA SER B 2 10.40 3.91 -43.09
C SER B 2 10.36 3.29 -41.70
N LEU B 3 9.91 4.09 -40.72
CA LEU B 3 9.85 3.66 -39.33
C LEU B 3 8.40 3.59 -38.89
N GLN B 4 8.00 2.43 -38.37
CA GLN B 4 6.65 2.20 -37.87
C GLN B 4 6.71 1.50 -36.53
N MET B 5 5.69 1.71 -35.71
CA MET B 5 5.58 1.04 -34.43
C MET B 5 4.79 -0.26 -34.57
N VAL B 6 5.23 -1.29 -33.88
CA VAL B 6 4.54 -2.58 -33.82
C VAL B 6 4.08 -2.81 -32.39
N THR B 7 2.83 -3.23 -32.23
CA THR B 7 2.28 -3.55 -30.93
C THR B 7 2.69 -4.97 -30.54
N VAL B 8 2.31 -5.38 -29.32
CA VAL B 8 2.70 -6.67 -28.79
C VAL B 8 1.46 -7.38 -28.25
N GLY B 9 1.58 -8.69 -28.10
CA GLY B 9 0.53 -9.50 -27.49
C GLY B 9 0.68 -9.54 -25.99
N HIS B 10 0.58 -10.74 -25.41
CA HIS B 10 0.75 -10.93 -23.97
C HIS B 10 2.13 -11.49 -23.63
N ASN B 11 3.06 -11.48 -24.57
CA ASN B 11 4.42 -12.00 -24.35
C ASN B 11 5.46 -10.89 -24.51
N ILE B 12 5.11 -9.67 -24.13
CA ILE B 12 6.04 -8.55 -24.24
C ILE B 12 7.22 -8.73 -23.29
N ALA B 13 6.98 -9.31 -22.12
CA ALA B 13 8.01 -9.50 -21.11
C ALA B 13 8.94 -10.66 -21.43
N LEU B 14 8.92 -11.14 -22.68
CA LEU B 14 9.74 -12.26 -23.10
C LEU B 14 10.91 -11.86 -23.98
N ILE B 15 10.95 -10.61 -24.44
CA ILE B 15 12.01 -10.13 -25.31
C ILE B 15 13.00 -9.31 -24.49
N GLN B 16 14.28 -9.66 -24.59
CA GLN B 16 15.37 -8.98 -23.92
C GLN B 16 16.42 -8.59 -24.94
N PRO B 17 17.32 -7.66 -24.60
CA PRO B 17 18.45 -7.39 -25.47
C PRO B 17 19.28 -8.65 -25.72
N GLY B 18 19.72 -8.82 -26.96
CA GLY B 18 20.51 -9.97 -27.35
C GLY B 18 19.76 -11.12 -27.96
N PHE B 19 18.50 -10.92 -28.36
CA PHE B 19 17.74 -11.99 -28.99
C PHE B 19 18.23 -12.20 -30.42
N SER B 20 17.78 -13.30 -31.03
CA SER B 20 18.15 -13.63 -32.40
C SER B 20 16.90 -13.97 -33.18
N LEU B 21 16.84 -13.51 -34.43
CA LEU B 21 15.71 -13.76 -35.32
C LEU B 21 16.13 -14.76 -36.38
N MET B 22 15.27 -15.74 -36.63
CA MET B 22 15.59 -16.91 -37.45
C MET B 22 14.64 -16.98 -38.64
N ASN B 23 15.20 -17.06 -39.84
CA ASN B 23 14.44 -17.00 -41.09
C ASN B 23 14.52 -18.32 -41.83
N PHE B 24 13.36 -18.81 -42.30
CA PHE B 24 13.27 -19.99 -43.15
C PHE B 24 12.17 -19.78 -44.17
N ASP B 25 12.57 -19.65 -45.45
CA ASP B 25 11.63 -19.54 -46.57
C ASP B 25 10.64 -18.40 -46.37
N GLY B 26 11.15 -17.24 -45.95
CA GLY B 26 10.32 -16.06 -45.81
C GLY B 26 9.56 -15.94 -44.52
N GLN B 27 9.74 -16.87 -43.59
CA GLN B 27 9.11 -16.81 -42.27
C GLN B 27 10.18 -16.59 -41.22
N VAL B 28 9.99 -15.57 -40.38
CA VAL B 28 10.97 -15.19 -39.38
C VAL B 28 10.53 -15.73 -38.02
N PHE B 29 11.49 -16.25 -37.26
CA PHE B 29 11.25 -16.86 -35.96
C PHE B 29 12.00 -16.09 -34.88
N PHE B 30 11.81 -16.52 -33.63
CA PHE B 30 12.37 -15.85 -32.47
C PHE B 30 13.14 -16.83 -31.61
N PHE B 31 14.24 -16.36 -31.02
CA PHE B 31 15.04 -17.16 -30.11
C PHE B 31 15.72 -16.23 -29.12
N GLY B 32 15.98 -16.75 -27.92
CA GLY B 32 16.62 -15.96 -26.89
C GLY B 32 15.65 -15.24 -25.98
N GLN B 33 14.72 -16.00 -25.37
CA GLN B 33 13.69 -15.40 -24.55
C GLN B 33 14.24 -15.05 -23.16
N LYS B 34 13.33 -14.70 -22.26
CA LYS B 34 13.69 -14.30 -20.91
C LYS B 34 13.34 -15.41 -19.93
N GLY B 35 14.32 -15.82 -19.12
CA GLY B 35 14.12 -16.89 -18.18
C GLY B 35 14.20 -18.25 -18.85
N TRP B 36 14.18 -19.29 -18.02
CA TRP B 36 14.20 -20.65 -18.53
C TRP B 36 12.87 -20.95 -19.23
N PRO B 37 12.87 -21.90 -20.16
CA PRO B 37 11.64 -22.19 -20.91
C PRO B 37 10.50 -22.58 -19.98
N LYS B 38 9.31 -22.05 -20.28
CA LYS B 38 8.13 -22.29 -19.47
C LYS B 38 7.29 -23.41 -20.10
N ARG B 39 6.20 -23.78 -19.43
CA ARG B 39 5.33 -24.82 -19.95
C ARG B 39 4.47 -24.32 -21.10
N SER B 40 4.27 -23.00 -21.23
CA SER B 40 3.56 -22.47 -22.38
C SER B 40 4.31 -22.74 -23.68
N CYS B 41 5.64 -22.83 -23.61
CA CYS B 41 6.47 -23.12 -24.78
C CYS B 41 7.77 -23.76 -24.33
N PRO B 42 7.79 -25.09 -24.13
CA PRO B 42 9.03 -25.73 -23.66
C PRO B 42 10.20 -25.61 -24.63
N THR B 43 9.93 -25.53 -25.94
CA THR B 43 11.01 -25.51 -26.92
C THR B 43 11.89 -24.27 -26.76
N GLY B 44 11.28 -23.11 -26.53
CA GLY B 44 11.98 -21.86 -26.38
C GLY B 44 12.01 -21.00 -27.63
N VAL B 45 11.75 -21.58 -28.79
CA VAL B 45 11.65 -20.81 -30.03
C VAL B 45 10.20 -20.39 -30.22
N PHE B 46 10.01 -19.29 -30.95
CA PHE B 46 8.70 -18.70 -31.10
C PHE B 46 8.46 -18.29 -32.54
N HIS B 47 7.18 -18.24 -32.92
N HIS B 47 7.18 -18.25 -32.92
CA HIS B 47 6.77 -17.83 -34.26
CA HIS B 47 6.76 -17.82 -34.25
C HIS B 47 6.62 -16.31 -34.26
C HIS B 47 6.64 -16.30 -34.23
N PHE B 48 7.65 -15.62 -34.75
CA PHE B 48 7.69 -14.16 -34.73
C PHE B 48 6.93 -13.67 -35.97
N ASP B 49 5.70 -13.22 -35.77
CA ASP B 49 4.80 -12.91 -36.88
C ASP B 49 4.25 -11.50 -36.73
N ILE B 50 4.17 -10.79 -37.86
CA ILE B 50 3.65 -9.42 -37.89
C ILE B 50 2.59 -9.32 -38.98
N LYS B 51 1.35 -9.04 -38.58
CA LYS B 51 0.28 -8.64 -39.49
C LYS B 51 -0.30 -7.34 -38.98
N GLN B 52 -0.37 -6.33 -39.86
CA GLN B 52 -0.86 -4.99 -39.51
C GLN B 52 -0.14 -4.44 -38.27
N ASN B 53 1.17 -4.64 -38.23
CA ASN B 53 2.03 -4.12 -37.15
C ASN B 53 1.57 -4.62 -35.79
N HIS B 54 1.40 -5.94 -35.67
CA HIS B 54 1.04 -6.56 -34.41
C HIS B 54 1.88 -7.83 -34.23
N LEU B 55 2.40 -8.00 -33.02
CA LEU B 55 3.24 -9.14 -32.68
C LEU B 55 2.41 -10.22 -32.00
N LYS B 56 2.52 -11.45 -32.49
CA LYS B 56 1.92 -12.62 -31.86
C LYS B 56 2.97 -13.71 -31.81
N LEU B 57 3.50 -13.99 -30.62
CA LEU B 57 4.59 -14.95 -30.44
C LEU B 57 3.98 -16.33 -30.20
N LYS B 58 3.66 -17.02 -31.30
CA LYS B 58 3.15 -18.38 -31.18
C LYS B 58 4.29 -19.36 -30.95
N PRO B 59 4.04 -20.44 -30.22
CA PRO B 59 5.08 -21.45 -30.01
C PRO B 59 5.36 -22.24 -31.28
N ALA B 60 6.55 -22.84 -31.31
CA ALA B 60 6.96 -23.70 -32.42
C ALA B 60 7.55 -24.97 -31.85
N ILE B 61 6.95 -26.12 -32.19
CA ILE B 61 7.37 -27.38 -31.60
C ILE B 61 8.68 -27.84 -32.24
N PHE B 62 9.33 -28.78 -31.55
CA PHE B 62 10.58 -29.37 -32.01
C PHE B 62 10.35 -30.80 -32.48
N SER B 63 11.34 -31.33 -33.20
CA SER B 63 11.27 -32.70 -33.69
C SER B 63 11.60 -33.69 -32.59
N LYS B 64 11.33 -34.97 -32.86
CA LYS B 64 11.62 -36.00 -31.89
C LYS B 64 13.11 -36.17 -31.64
N ASP B 65 13.91 -36.03 -32.71
CA ASP B 65 15.36 -36.20 -32.61
C ASP B 65 16.10 -34.92 -32.27
N SER B 66 15.39 -33.81 -32.06
CA SER B 66 16.03 -32.55 -31.77
C SER B 66 16.54 -32.52 -30.33
N CYS B 67 17.45 -31.60 -30.07
CA CYS B 67 18.00 -31.37 -28.74
C CYS B 67 17.51 -30.03 -28.22
N TYR B 68 16.89 -30.04 -27.04
CA TYR B 68 16.32 -28.83 -26.47
C TYR B 68 17.45 -27.97 -25.90
N LEU B 69 17.57 -26.75 -26.41
CA LEU B 69 18.73 -25.92 -26.12
C LEU B 69 18.37 -24.76 -25.20
N PRO B 70 19.29 -24.33 -24.34
CA PRO B 70 18.99 -23.23 -23.44
C PRO B 70 18.87 -21.92 -24.20
N PRO B 71 18.11 -20.95 -23.68
CA PRO B 71 18.02 -19.65 -24.35
C PRO B 71 19.32 -18.87 -24.25
N LEU B 72 20.02 -18.75 -25.37
CA LEU B 72 21.30 -18.04 -25.40
C LEU B 72 21.07 -16.54 -25.50
N ARG B 73 21.96 -15.77 -24.89
CA ARG B 73 21.77 -14.32 -24.78
C ARG B 73 22.63 -13.51 -25.74
N TYR B 74 23.77 -14.03 -26.19
CA TYR B 74 24.62 -13.33 -27.15
C TYR B 74 25.39 -14.36 -27.97
N PRO B 75 24.70 -15.05 -28.87
CA PRO B 75 25.38 -16.10 -29.66
C PRO B 75 25.99 -15.56 -30.93
N ALA B 76 26.60 -16.45 -31.72
CA ALA B 76 27.13 -16.11 -33.03
C ALA B 76 26.26 -16.81 -34.07
N THR B 77 25.54 -16.02 -34.86
CA THR B 77 24.54 -16.56 -35.79
C THR B 77 25.07 -16.52 -37.21
N CYS B 78 24.83 -17.61 -37.94
CA CYS B 78 25.18 -17.70 -39.34
C CYS B 78 24.06 -18.43 -40.08
N SER B 79 23.98 -18.17 -41.39
CA SER B 79 22.94 -18.74 -42.25
C SER B 79 23.62 -19.59 -43.30
N TYR B 80 23.88 -20.86 -42.97
CA TYR B 80 24.49 -21.78 -43.92
C TYR B 80 23.49 -22.14 -45.02
N LYS B 81 24.02 -22.41 -46.20
CA LYS B 81 23.19 -22.78 -47.34
C LYS B 81 23.24 -24.28 -47.59
N LYS B 88 17.68 -27.84 -47.72
CA LYS B 88 19.11 -27.82 -47.41
C LYS B 88 19.53 -26.46 -46.85
N HIS B 89 18.64 -25.85 -46.08
CA HIS B 89 18.89 -24.55 -45.46
C HIS B 89 18.89 -24.72 -43.95
N GLN B 90 20.03 -24.42 -43.32
CA GLN B 90 20.18 -24.57 -41.88
C GLN B 90 20.74 -23.28 -41.31
N TYR B 91 20.82 -23.23 -39.98
CA TYR B 91 21.15 -22.00 -39.27
C TYR B 91 22.09 -22.35 -38.12
N ILE B 92 23.26 -21.69 -38.09
CA ILE B 92 24.33 -22.03 -37.16
C ILE B 92 24.34 -21.01 -36.04
N ILE B 93 24.37 -21.50 -34.79
CA ILE B 93 24.50 -20.66 -33.61
C ILE B 93 25.57 -21.25 -32.71
N HIS B 94 26.47 -20.41 -32.21
CA HIS B 94 27.57 -20.84 -31.36
C HIS B 94 27.80 -19.83 -30.26
N GLY B 95 27.99 -20.31 -29.04
CA GLY B 95 28.26 -19.45 -27.90
C GLY B 95 27.03 -18.75 -27.39
N GLY B 96 27.23 -17.93 -26.36
CA GLY B 96 26.17 -17.15 -25.75
C GLY B 96 26.17 -17.29 -24.25
N LYS B 97 25.13 -16.74 -23.64
CA LYS B 97 24.95 -16.75 -22.19
C LYS B 97 23.65 -17.44 -21.84
N THR B 98 23.72 -18.43 -20.96
CA THR B 98 22.53 -19.06 -20.42
C THR B 98 21.88 -18.14 -19.39
N PRO B 99 20.60 -18.37 -19.07
CA PRO B 99 19.96 -17.53 -18.05
C PRO B 99 20.65 -17.57 -16.70
N ASN B 100 21.37 -18.64 -16.39
CA ASN B 100 22.14 -18.72 -15.16
C ASN B 100 23.52 -18.08 -15.27
N ASN B 101 23.83 -17.45 -16.42
CA ASN B 101 25.06 -16.67 -16.62
C ASN B 101 26.31 -17.57 -16.65
N GLU B 102 26.24 -18.63 -17.45
CA GLU B 102 27.42 -19.41 -17.79
C GLU B 102 27.58 -19.47 -19.30
N LEU B 103 28.81 -19.28 -19.78
CA LEU B 103 29.08 -19.33 -21.20
C LEU B 103 29.04 -20.76 -21.71
N SER B 104 28.66 -20.92 -22.97
CA SER B 104 28.53 -22.22 -23.61
C SER B 104 29.47 -22.30 -24.80
N ASP B 105 30.18 -23.43 -24.92
CA ASP B 105 31.10 -23.67 -26.03
C ASP B 105 30.56 -24.72 -27.00
N LYS B 106 29.25 -24.75 -27.21
CA LYS B 106 28.61 -25.77 -28.03
C LYS B 106 27.90 -25.14 -29.21
N ILE B 107 27.92 -25.84 -30.34
CA ILE B 107 27.30 -25.37 -31.58
C ILE B 107 25.99 -26.13 -31.78
N TYR B 108 24.91 -25.38 -31.98
CA TYR B 108 23.61 -25.94 -32.29
C TYR B 108 23.24 -25.62 -33.73
N ILE B 109 22.73 -26.61 -34.45
CA ILE B 109 22.34 -26.48 -35.84
C ILE B 109 20.83 -26.62 -35.92
N MET B 110 20.16 -25.64 -36.55
CA MET B 110 18.72 -25.60 -36.62
C MET B 110 18.26 -25.66 -38.07
N SER B 111 17.19 -26.42 -38.30
CA SER B 111 16.61 -26.55 -39.63
C SER B 111 15.15 -26.95 -39.49
N VAL B 112 14.39 -26.77 -40.56
CA VAL B 112 12.97 -27.09 -40.57
C VAL B 112 12.82 -28.58 -40.88
N ALA B 113 12.43 -29.36 -39.87
CA ALA B 113 12.28 -30.80 -40.07
C ALA B 113 11.07 -31.12 -40.93
N CYS B 114 9.93 -30.50 -40.64
CA CYS B 114 8.71 -30.71 -41.42
C CYS B 114 7.81 -29.50 -41.23
N LYS B 115 6.97 -29.26 -42.24
CA LYS B 115 6.09 -28.09 -42.26
C LYS B 115 4.68 -28.51 -42.62
N ASN B 116 3.71 -27.96 -41.90
CA ASN B 116 2.30 -28.14 -42.16
C ASN B 116 1.68 -26.77 -42.49
N ASN B 117 0.35 -26.74 -42.58
CA ASN B 117 -0.35 -25.50 -42.87
C ASN B 117 -0.16 -24.54 -41.71
N LYS B 118 0.71 -23.54 -41.90
CA LYS B 118 1.04 -22.56 -40.86
C LYS B 118 1.56 -23.24 -39.59
N LYS B 119 2.33 -24.32 -39.78
CA LYS B 119 2.92 -25.05 -38.66
C LYS B 119 4.32 -25.50 -39.06
N VAL B 120 5.30 -25.20 -38.20
CA VAL B 120 6.70 -25.50 -38.47
C VAL B 120 7.26 -26.29 -37.30
N THR B 121 7.98 -27.37 -37.61
CA THR B 121 8.66 -28.19 -36.62
C THR B 121 10.16 -28.14 -36.91
N PHE B 122 10.92 -27.67 -35.93
CA PHE B 122 12.36 -27.48 -36.10
C PHE B 122 13.12 -28.76 -35.74
N ARG B 123 14.42 -28.75 -36.06
CA ARG B 123 15.32 -29.86 -35.74
C ARG B 123 16.63 -29.25 -35.26
N CYS B 124 16.90 -29.37 -33.97
CA CYS B 124 18.12 -28.85 -33.37
C CYS B 124 19.10 -30.01 -33.18
N THR B 125 20.30 -29.87 -33.72
CA THR B 125 21.31 -30.92 -33.70
C THR B 125 22.54 -30.43 -32.96
N GLU B 126 23.07 -31.28 -32.09
CA GLU B 126 24.26 -30.98 -31.30
C GLU B 126 25.50 -31.37 -32.09
N LYS B 127 26.45 -30.46 -32.21
CA LYS B 127 27.69 -30.70 -32.94
C LYS B 127 28.87 -30.53 -31.99
N ASP B 128 29.79 -31.48 -32.02
CA ASP B 128 30.97 -31.48 -31.16
C ASP B 128 32.20 -31.14 -31.97
N LEU B 129 33.06 -30.29 -31.41
CA LEU B 129 34.26 -29.81 -32.08
C LEU B 129 35.50 -30.40 -31.44
N VAL B 130 36.46 -30.80 -32.27
CA VAL B 130 37.73 -31.35 -31.82
C VAL B 130 38.86 -30.52 -32.40
N GLY B 131 40.01 -30.57 -31.72
CA GLY B 131 41.16 -29.79 -32.13
C GLY B 131 41.30 -28.51 -31.35
N ASP B 132 41.59 -27.41 -32.04
CA ASP B 132 41.72 -26.11 -31.40
C ASP B 132 40.32 -25.49 -31.24
N VAL B 133 39.58 -26.05 -30.29
CA VAL B 133 38.22 -25.57 -30.04
C VAL B 133 38.28 -24.19 -29.38
N PRO B 134 37.51 -23.21 -29.85
CA PRO B 134 37.52 -21.91 -29.18
C PRO B 134 36.93 -21.97 -27.79
N GLU B 135 37.45 -21.12 -26.91
CA GLU B 135 36.93 -21.04 -25.56
C GLU B 135 35.53 -20.43 -25.57
N PRO B 136 34.71 -20.73 -24.56
CA PRO B 136 33.37 -20.13 -24.52
C PRO B 136 33.43 -18.62 -24.49
N ARG B 137 32.54 -17.98 -25.23
CA ARG B 137 32.55 -16.54 -25.38
C ARG B 137 31.18 -16.09 -25.89
N TYR B 138 31.02 -14.78 -26.01
CA TYR B 138 29.79 -14.20 -26.51
C TYR B 138 30.10 -12.87 -27.17
N GLY B 139 29.19 -12.42 -28.04
CA GLY B 139 29.36 -11.19 -28.77
C GLY B 139 30.20 -11.30 -30.02
N HIS B 140 30.70 -12.48 -30.35
CA HIS B 140 31.55 -12.68 -31.52
C HIS B 140 30.67 -12.87 -32.77
N SER B 141 31.32 -13.12 -33.89
CA SER B 141 30.63 -13.28 -35.18
C SER B 141 31.14 -14.52 -35.89
N ILE B 142 30.24 -15.17 -36.63
CA ILE B 142 30.56 -16.37 -37.39
C ILE B 142 30.01 -16.22 -38.80
N ASP B 143 30.84 -16.56 -39.80
CA ASP B 143 30.45 -16.53 -41.20
C ASP B 143 30.92 -17.80 -41.87
N VAL B 144 30.45 -18.02 -43.10
CA VAL B 144 30.82 -19.18 -43.91
C VAL B 144 31.33 -18.69 -45.25
N VAL B 145 32.38 -19.36 -45.76
CA VAL B 145 32.99 -19.00 -47.02
C VAL B 145 32.95 -20.21 -47.95
N TYR B 146 32.96 -19.93 -49.25
CA TYR B 146 32.88 -20.94 -50.30
C TYR B 146 34.11 -20.79 -51.19
N SER B 147 35.13 -21.62 -50.97
CA SER B 147 36.36 -21.59 -51.75
C SER B 147 36.47 -22.87 -52.56
N ARG B 148 36.49 -22.74 -53.88
CA ARG B 148 36.61 -23.83 -54.85
C ARG B 148 35.85 -25.08 -54.41
N GLY B 149 34.55 -24.90 -54.20
CA GLY B 149 33.67 -26.01 -53.93
C GLY B 149 33.66 -26.55 -52.52
N LYS B 150 34.39 -25.92 -51.60
CA LYS B 150 34.42 -26.34 -50.20
C LYS B 150 33.94 -25.20 -49.32
N SER B 151 33.05 -25.53 -48.38
CA SER B 151 32.47 -24.56 -47.46
C SER B 151 33.05 -24.77 -46.08
N MET B 152 33.52 -23.69 -45.46
CA MET B 152 34.10 -23.74 -44.12
C MET B 152 33.73 -22.47 -43.37
N GLY B 153 33.49 -22.62 -42.07
CA GLY B 153 33.08 -21.50 -41.24
C GLY B 153 34.26 -20.82 -40.58
N VAL B 154 34.17 -19.49 -40.50
CA VAL B 154 35.20 -18.66 -39.88
C VAL B 154 34.66 -18.10 -38.57
N LEU B 155 35.55 -17.94 -37.60
CA LEU B 155 35.17 -17.46 -36.28
C LEU B 155 36.19 -16.44 -35.80
N PHE B 156 35.71 -15.41 -35.10
CA PHE B 156 36.55 -14.36 -34.55
C PHE B 156 36.31 -14.23 -33.05
N GLY B 157 37.20 -13.49 -32.40
CA GLY B 157 37.16 -13.37 -30.96
C GLY B 157 35.99 -12.51 -30.47
N GLY B 158 35.76 -12.60 -29.17
CA GLY B 158 34.70 -11.84 -28.52
C GLY B 158 35.04 -11.56 -27.08
N ARG B 159 34.04 -11.62 -26.21
CA ARG B 159 34.24 -11.40 -24.79
C ARG B 159 34.00 -12.70 -24.03
N SER B 160 34.83 -12.94 -23.01
CA SER B 160 34.74 -14.15 -22.21
C SER B 160 35.20 -13.86 -20.79
N TYR B 161 34.79 -14.73 -19.87
CA TYR B 161 35.20 -14.61 -18.48
C TYR B 161 36.69 -14.89 -18.34
N MET B 162 37.24 -14.48 -17.19
CA MET B 162 38.65 -14.70 -16.92
C MET B 162 38.92 -16.20 -16.79
N PRO B 163 40.15 -16.63 -17.08
CA PRO B 163 40.47 -18.06 -16.99
C PRO B 163 40.31 -18.59 -15.57
N SER B 164 40.09 -19.90 -15.49
CA SER B 164 39.80 -20.56 -14.22
C SER B 164 40.92 -20.45 -13.21
N THR B 165 42.16 -20.20 -13.64
CA THR B 165 43.29 -20.05 -12.74
C THR B 165 43.50 -18.63 -12.25
N GLN B 166 42.72 -17.67 -12.76
CA GLN B 166 42.86 -16.27 -12.38
C GLN B 166 41.51 -15.62 -12.11
N ARG B 167 40.56 -16.39 -11.60
CA ARG B 167 39.21 -15.91 -11.31
C ARG B 167 39.03 -15.78 -9.81
N THR B 168 38.57 -14.61 -9.36
CA THR B 168 38.31 -14.34 -7.96
C THR B 168 36.85 -13.94 -7.79
N THR B 169 36.21 -14.44 -6.74
CA THR B 169 34.78 -14.19 -6.54
C THR B 169 34.47 -12.71 -6.38
N GLU B 170 35.45 -11.89 -5.99
CA GLU B 170 35.23 -10.45 -5.94
C GLU B 170 35.02 -9.89 -7.34
N LYS B 171 35.78 -10.37 -8.32
CA LYS B 171 35.66 -9.98 -9.72
C LYS B 171 35.12 -11.13 -10.57
N TRP B 172 34.15 -11.87 -10.01
CA TRP B 172 33.65 -13.08 -10.65
C TRP B 172 33.05 -12.80 -12.01
N ASN B 173 32.27 -11.72 -12.13
CA ASN B 173 31.58 -11.41 -13.37
C ASN B 173 32.41 -10.54 -14.32
N SER B 174 33.65 -10.23 -13.95
CA SER B 174 34.50 -9.44 -14.85
C SER B 174 34.81 -10.21 -16.12
N VAL B 175 34.89 -9.49 -17.24
CA VAL B 175 35.10 -10.10 -18.53
C VAL B 175 36.34 -9.50 -19.17
N ALA B 176 36.99 -10.30 -20.03
CA ALA B 176 38.15 -9.86 -20.78
C ALA B 176 37.99 -10.29 -22.24
N ASP B 177 38.49 -9.46 -23.14
CA ASP B 177 38.40 -9.76 -24.56
C ASP B 177 39.21 -11.01 -24.90
N CYS B 178 38.67 -11.82 -25.80
CA CYS B 178 39.36 -13.02 -26.24
C CYS B 178 40.55 -12.67 -27.12
N LEU B 179 41.42 -13.66 -27.32
CA LEU B 179 42.58 -13.46 -28.17
C LEU B 179 42.14 -13.35 -29.62
N PRO B 180 42.91 -12.63 -30.45
CA PRO B 180 42.50 -12.40 -31.84
C PRO B 180 42.70 -13.60 -32.76
N HIS B 181 42.95 -14.79 -32.23
CA HIS B 181 43.15 -15.97 -33.06
C HIS B 181 41.93 -16.26 -33.92
N VAL B 182 42.14 -16.43 -35.22
CA VAL B 182 41.03 -16.76 -36.12
C VAL B 182 40.88 -18.28 -36.17
N PHE B 183 39.66 -18.75 -36.01
CA PHE B 183 39.35 -20.17 -36.01
C PHE B 183 38.59 -20.53 -37.28
N LEU B 184 39.01 -21.61 -37.92
CA LEU B 184 38.31 -22.17 -39.08
C LEU B 184 37.67 -23.48 -38.65
N ILE B 185 36.35 -23.48 -38.53
CA ILE B 185 35.58 -24.65 -38.11
C ILE B 185 34.88 -25.25 -39.33
N ASP B 186 35.01 -26.55 -39.50
CA ASP B 186 34.40 -27.26 -40.61
C ASP B 186 33.15 -27.98 -40.09
N PHE B 187 31.99 -27.63 -40.66
CA PHE B 187 30.73 -28.10 -40.11
C PHE B 187 30.54 -29.60 -40.30
N GLU B 188 30.83 -30.12 -41.49
CA GLU B 188 30.54 -31.53 -41.75
C GLU B 188 31.51 -32.47 -41.04
N PHE B 189 32.65 -31.97 -40.58
CA PHE B 189 33.62 -32.81 -39.88
C PHE B 189 33.79 -32.47 -38.41
N GLY B 190 33.33 -31.30 -37.97
CA GLY B 190 33.46 -30.92 -36.58
C GLY B 190 34.90 -30.75 -36.12
N CYS B 191 35.71 -30.09 -36.94
CA CYS B 191 37.11 -29.86 -36.64
C CYS B 191 37.41 -28.37 -36.74
N ALA B 192 38.37 -27.91 -35.93
CA ALA B 192 38.73 -26.52 -35.88
C ALA B 192 40.25 -26.38 -35.88
N THR B 193 40.74 -25.41 -36.64
CA THR B 193 42.17 -25.09 -36.69
C THR B 193 42.36 -23.62 -36.42
N SER B 194 43.20 -23.29 -35.45
CA SER B 194 43.46 -21.90 -35.07
C SER B 194 44.60 -21.34 -35.91
N TYR B 195 44.52 -20.03 -36.18
CA TYR B 195 45.53 -19.33 -36.95
C TYR B 195 45.85 -18.00 -36.30
N ILE B 196 47.12 -17.63 -36.32
CA ILE B 196 47.61 -16.37 -35.75
C ILE B 196 47.93 -15.43 -36.89
N LEU B 197 47.31 -14.25 -36.88
CA LEU B 197 47.50 -13.26 -37.94
C LEU B 197 48.23 -12.04 -37.39
N PRO B 198 49.39 -11.68 -37.97
CA PRO B 198 50.15 -10.53 -37.45
C PRO B 198 49.39 -9.22 -37.54
N GLU B 199 48.53 -9.05 -38.54
CA GLU B 199 47.76 -7.81 -38.68
C GLU B 199 46.72 -7.64 -37.60
N LEU B 200 46.44 -8.68 -36.81
CA LEU B 200 45.44 -8.65 -35.75
C LEU B 200 46.17 -8.71 -34.42
N GLN B 201 46.15 -7.61 -33.68
CA GLN B 201 46.88 -7.50 -32.42
C GLN B 201 45.99 -7.29 -31.20
N ASP B 202 44.90 -6.54 -31.35
CA ASP B 202 44.01 -6.25 -30.24
C ASP B 202 42.74 -7.08 -30.31
N GLY B 203 42.11 -7.28 -29.16
CA GLY B 203 40.86 -8.00 -29.12
C GLY B 203 39.73 -7.19 -29.74
N LEU B 204 38.65 -7.90 -30.10
CA LEU B 204 37.53 -7.26 -30.76
C LEU B 204 36.25 -8.00 -30.40
N SER B 205 35.18 -7.25 -30.16
CA SER B 205 33.91 -7.84 -29.77
C SER B 205 32.78 -6.92 -30.20
N PHE B 206 31.59 -7.51 -30.31
CA PHE B 206 30.38 -6.80 -30.72
C PHE B 206 30.57 -6.10 -32.07
N HIS B 207 31.15 -6.83 -33.02
CA HIS B 207 31.35 -6.33 -34.38
C HIS B 207 30.34 -6.95 -35.32
N VAL B 208 30.38 -6.50 -36.57
CA VAL B 208 29.50 -6.99 -37.63
C VAL B 208 30.35 -7.70 -38.68
N SER B 209 29.83 -8.79 -39.22
CA SER B 209 30.55 -9.62 -40.18
C SER B 209 29.81 -9.63 -41.51
N ILE B 210 30.56 -9.37 -42.58
CA ILE B 210 30.03 -9.40 -43.94
C ILE B 210 30.75 -10.49 -44.71
N ALA B 211 30.00 -11.39 -45.32
CA ALA B 211 30.53 -12.55 -45.99
C ALA B 211 30.36 -12.44 -47.50
N ARG B 212 31.20 -13.18 -48.22
CA ARG B 212 31.17 -13.24 -49.67
C ARG B 212 31.63 -14.63 -50.10
N ASN B 213 32.03 -14.77 -51.36
CA ASN B 213 32.45 -16.06 -51.88
C ASN B 213 33.58 -16.66 -51.03
N ASP B 214 34.72 -15.98 -50.96
CA ASP B 214 35.88 -16.48 -50.23
C ASP B 214 36.51 -15.40 -49.36
N THR B 215 35.72 -14.45 -48.87
CA THR B 215 36.24 -13.38 -48.04
C THR B 215 35.20 -12.97 -47.00
N VAL B 216 35.70 -12.49 -45.86
CA VAL B 216 34.86 -12.01 -44.76
C VAL B 216 35.33 -10.60 -44.39
N TYR B 217 34.40 -9.67 -44.32
CA TYR B 217 34.69 -8.28 -43.99
C TYR B 217 34.21 -7.99 -42.57
N ILE B 218 35.16 -7.92 -41.64
CA ILE B 218 34.86 -7.56 -40.27
C ILE B 218 35.22 -6.10 -40.05
N LEU B 219 34.30 -5.34 -39.48
CA LEU B 219 34.50 -3.91 -39.27
C LEU B 219 33.79 -3.48 -37.99
N GLY B 220 34.31 -2.42 -37.37
CA GLY B 220 33.73 -1.93 -36.14
C GLY B 220 34.06 -2.83 -34.96
N GLY B 221 33.39 -2.56 -33.86
CA GLY B 221 33.57 -3.36 -32.66
C GLY B 221 34.27 -2.58 -31.56
N HIS B 222 34.19 -3.12 -30.35
CA HIS B 222 34.74 -2.48 -29.16
C HIS B 222 35.82 -3.37 -28.56
N SER B 223 36.99 -2.79 -28.32
CA SER B 223 38.09 -3.48 -27.66
C SER B 223 38.13 -3.06 -26.19
N LEU B 224 37.95 -4.02 -25.29
CA LEU B 224 37.88 -3.71 -23.86
C LEU B 224 39.26 -3.43 -23.26
N ALA B 225 40.33 -3.86 -23.92
CA ALA B 225 41.67 -3.62 -23.38
C ALA B 225 41.99 -2.13 -23.31
N SER B 226 41.59 -1.37 -24.32
CA SER B 226 41.83 0.07 -24.36
C SER B 226 40.56 0.89 -24.21
N ASN B 227 39.39 0.26 -24.10
CA ASN B 227 38.11 0.96 -23.97
C ASN B 227 37.90 1.95 -25.11
N ILE B 228 38.24 1.52 -26.33
CA ILE B 228 38.07 2.35 -27.51
C ILE B 228 37.37 1.53 -28.59
N ARG B 229 36.81 2.23 -29.57
CA ARG B 229 36.12 1.60 -30.69
C ARG B 229 36.86 1.97 -31.97
N PRO B 230 37.77 1.11 -32.46
CA PRO B 230 38.58 1.46 -33.62
C PRO B 230 37.74 1.52 -34.90
N ALA B 231 38.10 2.45 -35.77
CA ALA B 231 37.45 2.58 -37.08
C ALA B 231 38.26 1.80 -38.12
N ASN B 232 38.29 0.50 -37.92
CA ASN B 232 39.08 -0.41 -38.75
C ASN B 232 38.19 -1.14 -39.75
N LEU B 233 38.84 -1.80 -40.71
CA LEU B 233 38.12 -2.61 -41.70
C LEU B 233 39.10 -3.66 -42.20
N TYR B 234 38.88 -4.91 -41.80
CA TYR B 234 39.76 -6.01 -42.15
C TYR B 234 39.08 -6.95 -43.14
N ARG B 235 39.83 -7.40 -44.12
CA ARG B 235 39.37 -8.39 -45.09
C ARG B 235 40.14 -9.68 -44.88
N ILE B 236 39.42 -10.78 -44.67
CA ILE B 236 40.01 -12.08 -44.40
C ILE B 236 39.70 -12.98 -45.58
N ARG B 237 40.75 -13.54 -46.20
N ARG B 237 40.75 -13.55 -46.20
CA ARG B 237 40.61 -14.41 -47.36
CA ARG B 237 40.62 -14.41 -47.35
C ARG B 237 41.03 -15.83 -47.00
C ARG B 237 41.03 -15.82 -46.99
N VAL B 238 40.23 -16.80 -47.40
CA VAL B 238 40.47 -18.21 -47.13
C VAL B 238 40.43 -18.97 -48.44
N ASP B 239 41.44 -19.81 -48.67
CA ASP B 239 41.44 -20.76 -49.77
C ASP B 239 41.51 -22.18 -49.21
N LEU B 240 41.07 -23.13 -50.03
CA LEU B 240 40.98 -24.55 -49.63
C LEU B 240 41.73 -25.42 -50.62
N PRO B 241 43.06 -25.44 -50.57
CA PRO B 241 43.81 -26.37 -51.42
C PRO B 241 43.73 -27.79 -50.90
N LEU B 242 44.48 -28.71 -51.50
CA LEU B 242 44.51 -30.08 -51.01
C LEU B 242 45.08 -30.16 -49.61
N GLY B 243 46.10 -29.35 -49.32
CA GLY B 243 46.72 -29.32 -48.00
C GLY B 243 45.96 -28.47 -47.03
N THR B 244 46.69 -27.91 -46.06
CA THR B 244 46.06 -27.10 -45.02
C THR B 244 45.56 -25.77 -45.61
N PRO B 245 44.45 -25.25 -45.10
CA PRO B 245 43.96 -23.95 -45.58
C PRO B 245 44.92 -22.83 -45.22
N ALA B 246 44.94 -21.80 -46.07
CA ALA B 246 45.76 -20.62 -45.86
C ALA B 246 44.86 -19.41 -45.64
N VAL B 247 45.18 -18.62 -44.63
CA VAL B 247 44.39 -17.45 -44.25
C VAL B 247 45.26 -16.21 -44.35
N ASN B 248 44.77 -15.18 -45.02
CA ASN B 248 45.46 -13.90 -45.15
C ASN B 248 44.51 -12.78 -44.77
N CYS B 249 44.97 -11.87 -43.93
CA CYS B 249 44.20 -10.71 -43.49
C CYS B 249 44.85 -9.44 -43.99
N THR B 250 44.06 -8.56 -44.60
CA THR B 250 44.53 -7.29 -45.11
C THR B 250 43.74 -6.16 -44.46
N VAL B 251 44.45 -5.10 -44.07
CA VAL B 251 43.83 -3.94 -43.45
C VAL B 251 43.47 -2.95 -44.55
N LEU B 252 42.22 -2.47 -44.53
CA LEU B 252 41.74 -1.57 -45.56
C LEU B 252 41.23 -0.28 -44.95
N PRO B 253 41.36 0.84 -45.65
CA PRO B 253 40.89 2.12 -45.12
C PRO B 253 39.41 2.34 -45.43
N GLY B 254 38.88 3.41 -44.84
CA GLY B 254 37.49 3.78 -45.04
C GLY B 254 36.50 3.11 -44.11
N GLY B 255 36.97 2.47 -43.04
CA GLY B 255 36.07 1.80 -42.14
C GLY B 255 35.34 2.75 -41.20
N ILE B 256 34.38 2.19 -40.48
CA ILE B 256 33.57 2.95 -39.53
C ILE B 256 33.84 2.44 -38.13
N SER B 257 33.49 3.26 -37.15
CA SER B 257 33.69 2.96 -35.73
C SER B 257 32.32 2.80 -35.09
N VAL B 258 31.84 1.56 -35.02
CA VAL B 258 30.54 1.24 -34.44
C VAL B 258 30.61 -0.13 -33.79
N SER B 259 29.80 -0.32 -32.75
CA SER B 259 29.75 -1.58 -32.03
C SER B 259 28.30 -1.96 -31.81
N SER B 260 28.04 -3.28 -31.80
CA SER B 260 26.70 -3.83 -31.63
C SER B 260 25.72 -3.24 -32.65
N ALA B 261 26.14 -3.25 -33.92
CA ALA B 261 25.33 -2.76 -35.00
C ALA B 261 24.49 -3.91 -35.60
N ILE B 262 23.55 -3.55 -36.46
CA ILE B 262 22.60 -4.48 -37.04
C ILE B 262 22.83 -4.53 -38.55
N LEU B 263 22.95 -5.73 -39.10
CA LEU B 263 23.16 -5.95 -40.51
C LEU B 263 21.93 -6.56 -41.16
N THR B 264 21.61 -6.10 -42.37
CA THR B 264 20.54 -6.69 -43.16
C THR B 264 20.87 -6.51 -44.64
N GLN B 265 20.28 -7.38 -45.46
CA GLN B 265 20.53 -7.39 -46.90
C GLN B 265 19.32 -6.78 -47.61
N THR B 266 19.57 -5.71 -48.36
CA THR B 266 18.51 -5.05 -49.13
C THR B 266 18.47 -5.58 -50.57
N ASN B 267 19.62 -5.58 -51.23
CA ASN B 267 19.74 -6.06 -52.59
C ASN B 267 20.93 -7.02 -52.64
N ASN B 268 20.97 -7.85 -53.68
CA ASN B 268 22.09 -8.76 -53.87
C ASN B 268 23.39 -7.96 -53.96
N ASP B 269 24.43 -8.45 -53.28
CA ASP B 269 25.70 -7.74 -53.17
C ASP B 269 25.51 -6.34 -52.60
N GLU B 270 24.65 -6.23 -51.59
CA GLU B 270 24.34 -4.95 -50.98
C GLU B 270 23.84 -5.15 -49.55
N PHE B 271 24.49 -4.48 -48.60
CA PHE B 271 24.10 -4.52 -47.20
C PHE B 271 24.04 -3.10 -46.65
N VAL B 272 23.50 -2.97 -45.45
CA VAL B 272 23.41 -1.67 -44.78
C VAL B 272 23.64 -1.88 -43.28
N ILE B 273 24.37 -0.95 -42.66
CA ILE B 273 24.61 -0.94 -41.23
C ILE B 273 23.63 0.03 -40.59
N VAL B 274 22.81 -0.47 -39.66
CA VAL B 274 21.83 0.34 -38.95
C VAL B 274 22.02 0.13 -37.45
N GLY B 275 22.08 1.23 -36.71
CA GLY B 275 22.21 1.16 -35.27
C GLY B 275 23.64 0.94 -34.82
N GLY B 276 23.83 1.00 -33.50
CA GLY B 276 25.10 0.76 -32.87
C GLY B 276 25.45 1.86 -31.90
N TYR B 277 26.72 1.88 -31.48
CA TYR B 277 27.23 2.86 -30.54
C TYR B 277 28.52 3.44 -31.07
N GLN B 278 28.72 4.74 -30.86
CA GLN B 278 29.97 5.42 -31.21
C GLN B 278 30.88 5.60 -30.01
N LEU B 279 30.33 6.08 -28.90
CA LEU B 279 31.07 6.17 -27.64
C LEU B 279 30.29 5.48 -26.53
N GLU B 280 30.74 5.64 -25.28
CA GLU B 280 30.02 5.04 -24.16
C GLU B 280 28.61 5.61 -24.04
N ASN B 281 28.47 6.93 -24.19
CA ASN B 281 27.18 7.59 -24.12
C ASN B 281 26.70 8.10 -25.47
N GLN B 282 27.49 7.92 -26.52
CA GLN B 282 27.11 8.35 -27.87
C GLN B 282 26.48 7.18 -28.62
N LYS B 283 25.40 7.46 -29.33
CA LYS B 283 24.57 6.44 -29.94
C LYS B 283 24.37 6.74 -31.41
N ARG B 284 24.49 5.69 -32.23
CA ARG B 284 24.70 5.81 -33.67
C ARG B 284 23.41 6.25 -34.36
N MET B 285 23.39 7.49 -34.83
CA MET B 285 22.23 8.05 -35.53
C MET B 285 22.30 7.89 -37.05
N VAL B 286 23.42 7.42 -37.58
CA VAL B 286 23.64 7.40 -39.03
C VAL B 286 23.68 5.96 -39.52
N CYS B 287 23.32 5.78 -40.79
CA CYS B 287 23.33 4.47 -41.44
C CYS B 287 24.34 4.50 -42.58
N SER B 288 25.25 3.53 -42.60
CA SER B 288 26.28 3.43 -43.62
C SER B 288 25.86 2.38 -44.64
N LEU B 289 25.73 2.81 -45.90
CA LEU B 289 25.36 1.92 -46.99
C LEU B 289 26.62 1.35 -47.60
N VAL B 290 26.82 0.04 -47.44
CA VAL B 290 28.02 -0.64 -47.93
C VAL B 290 27.68 -1.33 -49.25
N SER B 291 28.52 -1.11 -50.26
CA SER B 291 28.37 -1.73 -51.57
C SER B 291 29.50 -2.72 -51.78
N LEU B 292 29.14 -3.95 -52.15
CA LEU B 292 30.12 -5.02 -52.30
C LEU B 292 30.55 -5.16 -53.76
N GLY B 293 31.61 -5.94 -53.96
CA GLY B 293 32.13 -6.16 -55.29
C GLY B 293 32.94 -7.43 -55.35
N ASP B 294 33.54 -7.67 -56.52
CA ASP B 294 34.34 -8.87 -56.71
C ASP B 294 35.59 -8.87 -55.84
N ASN B 295 36.33 -7.75 -55.84
CA ASN B 295 37.54 -7.62 -55.04
C ASN B 295 37.67 -6.25 -54.41
N THR B 296 36.57 -5.50 -54.30
CA THR B 296 36.58 -4.14 -53.79
C THR B 296 35.48 -3.97 -52.75
N ILE B 297 35.68 -3.00 -51.86
CA ILE B 297 34.70 -2.65 -50.84
C ILE B 297 34.49 -1.13 -50.91
N GLU B 298 33.29 -0.69 -50.56
CA GLU B 298 32.96 0.73 -50.60
C GLU B 298 31.83 1.00 -49.62
N ILE B 299 32.10 1.81 -48.61
CA ILE B 299 31.11 2.18 -47.59
C ILE B 299 30.69 3.61 -47.85
N SER B 300 29.38 3.84 -47.96
CA SER B 300 28.83 5.17 -48.19
C SER B 300 27.75 5.45 -47.16
N GLU B 301 27.52 6.73 -46.91
CA GLU B 301 26.52 7.15 -45.93
C GLU B 301 25.22 7.48 -46.65
N MET B 302 24.13 6.84 -46.23
CA MET B 302 22.81 7.09 -46.78
C MET B 302 22.06 8.08 -45.89
N GLU B 303 20.84 8.40 -46.30
CA GLU B 303 20.04 9.36 -45.56
C GLU B 303 19.65 8.82 -44.19
N THR B 304 19.57 9.70 -43.21
CA THR B 304 19.19 9.32 -41.86
C THR B 304 17.69 9.13 -41.76
N PRO B 305 17.20 7.97 -41.31
CA PRO B 305 15.75 7.79 -41.17
C PRO B 305 15.18 8.70 -40.09
N ASP B 306 13.89 8.99 -40.22
CA ASP B 306 13.22 9.92 -39.32
C ASP B 306 13.00 9.27 -37.96
N TRP B 307 14.02 9.32 -37.10
CA TRP B 307 13.88 8.77 -35.76
C TRP B 307 12.92 9.61 -34.92
N THR B 308 12.19 8.93 -34.04
CA THR B 308 11.26 9.60 -33.14
C THR B 308 11.98 10.13 -31.90
N SER B 309 11.26 10.91 -31.12
CA SER B 309 11.84 11.51 -29.92
C SER B 309 12.25 10.44 -28.91
N ASP B 310 11.43 9.38 -28.78
CA ASP B 310 11.75 8.32 -27.84
C ASP B 310 13.08 7.65 -28.19
N ILE B 311 13.31 7.39 -29.49
CA ILE B 311 14.58 6.80 -29.91
C ILE B 311 15.72 7.79 -29.73
N LYS B 312 15.50 9.05 -30.12
CA LYS B 312 16.59 10.02 -30.10
C LYS B 312 17.03 10.36 -28.69
N HIS B 313 16.12 10.29 -27.71
CA HIS B 313 16.44 10.65 -26.34
C HIS B 313 16.60 9.43 -25.44
N SER B 314 16.81 8.26 -26.04
CA SER B 314 17.05 7.04 -25.28
C SER B 314 18.55 6.83 -25.09
N LYS B 315 18.91 5.73 -24.44
CA LYS B 315 20.30 5.36 -24.25
C LYS B 315 20.67 4.02 -24.84
N ILE B 316 19.71 3.13 -25.06
CA ILE B 316 19.96 1.77 -25.54
C ILE B 316 18.90 1.40 -26.58
N TRP B 317 19.34 0.75 -27.66
CA TRP B 317 18.44 -0.08 -28.45
C TRP B 317 19.12 -1.40 -28.77
N PHE B 318 18.28 -2.40 -29.07
CA PHE B 318 18.74 -3.71 -29.45
C PHE B 318 17.87 -4.21 -30.58
N GLY B 319 18.43 -5.07 -31.43
CA GLY B 319 17.66 -5.56 -32.56
C GLY B 319 18.38 -6.67 -33.28
N SER B 320 17.72 -7.19 -34.31
CA SER B 320 18.25 -8.26 -35.13
C SER B 320 17.80 -8.02 -36.57
N ASN B 321 17.98 -9.03 -37.42
CA ASN B 321 17.66 -8.93 -38.83
C ASN B 321 16.48 -9.83 -39.16
N MET B 322 15.46 -9.26 -39.80
CA MET B 322 14.34 -10.06 -40.29
C MET B 322 14.72 -10.91 -41.48
N GLY B 323 15.60 -10.42 -42.34
CA GLY B 323 16.00 -11.14 -43.53
C GLY B 323 15.49 -10.52 -44.81
N ASN B 324 14.24 -10.06 -44.80
CA ASN B 324 13.63 -9.40 -45.95
C ASN B 324 13.79 -7.88 -45.89
N GLY B 325 15.02 -7.43 -45.67
CA GLY B 325 15.30 -6.00 -45.61
C GLY B 325 14.54 -5.26 -44.53
N THR B 326 14.38 -5.87 -43.36
CA THR B 326 13.66 -5.27 -42.26
C THR B 326 14.43 -5.52 -40.97
N ILE B 327 14.42 -4.53 -40.08
CA ILE B 327 15.10 -4.61 -38.80
C ILE B 327 14.11 -4.32 -37.68
N PHE B 328 14.14 -5.15 -36.65
CA PHE B 328 13.23 -5.08 -35.51
C PHE B 328 14.01 -4.59 -34.30
N LEU B 329 13.97 -3.28 -34.06
CA LEU B 329 14.68 -2.67 -32.95
C LEU B 329 13.69 -2.25 -31.86
N GLY B 330 14.17 -2.22 -30.62
CA GLY B 330 13.35 -1.85 -29.49
C GLY B 330 13.99 -0.79 -28.63
N ILE B 331 13.14 -0.05 -27.92
CA ILE B 331 13.57 1.03 -27.04
C ILE B 331 13.01 0.75 -25.66
N PRO B 332 13.82 0.75 -24.61
CA PRO B 332 13.28 0.49 -23.27
C PRO B 332 12.38 1.61 -22.79
N GLY B 333 11.35 1.24 -22.02
CA GLY B 333 10.43 2.21 -21.46
C GLY B 333 10.76 2.56 -20.01
N ASP B 334 10.16 3.65 -19.55
CA ASP B 334 10.35 4.12 -18.19
C ASP B 334 9.29 3.63 -17.22
N ASN B 335 8.33 2.81 -17.69
CA ASN B 335 7.26 2.34 -16.82
C ASN B 335 7.79 1.29 -15.84
N LYS B 336 8.24 0.15 -16.35
CA LYS B 336 8.78 -0.94 -15.55
C LYS B 336 7.79 -1.40 -14.49
N GLN B 337 7.61 -0.59 -13.44
CA GLN B 337 6.75 -0.97 -12.33
C GLN B 337 5.31 -1.19 -12.81
N ALA B 338 4.85 -0.37 -13.75
CA ALA B 338 3.51 -0.52 -14.31
C ALA B 338 3.36 -1.74 -15.21
N MET B 339 4.41 -2.58 -15.27
CA MET B 339 4.45 -3.85 -16.01
C MET B 339 4.00 -3.68 -17.45
N SER B 340 3.69 -4.79 -18.12
CA SER B 340 3.23 -4.79 -19.51
C SER B 340 4.26 -4.11 -20.41
N GLU B 341 4.06 -2.82 -20.68
CA GLU B 341 4.92 -2.10 -21.62
C GLU B 341 6.29 -1.81 -21.02
N ALA B 342 7.08 -2.86 -20.82
CA ALA B 342 8.45 -2.68 -20.33
C ALA B 342 9.39 -2.27 -21.46
N PHE B 343 9.07 -2.59 -22.70
CA PHE B 343 9.87 -2.22 -23.86
C PHE B 343 8.97 -1.68 -24.95
N TYR B 344 9.51 -0.73 -25.72
CA TYR B 344 8.82 -0.13 -26.85
C TYR B 344 9.51 -0.57 -28.13
N PHE B 345 8.75 -1.15 -29.05
CA PHE B 345 9.32 -1.80 -30.22
C PHE B 345 8.98 -1.01 -31.49
N TYR B 346 9.89 -1.08 -32.46
CA TYR B 346 9.74 -0.38 -33.73
C TYR B 346 10.19 -1.29 -34.85
N THR B 347 9.73 -0.98 -36.07
CA THR B 347 10.15 -1.68 -37.27
C THR B 347 10.71 -0.68 -38.27
N LEU B 348 11.72 -1.11 -39.01
CA LEU B 348 12.39 -0.25 -39.98
C LEU B 348 12.46 -0.97 -41.32
N ARG B 349 12.08 -0.29 -42.38
CA ARG B 349 12.07 -0.84 -43.72
C ARG B 349 13.24 -0.27 -44.52
N CYS B 350 14.00 -1.14 -45.17
CA CYS B 350 15.14 -0.72 -45.96
C CYS B 350 14.82 -0.79 -47.46
N GLY C 461 22.83 12.53 38.74
CA GLY C 461 21.61 13.32 38.82
C GLY C 461 20.57 12.88 37.81
N LEU C 462 20.39 13.69 36.76
CA LEU C 462 19.44 13.42 35.68
C LEU C 462 18.02 13.27 36.24
N GLN C 463 17.51 14.39 36.74
CA GLN C 463 16.18 14.52 37.33
C GLN C 463 15.11 13.91 36.42
N PRO C 464 13.96 13.49 37.00
CA PRO C 464 12.94 12.82 36.17
C PRO C 464 12.44 13.67 35.01
N ALA C 465 12.38 14.99 35.16
CA ALA C 465 11.98 15.82 34.03
C ALA C 465 12.96 15.69 32.87
N VAL C 466 14.26 15.74 33.16
CA VAL C 466 15.27 15.60 32.12
C VAL C 466 15.23 14.21 31.51
N CYS C 467 15.06 13.19 32.35
CA CYS C 467 14.98 11.82 31.83
C CYS C 467 13.78 11.64 30.91
N LEU C 468 12.63 12.21 31.29
CA LEU C 468 11.45 12.15 30.45
C LEU C 468 11.68 12.91 29.14
N ALA C 469 12.34 14.06 29.21
CA ALA C 469 12.65 14.81 28.00
C ALA C 469 13.52 13.99 27.06
N ILE C 470 14.54 13.33 27.59
CA ILE C 470 15.40 12.48 26.77
C ILE C 470 14.58 11.36 26.14
N ARG C 471 13.81 10.65 26.95
CA ARG C 471 13.04 9.51 26.47
C ARG C 471 12.04 9.93 25.39
N VAL C 472 11.47 11.11 25.51
CA VAL C 472 10.45 11.55 24.56
C VAL C 472 11.11 12.05 23.27
N ASN C 473 12.10 12.93 23.37
CA ASN C 473 12.67 13.55 22.18
C ASN C 473 13.62 12.63 21.43
N THR C 474 14.12 11.57 22.05
CA THR C 474 14.94 10.59 21.35
C THR C 474 14.11 9.47 20.74
N PHE C 475 12.78 9.59 20.75
CA PHE C 475 11.88 8.59 20.17
C PHE C 475 12.09 7.22 20.79
N LEU C 476 12.34 7.20 22.11
CA LEU C 476 12.56 5.95 22.84
C LEU C 476 11.25 5.54 23.51
N SER C 477 10.89 4.28 23.32
CA SER C 477 9.69 3.74 23.96
C SER C 477 9.99 3.41 25.42
N CYS C 478 8.91 3.13 26.16
CA CYS C 478 9.05 2.85 27.59
C CYS C 478 9.88 1.59 27.82
N SER C 479 9.66 0.54 27.04
CA SER C 479 10.42 -0.70 27.21
C SER C 479 11.90 -0.49 26.91
N GLN C 480 12.20 0.23 25.83
CA GLN C 480 13.60 0.46 25.46
C GLN C 480 14.30 1.34 26.49
N TYR C 481 13.59 2.35 26.99
CA TYR C 481 14.15 3.17 28.06
C TYR C 481 14.39 2.36 29.32
N HIS C 482 13.48 1.44 29.62
CA HIS C 482 13.67 0.55 30.77
C HIS C 482 14.91 -0.31 30.59
N LYS C 483 15.10 -0.85 29.39
CA LYS C 483 16.30 -1.65 29.11
C LYS C 483 17.57 -0.81 29.28
N MET C 484 17.57 0.40 28.73
CA MET C 484 18.75 1.26 28.84
C MET C 484 19.04 1.62 30.30
N TYR C 485 18.00 1.97 31.05
CA TYR C 485 18.19 2.31 32.45
C TYR C 485 18.70 1.12 33.25
N ARG C 486 18.14 -0.06 32.99
CA ARG C 486 18.56 -1.26 33.71
C ARG C 486 20.03 -1.58 33.44
N THR C 487 20.43 -1.54 32.16
CA THR C 487 21.81 -1.89 31.85
C THR C 487 22.78 -0.82 32.36
N VAL C 488 22.39 0.46 32.29
CA VAL C 488 23.26 1.52 32.80
C VAL C 488 23.45 1.38 34.30
N LYS C 489 22.35 1.11 35.03
CA LYS C 489 22.46 0.92 36.46
C LYS C 489 23.32 -0.30 36.78
N ALA C 490 23.11 -1.41 36.08
CA ALA C 490 23.86 -2.63 36.35
C ALA C 490 25.35 -2.43 36.10
N ILE C 491 25.71 -1.71 35.04
CA ILE C 491 27.12 -1.51 34.72
C ILE C 491 27.75 -0.50 35.66
N THR C 492 27.23 0.74 35.69
CA THR C 492 27.87 1.81 36.43
C THR C 492 27.74 1.66 37.94
N GLY C 493 26.75 0.92 38.43
CA GLY C 493 26.52 0.79 39.85
C GLY C 493 25.62 1.87 40.43
N ARG C 494 25.69 3.07 39.88
CA ARG C 494 24.87 4.17 40.34
C ARG C 494 23.53 4.19 39.62
N GLN C 495 22.67 5.14 39.98
CA GLN C 495 21.37 5.32 39.37
C GLN C 495 21.39 6.64 38.59
N ILE C 496 21.82 6.56 37.33
CA ILE C 496 21.89 7.75 36.50
C ILE C 496 20.52 8.13 35.97
N PHE C 497 19.80 7.15 35.41
CA PHE C 497 18.47 7.37 34.85
C PHE C 497 17.40 7.08 35.91
N GLN C 498 16.36 7.91 35.92
CA GLN C 498 15.28 7.76 36.88
C GLN C 498 14.32 6.65 36.45
N PRO C 499 13.62 6.04 37.39
CA PRO C 499 12.73 4.93 37.06
C PRO C 499 11.46 5.40 36.35
N LEU C 500 10.74 4.42 35.81
CA LEU C 500 9.55 4.70 35.01
C LEU C 500 8.43 5.31 35.84
N HIS C 501 8.30 4.90 37.11
CA HIS C 501 7.26 5.48 37.95
C HIS C 501 7.55 6.95 38.23
N ALA C 502 8.82 7.29 38.45
CA ALA C 502 9.18 8.70 38.60
C ALA C 502 8.94 9.47 37.32
N LEU C 503 9.24 8.85 36.17
CA LEU C 503 8.95 9.48 34.89
C LEU C 503 7.46 9.77 34.74
N ARG C 504 6.61 8.82 35.10
CA ARG C 504 5.17 9.03 35.01
C ARG C 504 4.69 10.10 35.98
N ASN C 505 5.26 10.12 37.19
CA ASN C 505 4.89 11.14 38.16
C ASN C 505 5.23 12.53 37.66
N ALA C 506 6.40 12.69 37.03
CA ALA C 506 6.72 13.95 36.38
C ALA C 506 5.87 14.19 35.14
N GLU C 507 5.40 13.12 34.50
CA GLU C 507 4.53 13.24 33.33
C GLU C 507 3.19 13.86 33.69
N LYS C 508 2.64 13.50 34.85
CA LYS C 508 1.31 13.99 35.23
C LYS C 508 1.25 15.51 35.34
N VAL C 509 2.39 16.17 35.54
CA VAL C 509 2.39 17.62 35.67
C VAL C 509 2.07 18.31 34.35
N LEU C 510 2.69 17.85 33.26
CA LEU C 510 2.52 18.49 31.95
C LEU C 510 1.19 18.18 31.30
N LEU C 511 0.55 17.07 31.66
CA LEU C 511 -0.69 16.67 31.02
C LEU C 511 -1.82 17.63 31.40
N PRO C 512 -2.80 17.81 30.52
CA PRO C 512 -3.95 18.66 30.86
C PRO C 512 -4.74 18.09 32.02
N GLY C 513 -5.26 18.98 32.85
CA GLY C 513 -6.07 18.59 33.99
C GLY C 513 -5.30 18.54 35.29
N TYR C 514 -4.33 19.43 35.46
CA TYR C 514 -3.53 19.46 36.68
C TYR C 514 -3.45 20.87 37.24
N HIS C 515 -3.63 21.87 36.38
CA HIS C 515 -3.47 23.24 36.85
C HIS C 515 -4.83 23.86 37.18
N PRO C 516 -4.88 24.75 38.17
CA PRO C 516 -6.15 25.41 38.50
C PRO C 516 -6.39 26.66 37.69
N PHE C 517 -7.56 26.75 37.05
CA PHE C 517 -7.91 27.90 36.22
C PHE C 517 -9.36 28.26 36.47
N GLU C 518 -9.69 29.53 36.26
CA GLU C 518 -11.04 30.04 36.44
C GLU C 518 -11.44 30.89 35.25
N TRP C 519 -12.68 30.73 34.81
CA TRP C 519 -13.23 31.48 33.69
C TRP C 519 -14.21 32.53 34.20
N GLN C 520 -14.11 33.73 33.65
CA GLN C 520 -14.99 34.83 34.03
C GLN C 520 -15.31 35.69 32.81
N PRO C 521 -16.55 35.65 32.30
CA PRO C 521 -17.69 34.87 32.80
C PRO C 521 -17.56 33.37 32.53
N PRO C 522 -18.24 32.55 33.33
CA PRO C 522 -18.17 31.10 33.14
C PRO C 522 -18.64 30.69 31.76
N LEU C 523 -17.98 29.69 31.20
CA LEU C 523 -18.30 29.23 29.86
C LEU C 523 -19.69 28.60 29.83
N LYS C 524 -20.43 28.90 28.77
CA LYS C 524 -21.77 28.35 28.62
C LYS C 524 -21.69 26.88 28.22
N ASN C 525 -22.46 26.03 28.92
CA ASN C 525 -22.57 24.60 28.63
C ASN C 525 -21.22 23.89 28.74
N VAL C 526 -20.32 24.41 29.58
CA VAL C 526 -19.02 23.82 29.81
C VAL C 526 -18.85 23.63 31.32
N SER C 527 -18.40 22.45 31.72
CA SER C 527 -18.21 22.16 33.14
C SER C 527 -17.10 23.03 33.73
N SER C 528 -17.24 23.32 35.01
CA SER C 528 -16.32 24.19 35.73
C SER C 528 -15.15 23.44 36.36
N ARG C 529 -15.08 22.12 36.19
CA ARG C 529 -13.99 21.35 36.77
C ARG C 529 -12.66 21.69 36.13
N THR C 530 -11.59 21.61 36.92
CA THR C 530 -10.24 21.92 36.46
C THR C 530 -9.31 20.70 36.52
N ASP C 531 -9.87 19.51 36.67
CA ASP C 531 -9.09 18.28 36.81
C ASP C 531 -9.58 17.22 35.83
N VAL C 532 -9.77 17.60 34.58
CA VAL C 532 -10.25 16.70 33.55
C VAL C 532 -9.14 16.47 32.53
N GLY C 533 -8.99 15.21 32.10
CA GLY C 533 -7.95 14.86 31.15
C GLY C 533 -8.49 14.22 29.89
N ILE C 534 -8.08 12.99 29.62
CA ILE C 534 -8.56 12.27 28.45
C ILE C 534 -10.01 11.88 28.66
N ILE C 535 -10.88 12.27 27.74
CA ILE C 535 -12.29 11.92 27.78
C ILE C 535 -12.68 11.30 26.44
N ASP C 536 -13.75 10.51 26.46
CA ASP C 536 -14.22 9.86 25.26
C ASP C 536 -14.65 10.90 24.22
N GLY C 537 -14.19 10.72 22.99
CA GLY C 537 -14.54 11.65 21.93
C GLY C 537 -15.98 11.58 21.48
N LEU C 538 -16.66 10.46 21.76
CA LEU C 538 -18.07 10.33 21.41
C LEU C 538 -18.94 11.32 22.19
N SER C 539 -18.45 11.82 23.32
CA SER C 539 -19.14 12.83 24.12
C SER C 539 -20.55 12.37 24.51
N GLY C 540 -20.62 11.14 25.05
CA GLY C 540 -21.89 10.62 25.51
C GLY C 540 -22.83 10.20 24.41
N LEU C 541 -22.33 9.98 23.19
CA LEU C 541 -23.17 9.47 22.13
C LEU C 541 -23.61 8.05 22.44
N ALA C 542 -24.92 7.86 22.55
CA ALA C 542 -25.45 6.56 22.97
C ALA C 542 -25.29 5.55 21.85
N SER C 543 -24.69 4.40 22.18
CA SER C 543 -24.48 3.32 21.22
C SER C 543 -25.60 2.27 21.29
N SER C 544 -26.82 2.70 21.61
CA SER C 544 -27.93 1.77 21.73
C SER C 544 -28.25 1.15 20.37
N VAL C 545 -28.71 -0.10 20.42
CA VAL C 545 -29.02 -0.84 19.21
C VAL C 545 -30.22 -0.22 18.47
N ASP C 546 -31.11 0.43 19.22
CA ASP C 546 -32.34 0.97 18.63
C ASP C 546 -32.11 2.17 17.72
N GLU C 547 -30.91 2.75 17.72
CA GLU C 547 -30.70 3.97 16.95
C GLU C 547 -29.47 3.88 16.06
N TYR C 548 -29.04 5.03 15.52
CA TYR C 548 -27.99 5.05 14.52
C TYR C 548 -26.71 4.41 15.06
N PRO C 549 -26.10 3.49 14.32
CA PRO C 549 -24.90 2.80 14.81
C PRO C 549 -23.68 3.70 14.82
N VAL C 550 -22.78 3.44 15.76
CA VAL C 550 -21.51 4.15 15.86
C VAL C 550 -20.39 3.14 15.67
N ASP C 551 -19.42 3.50 14.83
CA ASP C 551 -18.29 2.65 14.54
C ASP C 551 -16.99 3.45 14.57
N THR C 552 -16.84 4.30 15.57
CA THR C 552 -15.70 5.20 15.66
C THR C 552 -15.07 5.12 17.05
N ILE C 553 -13.77 5.30 17.10
CA ILE C 553 -13.03 5.45 18.35
C ILE C 553 -12.41 6.84 18.36
N ALA C 554 -12.71 7.60 19.41
CA ALA C 554 -12.21 8.97 19.52
C ALA C 554 -11.87 9.29 20.97
N LYS C 555 -10.69 9.89 21.17
CA LYS C 555 -10.28 10.39 22.46
C LYS C 555 -9.83 11.83 22.30
N ARG C 556 -10.21 12.68 23.26
CA ARG C 556 -9.95 14.11 23.14
C ARG C 556 -9.79 14.72 24.51
N PHE C 557 -9.15 15.88 24.53
CA PHE C 557 -9.02 16.71 25.72
C PHE C 557 -10.15 17.74 25.76
N ARG C 558 -10.44 18.23 26.96
CA ARG C 558 -11.22 19.45 27.05
C ARG C 558 -10.37 20.61 26.57
N TYR C 559 -10.92 21.40 25.63
CA TYR C 559 -10.07 22.32 24.88
C TYR C 559 -9.57 23.46 25.76
N ASP C 560 -10.39 23.91 26.71
CA ASP C 560 -9.92 24.94 27.64
C ASP C 560 -8.77 24.43 28.52
N SER C 561 -8.88 23.19 29.00
CA SER C 561 -7.79 22.60 29.78
C SER C 561 -6.54 22.45 28.93
N ALA C 562 -6.70 22.05 27.67
CA ALA C 562 -5.56 21.94 26.77
C ALA C 562 -4.89 23.29 26.55
N LEU C 563 -5.69 24.35 26.38
CA LEU C 563 -5.14 25.69 26.24
C LEU C 563 -4.38 26.11 27.49
N VAL C 564 -4.95 25.81 28.67
CA VAL C 564 -4.28 26.19 29.91
C VAL C 564 -2.94 25.47 30.04
N SER C 565 -2.91 24.17 29.75
CA SER C 565 -1.67 23.42 29.84
C SER C 565 -0.65 23.90 28.81
N ALA C 566 -1.10 24.21 27.59
CA ALA C 566 -0.19 24.72 26.58
C ALA C 566 0.38 26.07 27.00
N LEU C 567 -0.46 26.93 27.59
CA LEU C 567 0.01 28.24 28.05
C LEU C 567 1.04 28.09 29.16
N MET C 568 0.82 27.17 30.10
CA MET C 568 1.77 27.00 31.19
C MET C 568 3.01 26.22 30.79
N ASP C 569 2.97 25.49 29.67
CA ASP C 569 4.19 24.87 29.16
C ASP C 569 5.21 25.92 28.73
N MET C 570 4.74 26.99 28.09
CA MET C 570 5.59 28.09 27.67
C MET C 570 5.61 29.24 28.67
N GLU C 571 5.45 28.93 29.96
CA GLU C 571 5.39 29.97 30.98
C GLU C 571 6.70 30.76 31.04
N GLU C 572 7.82 30.05 31.18
CA GLU C 572 9.11 30.73 31.22
C GLU C 572 9.46 31.37 29.89
N ASP C 573 9.00 30.80 28.79
CA ASP C 573 9.26 31.41 27.49
C ASP C 573 8.53 32.74 27.34
N ILE C 574 7.27 32.79 27.80
CA ILE C 574 6.54 34.05 27.78
C ILE C 574 7.18 35.06 28.72
N LEU C 575 7.64 34.60 29.89
CA LEU C 575 8.35 35.51 30.80
C LEU C 575 9.59 36.10 30.14
N GLU C 576 10.38 35.25 29.47
CA GLU C 576 11.59 35.74 28.82
C GLU C 576 11.27 36.69 27.67
N GLY C 577 10.24 36.37 26.88
CA GLY C 577 9.87 37.25 25.79
C GLY C 577 9.36 38.59 26.26
N MET C 578 8.63 38.60 27.38
CA MET C 578 8.12 39.85 27.92
C MET C 578 9.23 40.65 28.61
N ARG C 579 10.24 39.96 29.15
CA ARG C 579 11.41 40.65 29.69
C ARG C 579 12.22 41.29 28.58
N SER C 580 12.40 40.59 27.46
CA SER C 580 13.24 41.09 26.37
C SER C 580 12.66 42.33 25.71
N GLN C 581 11.36 42.58 25.87
CA GLN C 581 10.71 43.74 25.27
C GLN C 581 10.78 44.97 26.18
N ASP C 582 11.65 44.95 27.19
CA ASP C 582 11.80 46.06 28.14
C ASP C 582 10.51 46.33 28.92
N LEU C 583 9.71 45.29 29.12
CA LEU C 583 8.52 45.36 29.96
C LEU C 583 8.83 44.79 31.34
N ASP C 584 7.85 44.87 32.23
CA ASP C 584 8.00 44.33 33.58
C ASP C 584 7.80 42.82 33.55
N ASP C 585 7.94 42.18 34.71
CA ASP C 585 7.75 40.74 34.85
C ASP C 585 6.44 40.38 35.53
N TYR C 586 5.92 41.26 36.38
CA TYR C 586 4.68 41.02 37.11
C TYR C 586 3.46 41.62 36.43
N LEU C 587 3.62 42.19 35.23
CA LEU C 587 2.50 42.82 34.55
C LEU C 587 1.47 41.77 34.16
N ASN C 588 0.20 42.05 34.48
CA ASN C 588 -0.89 41.10 34.27
C ASN C 588 -1.98 41.69 33.39
N GLY C 589 -1.59 42.34 32.30
CA GLY C 589 -2.54 42.87 31.35
C GLY C 589 -3.24 41.75 30.60
N PRO C 590 -4.35 42.06 29.95
CA PRO C 590 -5.06 41.02 29.19
C PRO C 590 -4.29 40.56 27.96
N PHE C 591 -3.75 39.35 28.02
CA PHE C 591 -3.02 38.80 26.88
C PHE C 591 -3.99 38.48 25.75
N THR C 592 -3.53 38.68 24.52
CA THR C 592 -4.28 38.32 23.32
C THR C 592 -3.53 37.18 22.62
N VAL C 593 -4.12 35.99 22.65
CA VAL C 593 -3.51 34.78 22.11
C VAL C 593 -4.26 34.39 20.85
N VAL C 594 -3.51 34.13 19.77
CA VAL C 594 -4.07 33.66 18.51
C VAL C 594 -3.69 32.20 18.33
N VAL C 595 -4.69 31.37 18.03
CA VAL C 595 -4.50 29.92 17.92
C VAL C 595 -4.91 29.50 16.52
N LYS C 596 -4.03 28.75 15.87
CA LYS C 596 -4.29 28.21 14.53
C LYS C 596 -4.72 26.76 14.65
N GLU C 597 -5.96 26.47 14.28
CA GLU C 597 -6.51 25.13 14.35
C GLU C 597 -6.40 24.44 13.00
N SER C 598 -5.98 23.18 13.02
CA SER C 598 -5.77 22.41 11.80
C SER C 598 -6.44 21.05 11.93
N CYS C 599 -7.21 20.68 10.91
CA CYS C 599 -7.85 19.37 10.82
C CYS C 599 -7.52 18.75 9.48
N ASP C 600 -7.19 17.46 9.49
CA ASP C 600 -6.82 16.77 8.27
C ASP C 600 -7.14 15.29 8.41
N GLY C 601 -7.85 14.74 7.43
CA GLY C 601 -8.11 13.32 7.40
C GLY C 601 -6.91 12.54 6.91
N MET C 602 -6.95 11.23 7.12
CA MET C 602 -5.87 10.34 6.73
C MET C 602 -6.46 9.06 6.15
N GLY C 603 -5.58 8.25 5.56
CA GLY C 603 -5.97 6.98 4.98
C GLY C 603 -4.90 5.93 5.19
N ASP C 604 -5.27 4.70 4.86
CA ASP C 604 -4.37 3.55 4.93
C ASP C 604 -3.82 3.34 6.34
N VAL C 605 -4.67 3.50 7.34
CA VAL C 605 -4.36 3.12 8.71
C VAL C 605 -5.00 1.77 8.98
N SER C 606 -4.18 0.80 9.37
CA SER C 606 -4.65 -0.57 9.50
C SER C 606 -5.54 -0.72 10.73
N GLU C 607 -6.71 -1.33 10.54
CA GLU C 607 -7.58 -1.63 11.66
C GLU C 607 -7.03 -2.82 12.45
N LYS C 608 -7.11 -2.73 13.76
CA LYS C 608 -6.61 -3.79 14.62
C LYS C 608 -7.69 -4.84 14.86
N HIS C 609 -7.25 -6.02 15.30
CA HIS C 609 -8.16 -7.08 15.68
C HIS C 609 -8.73 -6.80 17.07
N GLY C 610 -9.51 -7.74 17.58
CA GLY C 610 -10.06 -7.63 18.92
C GLY C 610 -11.48 -7.12 18.93
N SER C 611 -12.02 -7.06 20.15
CA SER C 611 -13.38 -6.60 20.35
C SER C 611 -13.50 -5.09 20.10
N GLY C 612 -14.66 -4.68 19.61
CA GLY C 612 -14.93 -3.30 19.33
C GLY C 612 -15.78 -3.11 18.10
N PRO C 613 -16.07 -1.85 17.76
CA PRO C 613 -16.89 -1.57 16.57
C PRO C 613 -16.10 -1.79 15.29
N ALA C 614 -16.84 -1.91 14.19
CA ALA C 614 -16.25 -2.07 12.87
C ALA C 614 -15.69 -0.73 12.42
N VAL C 615 -14.52 -0.40 12.97
CA VAL C 615 -13.87 0.89 12.73
C VAL C 615 -13.30 0.92 11.32
N PRO C 616 -13.48 2.00 10.57
CA PRO C 616 -12.91 2.09 9.22
C PRO C 616 -11.40 2.21 9.27
N GLU C 617 -10.80 2.17 8.08
CA GLU C 617 -9.35 2.27 7.92
C GLU C 617 -8.91 3.69 7.59
N LYS C 618 -9.59 4.69 8.12
CA LYS C 618 -9.23 6.09 7.93
C LYS C 618 -9.23 6.79 9.27
N ALA C 619 -8.43 7.86 9.37
CA ALA C 619 -8.28 8.61 10.61
C ALA C 619 -8.42 10.09 10.34
N VAL C 620 -8.98 10.81 11.31
CA VAL C 620 -9.11 12.26 11.27
C VAL C 620 -8.53 12.82 12.56
N ARG C 621 -7.65 13.81 12.44
CA ARG C 621 -6.98 14.42 13.58
C ARG C 621 -7.31 15.89 13.67
N PHE C 622 -7.45 16.38 14.89
CA PHE C 622 -7.66 17.80 15.16
C PHE C 622 -6.52 18.29 16.05
N SER C 623 -5.93 19.42 15.68
CA SER C 623 -4.79 19.94 16.43
C SER C 623 -4.78 21.46 16.33
N PHE C 624 -4.05 22.08 17.27
CA PHE C 624 -3.97 23.53 17.34
C PHE C 624 -2.55 23.94 17.68
N THR C 625 -2.20 25.18 17.30
CA THR C 625 -0.89 25.74 17.56
C THR C 625 -1.06 27.15 18.14
N VAL C 626 -0.15 27.51 19.04
CA VAL C 626 -0.10 28.86 19.62
C VAL C 626 0.95 29.63 18.85
N MET C 627 0.50 30.60 18.04
CA MET C 627 1.40 31.31 17.13
C MET C 627 1.95 32.59 17.77
N ARG C 628 1.07 33.50 18.17
CA ARG C 628 1.47 34.82 18.66
C ARG C 628 0.71 35.14 19.94
N ILE C 629 1.43 35.70 20.91
CA ILE C 629 0.86 36.13 22.17
C ILE C 629 1.26 37.59 22.39
N THR C 630 0.27 38.46 22.60
CA THR C 630 0.49 39.88 22.71
C THR C 630 -0.10 40.41 24.01
N ILE C 631 0.54 41.44 24.56
CA ILE C 631 0.07 42.13 25.76
C ILE C 631 -0.17 43.59 25.43
N GLU C 632 -1.25 44.15 25.98
CA GLU C 632 -1.59 45.55 25.78
C GLU C 632 -0.83 46.40 26.80
N HIS C 633 0.22 47.08 26.33
CA HIS C 633 1.02 47.97 27.17
C HIS C 633 0.93 49.38 26.61
N GLY C 634 0.64 50.34 27.48
CA GLY C 634 0.46 51.70 27.03
C GLY C 634 -0.75 51.80 26.12
N SER C 635 -0.56 52.40 24.95
CA SER C 635 -1.64 52.55 23.99
C SER C 635 -1.61 51.55 22.84
N GLN C 636 -0.43 51.02 22.52
CA GLN C 636 -0.27 50.08 21.42
C GLN C 636 -0.18 48.66 21.94
N ASN C 637 0.03 47.72 21.03
CA ASN C 637 0.15 46.30 21.34
C ASN C 637 1.55 45.83 20.97
N VAL C 638 2.22 45.16 21.91
CA VAL C 638 3.59 44.72 21.72
C VAL C 638 3.60 43.19 21.59
N LYS C 639 4.44 42.69 20.68
CA LYS C 639 4.48 41.27 20.35
C LYS C 639 5.46 40.57 21.29
N VAL C 640 4.95 39.63 22.08
CA VAL C 640 5.71 39.00 23.16
C VAL C 640 6.25 37.63 22.74
N PHE C 641 5.37 36.71 22.37
CA PHE C 641 5.76 35.36 22.02
C PHE C 641 5.73 35.20 20.51
N GLU C 642 6.81 34.65 19.96
CA GLU C 642 6.97 34.46 18.52
C GLU C 642 7.28 33.01 18.24
N GLU C 643 6.49 32.38 17.37
CA GLU C 643 6.78 31.01 16.96
C GLU C 643 7.84 31.03 15.88
N PRO C 644 8.99 30.39 16.08
CA PRO C 644 10.07 30.46 15.08
C PRO C 644 9.84 29.54 13.90
N LYS C 645 9.24 28.37 14.15
CA LYS C 645 8.98 27.37 13.13
C LYS C 645 7.51 26.99 13.18
N PRO C 646 6.63 27.81 12.62
CA PRO C 646 5.19 27.52 12.69
C PRO C 646 4.79 26.21 12.03
N ASN C 647 5.50 25.80 10.97
CA ASN C 647 5.16 24.59 10.23
C ASN C 647 5.95 23.37 10.71
N SER C 648 6.35 23.34 11.97
CA SER C 648 7.13 22.25 12.53
C SER C 648 6.24 21.29 13.31
N GLU C 649 6.69 20.05 13.41
CA GLU C 649 5.97 19.03 14.17
C GLU C 649 6.09 19.23 15.68
N LEU C 650 7.00 20.09 16.14
CA LEU C 650 7.22 20.31 17.56
C LEU C 650 6.24 21.31 18.16
N CYS C 651 5.38 21.94 17.35
CA CYS C 651 4.43 22.92 17.85
C CYS C 651 2.98 22.58 17.56
N CYS C 652 2.71 21.55 16.76
CA CYS C 652 1.34 21.18 16.41
C CYS C 652 0.80 20.27 17.52
N LYS C 653 0.16 20.88 18.51
CA LYS C 653 -0.34 20.14 19.67
C LYS C 653 -1.65 19.44 19.31
N PRO C 654 -1.74 18.12 19.45
CA PRO C 654 -2.96 17.41 19.09
C PRO C 654 -4.10 17.72 20.05
N LEU C 655 -5.32 17.62 19.54
CA LEU C 655 -6.53 17.87 20.32
C LEU C 655 -7.48 16.69 20.38
N CYS C 656 -7.75 16.04 19.25
CA CYS C 656 -8.76 14.99 19.19
C CYS C 656 -8.39 14.03 18.08
N LEU C 657 -8.31 12.75 18.40
CA LEU C 657 -7.93 11.71 17.46
C LEU C 657 -9.11 10.76 17.27
N MET C 658 -9.84 10.94 16.17
CA MET C 658 -10.98 10.11 15.82
C MET C 658 -10.61 9.21 14.66
N LEU C 659 -10.93 7.92 14.78
CA LEU C 659 -10.58 6.93 13.78
C LEU C 659 -11.78 6.67 12.87
N ALA C 660 -12.09 7.66 12.05
CA ALA C 660 -13.23 7.62 11.14
C ALA C 660 -12.85 8.21 9.80
N ASP C 661 -13.85 8.35 8.93
CA ASP C 661 -13.67 8.83 7.57
C ASP C 661 -14.16 10.26 7.48
N GLU C 662 -13.36 11.12 6.85
CA GLU C 662 -13.77 12.51 6.66
C GLU C 662 -14.90 12.64 5.63
N SER C 663 -15.07 11.64 4.76
CA SER C 663 -16.19 11.66 3.82
C SER C 663 -17.51 11.54 4.57
N ASP C 664 -17.56 10.68 5.59
CA ASP C 664 -18.75 10.58 6.43
C ASP C 664 -18.98 11.89 7.17
N HIS C 665 -20.21 12.39 7.15
CA HIS C 665 -20.53 13.68 7.73
C HIS C 665 -21.18 13.56 9.11
N GLU C 666 -22.02 12.55 9.31
CA GLU C 666 -22.75 12.43 10.57
C GLU C 666 -21.80 12.21 11.74
N THR C 667 -20.91 11.23 11.64
CA THR C 667 -19.98 10.94 12.73
C THR C 667 -19.01 12.11 12.94
N LEU C 668 -18.54 12.72 11.85
CA LEU C 668 -17.63 13.85 11.98
C LEU C 668 -18.29 15.00 12.73
N THR C 669 -19.52 15.34 12.35
CA THR C 669 -20.23 16.41 13.05
C THR C 669 -20.49 16.04 14.51
N ALA C 670 -20.89 14.79 14.76
CA ALA C 670 -21.17 14.37 16.13
C ALA C 670 -19.93 14.48 17.00
N ILE C 671 -18.76 14.12 16.47
CA ILE C 671 -17.55 14.12 17.28
C ILE C 671 -17.01 15.54 17.46
N LEU C 672 -17.08 16.37 16.42
CA LEU C 672 -16.51 17.71 16.51
C LEU C 672 -17.49 18.77 17.01
N SER C 673 -18.75 18.43 17.27
CA SER C 673 -19.68 19.41 17.82
C SER C 673 -19.26 19.93 19.19
N PRO C 674 -18.88 19.09 20.16
CA PRO C 674 -18.50 19.66 21.48
C PRO C 674 -17.31 20.61 21.41
N LEU C 675 -16.34 20.32 20.53
CA LEU C 675 -15.19 21.22 20.40
C LEU C 675 -15.62 22.58 19.89
N ILE C 676 -16.50 22.62 18.90
CA ILE C 676 -17.00 23.89 18.38
C ILE C 676 -17.83 24.61 19.42
N ALA C 677 -18.60 23.85 20.21
CA ALA C 677 -19.37 24.48 21.29
C ALA C 677 -18.45 25.13 22.32
N GLU C 678 -17.37 24.43 22.70
CA GLU C 678 -16.41 25.02 23.63
C GLU C 678 -15.74 26.24 23.03
N ARG C 679 -15.39 26.18 21.74
CA ARG C 679 -14.78 27.33 21.08
C ARG C 679 -15.71 28.54 21.10
N GLU C 680 -16.99 28.32 20.77
CA GLU C 680 -17.96 29.41 20.78
C GLU C 680 -18.15 29.98 22.18
N ALA C 681 -18.18 29.10 23.19
CA ALA C 681 -18.31 29.58 24.57
C ALA C 681 -17.11 30.42 24.97
N MET C 682 -15.90 29.99 24.59
CA MET C 682 -14.68 30.70 24.99
C MET C 682 -14.41 31.94 24.15
N LYS C 683 -15.05 32.09 22.99
CA LYS C 683 -14.78 33.24 22.15
C LYS C 683 -15.28 34.56 22.75
N SER C 684 -16.07 34.52 23.82
CA SER C 684 -16.61 35.72 24.45
C SER C 684 -16.42 35.66 25.96
N SER C 685 -15.20 35.32 26.39
CA SER C 685 -14.91 35.19 27.82
C SER C 685 -13.42 35.42 28.02
N GLU C 686 -13.01 35.49 29.28
CA GLU C 686 -11.62 35.67 29.67
C GLU C 686 -11.22 34.61 30.67
N LEU C 687 -9.94 34.23 30.64
CA LEU C 687 -9.40 33.18 31.49
C LEU C 687 -8.35 33.77 32.44
N THR C 688 -8.51 33.47 33.73
CA THR C 688 -7.56 33.88 34.75
C THR C 688 -6.69 32.69 35.14
N LEU C 689 -5.37 32.88 35.07
CA LEU C 689 -4.43 31.80 35.32
C LEU C 689 -3.31 32.28 36.24
N GLU C 690 -2.94 31.44 37.20
CA GLU C 690 -1.87 31.74 38.15
C GLU C 690 -0.55 31.44 37.44
N MET C 691 0.05 32.46 36.87
CA MET C 691 1.25 32.32 36.03
C MET C 691 2.42 33.03 36.71
N GLY C 692 3.40 32.24 37.13
CA GLY C 692 4.62 32.80 37.72
C GLY C 692 4.40 33.56 39.01
N GLY C 693 3.46 33.10 39.84
CA GLY C 693 3.20 33.72 41.12
C GLY C 693 2.30 34.94 41.07
N ILE C 694 1.88 35.37 39.89
CA ILE C 694 0.99 36.52 39.75
C ILE C 694 -0.18 36.13 38.84
N PRO C 695 -1.42 36.31 39.27
CA PRO C 695 -2.56 35.99 38.40
C PRO C 695 -2.55 36.84 37.13
N ARG C 696 -2.90 36.22 36.01
CA ARG C 696 -2.91 36.89 34.72
C ARG C 696 -4.16 36.50 33.95
N THR C 697 -4.59 37.38 33.05
CA THR C 697 -5.80 37.20 32.28
C THR C 697 -5.47 36.98 30.80
N PHE C 698 -6.28 36.17 30.14
CA PHE C 698 -6.07 35.79 28.75
C PHE C 698 -7.36 35.94 27.96
N LYS C 699 -7.24 36.46 26.74
CA LYS C 699 -8.32 36.45 25.75
C LYS C 699 -7.80 35.83 24.47
N PHE C 700 -8.66 35.09 23.77
CA PHE C 700 -8.22 34.23 22.69
C PHE C 700 -8.86 34.65 21.37
N ILE C 701 -8.08 34.49 20.29
CA ILE C 701 -8.54 34.70 18.92
C ILE C 701 -8.26 33.42 18.14
N PHE C 702 -9.25 32.95 17.39
CA PHE C 702 -9.19 31.66 16.74
C PHE C 702 -9.13 31.83 15.23
N ARG C 703 -8.25 31.08 14.58
CA ARG C 703 -8.05 31.15 13.14
C ARG C 703 -8.04 29.73 12.58
N GLY C 704 -9.05 29.40 11.79
CA GLY C 704 -9.14 28.08 11.18
C GLY C 704 -8.54 28.02 9.79
N THR C 705 -7.21 28.09 9.71
CA THR C 705 -6.53 28.10 8.41
C THR C 705 -5.93 26.76 8.04
N GLY C 706 -5.85 25.80 8.96
CA GLY C 706 -5.21 24.53 8.69
C GLY C 706 -6.11 23.49 8.07
N TYR C 707 -6.82 23.86 7.01
CA TYR C 707 -7.68 22.93 6.29
C TYR C 707 -7.35 22.99 4.80
N ASP C 708 -7.60 21.88 4.11
CA ASP C 708 -7.46 21.86 2.67
C ASP C 708 -8.80 22.13 1.99
N GLU C 709 -8.77 22.25 0.67
CA GLU C 709 -9.94 22.71 -0.08
C GLU C 709 -11.11 21.76 0.08
N LYS C 710 -10.86 20.45 0.01
CA LYS C 710 -11.95 19.48 0.09
C LYS C 710 -12.63 19.53 1.45
N LEU C 711 -11.83 19.57 2.52
CA LEU C 711 -12.40 19.65 3.86
C LEU C 711 -13.18 20.95 4.06
N VAL C 712 -12.60 22.07 3.60
CA VAL C 712 -13.29 23.36 3.73
C VAL C 712 -14.64 23.31 3.03
N ARG C 713 -14.67 22.80 1.80
CA ARG C 713 -15.91 22.76 1.05
C ARG C 713 -16.93 21.85 1.69
N GLU C 714 -16.51 20.66 2.14
CA GLU C 714 -17.48 19.74 2.73
C GLU C 714 -17.91 20.16 4.13
N VAL C 715 -17.19 21.08 4.76
CA VAL C 715 -17.60 21.58 6.07
C VAL C 715 -18.52 22.78 5.93
N GLU C 716 -18.04 23.86 5.33
CA GLU C 716 -18.78 25.13 5.38
C GLU C 716 -19.72 25.27 4.18
N GLY C 717 -20.52 24.24 3.97
CA GLY C 717 -21.66 24.32 3.06
C GLY C 717 -21.47 24.13 1.57
N LEU C 718 -20.28 24.44 1.05
CA LEU C 718 -20.06 24.37 -0.39
C LEU C 718 -20.17 22.93 -0.89
N GLU C 719 -20.41 22.80 -2.19
CA GLU C 719 -20.71 21.50 -2.79
C GLU C 719 -19.50 20.95 -3.53
N ALA C 720 -19.17 19.69 -3.24
CA ALA C 720 -18.12 18.93 -3.92
C ALA C 720 -16.81 19.72 -3.87
N SER C 721 -15.92 19.49 -4.85
CA SER C 721 -14.67 20.23 -4.95
C SER C 721 -14.49 20.78 -6.35
N GLY C 722 -15.08 20.10 -7.34
CA GLY C 722 -15.06 20.59 -8.71
C GLY C 722 -16.45 20.78 -9.26
N SER C 723 -16.82 22.03 -9.51
CA SER C 723 -18.19 22.34 -9.94
C SER C 723 -18.16 23.68 -10.68
N VAL C 724 -19.34 24.25 -10.89
CA VAL C 724 -19.45 25.53 -11.57
C VAL C 724 -18.78 26.62 -10.74
N TYR C 725 -19.04 26.63 -9.43
CA TYR C 725 -18.40 27.58 -8.53
C TYR C 725 -17.12 26.95 -7.98
N ILE C 726 -16.03 27.71 -8.05
CA ILE C 726 -14.69 27.18 -7.86
C ILE C 726 -14.07 27.65 -6.54
N CYS C 727 -14.13 28.95 -6.27
CA CYS C 727 -13.41 29.51 -5.13
C CYS C 727 -14.23 29.43 -3.86
N THR C 728 -13.55 29.23 -2.73
CA THR C 728 -14.17 29.25 -1.42
C THR C 728 -14.13 30.63 -0.78
N LEU C 729 -13.60 31.63 -1.47
CA LEU C 729 -13.52 32.99 -0.96
C LEU C 729 -14.42 33.98 -1.70
N CYS C 730 -14.91 33.62 -2.89
CA CYS C 730 -15.75 34.52 -3.66
C CYS C 730 -16.79 33.71 -4.42
N ASP C 731 -17.82 34.40 -4.91
CA ASP C 731 -18.94 33.79 -5.60
C ASP C 731 -18.72 33.65 -7.10
N THR C 732 -17.46 33.58 -7.54
CA THR C 732 -17.15 33.59 -8.96
C THR C 732 -17.35 32.22 -9.59
N THR C 733 -17.98 32.20 -10.75
CA THR C 733 -18.13 30.98 -11.53
C THR C 733 -16.87 30.68 -12.33
N ARG C 734 -16.77 29.43 -12.79
CA ARG C 734 -15.57 28.97 -13.49
C ARG C 734 -15.35 29.73 -14.79
N LEU C 735 -16.41 29.96 -15.55
CA LEU C 735 -16.27 30.59 -16.86
C LEU C 735 -15.79 32.04 -16.73
N GLU C 736 -16.45 32.82 -15.88
CA GLU C 736 -16.03 34.20 -15.72
C GLU C 736 -14.71 34.32 -14.96
N ALA C 737 -14.37 33.31 -14.15
CA ALA C 737 -13.03 33.28 -13.55
C ALA C 737 -11.97 33.09 -14.63
N SER C 738 -12.22 32.21 -15.60
CA SER C 738 -11.30 32.07 -16.71
C SER C 738 -11.26 33.33 -17.57
N GLN C 739 -12.39 34.02 -17.69
CA GLN C 739 -12.42 35.22 -18.53
C GLN C 739 -11.66 36.39 -17.89
N ASN C 740 -11.88 36.64 -16.60
CA ASN C 740 -11.29 37.82 -15.96
C ASN C 740 -9.95 37.48 -15.29
N LEU C 741 -9.97 36.59 -14.31
CA LEU C 741 -8.79 35.92 -13.78
C LEU C 741 -7.85 36.83 -12.98
N VAL C 742 -8.08 38.15 -13.00
CA VAL C 742 -7.10 39.06 -12.41
C VAL C 742 -7.71 39.92 -11.32
N PHE C 743 -9.00 40.25 -11.45
CA PHE C 743 -9.65 41.22 -10.58
C PHE C 743 -10.77 40.52 -9.83
N HIS C 744 -10.68 40.52 -8.49
CA HIS C 744 -11.65 39.83 -7.66
C HIS C 744 -11.67 40.48 -6.29
N SER C 745 -12.50 39.91 -5.39
CA SER C 745 -12.60 40.38 -4.02
C SER C 745 -13.13 39.25 -3.16
N ILE C 746 -12.70 39.21 -1.91
CA ILE C 746 -13.12 38.18 -0.97
C ILE C 746 -14.50 38.52 -0.44
N THR C 747 -15.43 37.59 -0.56
CA THR C 747 -16.82 37.84 -0.15
C THR C 747 -17.37 36.79 0.81
N ARG C 748 -16.99 35.53 0.64
CA ARG C 748 -17.58 34.46 1.45
C ARG C 748 -17.13 34.56 2.90
N SER C 749 -18.02 34.11 3.79
CA SER C 749 -17.75 34.07 5.22
C SER C 749 -18.54 32.90 5.82
N HIS C 750 -18.67 32.88 7.14
CA HIS C 750 -19.45 31.85 7.80
C HIS C 750 -20.89 32.28 8.05
N ALA C 751 -21.09 33.51 8.53
CA ALA C 751 -22.44 34.03 8.70
C ALA C 751 -23.15 34.14 7.36
N GLU C 752 -22.42 34.56 6.32
CA GLU C 752 -22.99 34.60 4.98
C GLU C 752 -23.41 33.20 4.52
N ASN C 753 -22.59 32.19 4.82
CA ASN C 753 -22.94 30.82 4.47
C ASN C 753 -24.19 30.36 5.21
N LEU C 754 -24.30 30.72 6.49
CA LEU C 754 -25.49 30.35 7.26
C LEU C 754 -26.74 31.00 6.68
N GLN C 755 -26.65 32.29 6.32
CA GLN C 755 -27.78 32.97 5.72
C GLN C 755 -28.15 32.35 4.38
N ARG C 756 -27.14 31.99 3.58
CA ARG C 756 -27.41 31.37 2.29
C ARG C 756 -28.08 30.02 2.45
N TYR C 757 -27.65 29.23 3.43
CA TYR C 757 -28.30 27.95 3.67
C TYR C 757 -29.74 28.15 4.14
N GLU C 758 -29.97 29.15 5.00
CA GLU C 758 -31.33 29.44 5.43
C GLU C 758 -32.21 29.82 4.25
N VAL C 759 -31.69 30.65 3.34
CA VAL C 759 -32.44 31.01 2.14
C VAL C 759 -32.72 29.78 1.29
N TRP C 760 -31.72 28.90 1.14
CA TRP C 760 -31.91 27.68 0.35
C TRP C 760 -32.99 26.79 0.94
N ARG C 761 -33.02 26.66 2.27
CA ARG C 761 -33.99 25.78 2.91
C ARG C 761 -35.39 26.40 2.88
N SER C 762 -35.50 27.71 3.05
CA SER C 762 -36.81 28.33 3.17
C SER C 762 -37.45 28.60 1.81
N ASN C 763 -36.64 28.95 0.81
CA ASN C 763 -37.13 29.35 -0.51
C ASN C 763 -38.14 30.48 -0.41
N PRO C 764 -37.72 31.66 0.04
CA PRO C 764 -38.69 32.75 0.26
C PRO C 764 -39.26 33.32 -1.03
N TYR C 765 -38.49 33.32 -2.11
CA TYR C 765 -38.91 33.95 -3.36
C TYR C 765 -39.59 32.99 -4.31
N HIS C 766 -39.81 31.74 -3.91
CA HIS C 766 -40.51 30.73 -4.71
C HIS C 766 -39.81 30.53 -6.06
N GLU C 767 -38.58 30.05 -5.98
CA GLU C 767 -37.72 29.90 -7.14
C GLU C 767 -37.47 28.42 -7.45
N SER C 768 -37.12 28.15 -8.70
CA SER C 768 -36.81 26.80 -9.14
C SER C 768 -35.41 26.41 -8.66
N VAL C 769 -35.01 25.18 -8.95
CA VAL C 769 -33.76 24.66 -8.41
C VAL C 769 -32.56 25.41 -9.01
N GLU C 770 -32.58 25.67 -10.32
CA GLU C 770 -31.43 26.29 -10.96
C GLU C 770 -31.21 27.71 -10.46
N GLU C 771 -32.26 28.53 -10.46
CA GLU C 771 -32.10 29.91 -10.03
C GLU C 771 -31.94 30.00 -8.52
N LEU C 772 -32.49 29.05 -7.76
CA LEU C 772 -32.22 29.00 -6.33
C LEU C 772 -30.74 28.72 -6.06
N ARG C 773 -30.16 27.78 -6.81
CA ARG C 773 -28.73 27.51 -6.70
C ARG C 773 -27.91 28.72 -7.09
N ASP C 774 -28.34 29.43 -8.14
CA ASP C 774 -27.65 30.65 -8.54
C ASP C 774 -27.69 31.71 -7.44
N ARG C 775 -28.85 31.86 -6.79
CA ARG C 775 -28.98 32.84 -5.72
C ARG C 775 -28.13 32.47 -4.51
N VAL C 776 -28.13 31.18 -4.14
CA VAL C 776 -27.36 30.75 -2.96
C VAL C 776 -25.89 30.52 -3.27
N LYS C 777 -25.48 30.64 -4.54
CA LYS C 777 -24.08 30.51 -4.94
C LYS C 777 -23.48 29.18 -4.49
N GLY C 778 -24.24 28.10 -4.67
CA GLY C 778 -23.74 26.77 -4.44
C GLY C 778 -23.84 26.26 -3.02
N VAL C 779 -24.29 27.09 -2.08
CA VAL C 779 -24.42 26.66 -0.69
C VAL C 779 -25.70 25.85 -0.54
N SER C 780 -25.55 24.54 -0.31
CA SER C 780 -26.69 23.65 -0.12
C SER C 780 -26.53 22.80 1.13
N ALA C 781 -25.84 23.34 2.14
CA ALA C 781 -25.60 22.60 3.37
C ALA C 781 -25.47 23.58 4.52
N LYS C 782 -25.62 23.05 5.74
CA LYS C 782 -25.51 23.86 6.94
C LYS C 782 -24.08 23.81 7.45
N PRO C 783 -23.34 24.92 7.43
CA PRO C 783 -21.98 24.90 7.98
C PRO C 783 -21.99 24.70 9.48
N PHE C 784 -20.93 24.06 9.98
CA PHE C 784 -20.82 23.80 11.41
C PHE C 784 -19.43 24.09 11.97
N ILE C 785 -18.46 24.50 11.17
CA ILE C 785 -17.15 24.92 11.64
C ILE C 785 -16.79 26.22 10.94
N GLU C 786 -16.36 27.22 11.70
CA GLU C 786 -15.95 28.51 11.15
C GLU C 786 -14.53 28.40 10.62
N THR C 787 -14.39 28.52 9.30
CA THR C 787 -13.10 28.40 8.63
C THR C 787 -12.68 29.75 8.07
N VAL C 788 -11.46 30.16 8.39
CA VAL C 788 -10.93 31.44 7.89
C VAL C 788 -10.68 31.33 6.39
N PRO C 789 -11.12 32.29 5.58
CA PRO C 789 -10.90 32.20 4.13
C PRO C 789 -9.45 32.47 3.74
N SER C 790 -8.61 31.44 3.80
CA SER C 790 -7.21 31.55 3.42
C SER C 790 -6.89 30.49 2.37
N ILE C 791 -5.62 30.41 1.99
CA ILE C 791 -5.14 29.47 0.99
C ILE C 791 -4.11 28.55 1.64
N ASP C 792 -4.29 27.24 1.45
CA ASP C 792 -3.34 26.25 1.97
C ASP C 792 -2.16 26.19 1.01
N ALA C 793 -0.99 26.66 1.48
CA ALA C 793 0.16 26.83 0.60
C ALA C 793 0.67 25.50 0.07
N LEU C 794 0.71 24.47 0.92
CA LEU C 794 1.25 23.19 0.50
C LEU C 794 0.42 22.58 -0.62
N HIS C 795 -0.90 22.51 -0.44
CA HIS C 795 -1.75 21.93 -1.47
C HIS C 795 -1.83 22.82 -2.69
N CYS C 796 -1.73 24.14 -2.51
CA CYS C 796 -1.64 25.04 -3.67
C CYS C 796 -0.41 24.72 -4.51
N ASP C 797 0.74 24.55 -3.85
CA ASP C 797 1.96 24.19 -4.55
C ASP C 797 1.81 22.86 -5.27
N ILE C 798 1.24 21.86 -4.59
CA ILE C 798 1.08 20.53 -5.18
C ILE C 798 0.21 20.61 -6.43
N GLY C 799 -0.92 21.31 -6.34
CA GLY C 799 -1.82 21.41 -7.47
C GLY C 799 -1.22 22.17 -8.64
N ASN C 800 -0.58 23.31 -8.36
CA ASN C 800 0.03 24.09 -9.43
C ASN C 800 1.13 23.31 -10.13
N ALA C 801 1.97 22.62 -9.36
CA ALA C 801 3.05 21.86 -9.96
C ALA C 801 2.54 20.66 -10.74
N ALA C 802 1.48 19.99 -10.25
CA ALA C 802 0.89 18.91 -11.03
C ALA C 802 0.31 19.42 -12.35
N GLU C 803 -0.33 20.59 -12.31
CA GLU C 803 -0.91 21.11 -13.54
C GLU C 803 0.18 21.52 -14.53
N PHE C 804 1.28 22.13 -14.06
CA PHE C 804 2.42 22.37 -14.95
C PHE C 804 3.05 21.06 -15.45
N TYR C 805 3.03 20.01 -14.63
CA TYR C 805 3.50 18.71 -15.10
C TYR C 805 2.68 18.24 -16.31
N LYS C 806 1.36 18.33 -16.20
CA LYS C 806 0.55 17.86 -17.31
C LYS C 806 0.60 18.83 -18.48
N ILE C 807 0.87 20.11 -18.22
CA ILE C 807 1.10 21.05 -19.31
C ILE C 807 2.38 20.71 -20.07
N PHE C 808 3.44 20.32 -19.36
CA PHE C 808 4.65 19.85 -20.03
C PHE C 808 4.34 18.63 -20.89
N GLN C 809 3.61 17.67 -20.33
CA GLN C 809 3.22 16.48 -21.08
C GLN C 809 2.44 16.85 -22.33
N LEU C 810 1.52 17.82 -22.20
CA LEU C 810 0.65 18.21 -23.30
C LEU C 810 1.38 19.03 -24.36
N GLU C 811 2.38 19.82 -23.96
CA GLU C 811 3.20 20.58 -24.89
C GLU C 811 4.22 19.71 -25.62
N ILE C 812 4.59 18.56 -25.04
CA ILE C 812 5.51 17.66 -25.74
C ILE C 812 4.95 17.27 -27.10
N GLY C 813 3.65 17.01 -27.18
CA GLY C 813 3.02 16.53 -28.39
C GLY C 813 2.58 17.59 -29.38
N GLU C 814 2.88 18.86 -29.13
CA GLU C 814 2.49 19.96 -30.03
C GLU C 814 0.98 19.96 -30.28
N VAL C 815 0.23 19.99 -29.17
CA VAL C 815 -1.23 19.92 -29.26
C VAL C 815 -1.80 21.22 -29.82
N TYR C 816 -1.07 22.33 -29.68
CA TYR C 816 -1.51 23.58 -30.30
C TYR C 816 -1.61 23.46 -31.82
N LYS C 817 -0.93 22.48 -32.41
CA LYS C 817 -1.04 22.19 -33.84
C LYS C 817 -1.95 21.01 -34.14
N HIS C 818 -2.06 20.05 -33.21
CA HIS C 818 -2.88 18.86 -33.37
C HIS C 818 -3.94 18.85 -32.28
N PRO C 819 -5.13 19.40 -32.53
CA PRO C 819 -6.17 19.44 -31.49
C PRO C 819 -6.61 18.08 -31.00
N ASN C 820 -6.63 17.07 -31.87
CA ASN C 820 -7.16 15.76 -31.53
C ASN C 820 -6.01 14.76 -31.40
N ALA C 821 -6.04 13.95 -30.34
CA ALA C 821 -5.03 12.95 -30.09
C ALA C 821 -5.65 11.78 -29.34
N SER C 822 -4.98 10.64 -29.40
CA SER C 822 -5.47 9.42 -28.79
C SER C 822 -4.83 9.19 -27.42
N LYS C 823 -5.48 8.32 -26.64
CA LYS C 823 -4.94 7.97 -25.32
C LYS C 823 -3.57 7.30 -25.45
N GLU C 824 -3.34 6.57 -26.54
CA GLU C 824 -2.02 6.01 -26.77
C GLU C 824 -0.97 7.11 -26.93
N GLU C 825 -1.31 8.18 -27.64
CA GLU C 825 -0.39 9.30 -27.78
C GLU C 825 -0.18 10.02 -26.45
N ARG C 826 -1.24 10.15 -25.66
CA ARG C 826 -1.10 10.74 -24.32
C ARG C 826 -0.16 9.91 -23.46
N LYS C 827 -0.30 8.59 -23.49
CA LYS C 827 0.60 7.71 -22.74
C LYS C 827 2.02 7.81 -23.28
N ARG C 828 2.18 7.98 -24.59
CA ARG C 828 3.50 8.15 -25.17
C ARG C 828 4.17 9.40 -24.63
N TRP C 829 3.42 10.51 -24.58
CA TRP C 829 3.96 11.75 -24.03
C TRP C 829 4.31 11.59 -22.56
N GLN C 830 3.44 10.91 -21.80
CA GLN C 830 3.72 10.66 -20.38
C GLN C 830 5.02 9.88 -20.21
N ALA C 831 5.18 8.80 -20.98
CA ALA C 831 6.37 7.97 -20.86
C ALA C 831 7.62 8.75 -21.24
N THR C 832 7.55 9.53 -22.33
CA THR C 832 8.71 10.31 -22.74
C THR C 832 9.09 11.33 -21.67
N LEU C 833 8.11 12.03 -21.11
CA LEU C 833 8.39 13.01 -20.07
C LEU C 833 9.00 12.35 -18.84
N ASP C 834 8.42 11.23 -18.40
CA ASP C 834 8.94 10.56 -17.22
C ASP C 834 10.37 10.07 -17.43
N LYS C 835 10.64 9.49 -18.60
CA LYS C 835 11.97 8.98 -18.88
C LYS C 835 12.98 10.11 -18.95
N HIS C 836 12.63 11.24 -19.56
CA HIS C 836 13.58 12.34 -19.66
C HIS C 836 13.84 12.96 -18.29
N LEU C 837 12.80 13.11 -17.47
CA LEU C 837 13.01 13.61 -16.10
C LEU C 837 13.92 12.67 -15.31
N ARG C 838 13.67 11.36 -15.40
CA ARG C 838 14.55 10.43 -14.69
C ARG C 838 15.98 10.49 -15.21
N LYS C 839 16.16 10.65 -16.51
CA LYS C 839 17.50 10.74 -17.08
C LYS C 839 18.23 11.99 -16.62
N ARG C 840 17.54 13.13 -16.56
CA ARG C 840 18.19 14.41 -16.32
C ARG C 840 18.25 14.79 -14.84
N MET C 841 17.10 14.87 -14.15
CA MET C 841 17.08 15.31 -12.77
C MET C 841 17.03 14.16 -11.77
N ASN C 842 17.14 12.92 -12.23
CA ASN C 842 17.19 11.75 -11.38
C ASN C 842 15.91 11.55 -10.57
N LEU C 843 14.79 12.12 -11.02
CA LEU C 843 13.51 11.91 -10.38
C LEU C 843 12.92 10.55 -10.78
N LYS C 844 11.81 10.20 -10.16
CA LYS C 844 11.07 9.00 -10.49
C LYS C 844 9.60 9.33 -10.67
N PRO C 845 8.89 8.60 -11.53
CA PRO C 845 7.45 8.84 -11.69
C PRO C 845 6.69 8.36 -10.47
N ILE C 846 5.78 9.21 -9.97
CA ILE C 846 4.96 8.90 -8.82
C ILE C 846 3.49 9.10 -9.18
N MET C 847 2.64 8.18 -8.70
CA MET C 847 1.23 8.23 -9.05
C MET C 847 0.57 9.50 -8.50
N ARG C 848 0.79 9.80 -7.22
CA ARG C 848 0.28 11.01 -6.60
C ARG C 848 1.46 11.90 -6.25
N MET C 849 1.36 13.17 -6.62
CA MET C 849 2.50 14.08 -6.59
C MET C 849 2.58 14.81 -5.26
N ASN C 850 3.79 14.93 -4.72
CA ASN C 850 4.03 15.45 -3.38
C ASN C 850 4.82 16.75 -3.43
N GLY C 851 5.04 17.33 -2.24
CA GLY C 851 5.68 18.63 -2.17
C GLY C 851 7.13 18.63 -2.59
N ASN C 852 7.88 17.59 -2.24
CA ASN C 852 9.26 17.49 -2.68
C ASN C 852 9.35 17.40 -4.19
N PHE C 853 8.45 16.61 -4.80
CA PHE C 853 8.40 16.55 -6.26
C PHE C 853 8.04 17.90 -6.86
N ALA C 854 7.11 18.62 -6.23
CA ALA C 854 6.75 19.96 -6.71
C ALA C 854 7.95 20.89 -6.69
N ARG C 855 8.67 20.91 -5.56
CA ARG C 855 9.82 21.80 -5.42
C ARG C 855 10.92 21.45 -6.41
N LYS C 856 11.19 20.15 -6.60
CA LYS C 856 12.22 19.75 -7.55
C LYS C 856 11.79 20.02 -8.99
N LEU C 857 10.50 19.90 -9.28
CA LEU C 857 10.01 20.07 -10.64
C LEU C 857 9.92 21.53 -11.04
N MET C 858 9.67 22.44 -10.09
CA MET C 858 9.58 23.85 -10.47
C MET C 858 10.91 24.57 -10.25
N THR C 859 11.81 24.37 -11.21
CA THR C 859 13.04 25.10 -11.35
C THR C 859 13.25 25.42 -12.83
N GLN C 860 14.11 26.41 -13.11
CA GLN C 860 14.39 26.76 -14.50
C GLN C 860 15.07 25.61 -15.23
N GLU C 861 15.82 24.78 -14.51
CA GLU C 861 16.42 23.61 -15.14
C GLU C 861 15.36 22.62 -15.62
N THR C 862 14.15 22.68 -15.06
CA THR C 862 13.06 21.83 -15.56
C THR C 862 12.70 22.18 -17.00
N VAL C 863 12.43 23.46 -17.26
CA VAL C 863 12.13 23.86 -18.63
C VAL C 863 13.37 23.72 -19.51
N ASP C 864 14.55 23.90 -18.93
CA ASP C 864 15.77 23.67 -19.71
C ASP C 864 15.86 22.22 -20.20
N ALA C 865 15.50 21.26 -19.36
CA ALA C 865 15.53 19.85 -19.75
C ALA C 865 14.36 19.48 -20.67
N VAL C 866 13.18 20.02 -20.41
CA VAL C 866 12.01 19.69 -21.22
C VAL C 866 12.13 20.25 -22.63
N CYS C 867 12.77 21.43 -22.77
CA CYS C 867 12.90 22.05 -24.08
C CYS C 867 13.66 21.18 -25.07
N GLU C 868 14.45 20.22 -24.58
CA GLU C 868 15.12 19.28 -25.47
C GLU C 868 14.15 18.30 -26.12
N LEU C 869 12.90 18.25 -25.65
CA LEU C 869 11.90 17.35 -26.20
C LEU C 869 10.91 18.07 -27.12
N ILE C 870 10.81 19.39 -27.05
CA ILE C 870 9.90 20.16 -27.89
C ILE C 870 10.74 20.96 -28.88
N PRO C 871 10.42 20.92 -30.17
CA PRO C 871 11.30 21.57 -31.17
C PRO C 871 11.12 23.07 -31.26
N SER C 872 9.94 23.57 -30.91
CA SER C 872 9.60 24.97 -31.19
C SER C 872 10.34 25.90 -30.24
N GLU C 873 11.12 26.82 -30.82
CA GLU C 873 11.79 27.84 -30.02
C GLU C 873 10.78 28.79 -29.38
N GLU C 874 9.67 29.06 -30.07
CA GLU C 874 8.61 29.87 -29.47
C GLU C 874 8.04 29.20 -28.22
N ARG C 875 7.82 27.88 -28.30
CA ARG C 875 7.37 27.14 -27.12
C ARG C 875 8.42 27.15 -26.02
N HIS C 876 9.71 27.05 -26.41
CA HIS C 876 10.78 27.15 -25.42
C HIS C 876 10.70 28.47 -24.66
N GLU C 877 10.59 29.58 -25.40
CA GLU C 877 10.54 30.89 -24.77
C GLU C 877 9.30 31.04 -23.90
N ALA C 878 8.15 30.57 -24.38
CA ALA C 878 6.92 30.68 -23.61
C ALA C 878 7.01 29.90 -22.30
N LEU C 879 7.51 28.67 -22.36
CA LEU C 879 7.64 27.88 -21.15
C LEU C 879 8.66 28.50 -20.19
N ARG C 880 9.75 29.05 -20.72
CA ARG C 880 10.75 29.67 -19.87
C ARG C 880 10.18 30.88 -19.14
N GLU C 881 9.45 31.74 -19.85
CA GLU C 881 8.88 32.91 -19.19
C GLU C 881 7.79 32.52 -18.21
N LEU C 882 7.04 31.45 -18.51
CA LEU C 882 6.04 30.94 -17.57
C LEU C 882 6.70 30.49 -16.28
N MET C 883 7.80 29.72 -16.40
CA MET C 883 8.54 29.27 -15.22
C MET C 883 9.10 30.44 -14.43
N ASP C 884 9.64 31.44 -15.13
CA ASP C 884 10.18 32.61 -14.44
C ASP C 884 9.10 33.35 -13.67
N LEU C 885 7.93 33.53 -14.28
CA LEU C 885 6.84 34.22 -13.60
C LEU C 885 6.39 33.44 -12.37
N TYR C 886 6.24 32.12 -12.49
CA TYR C 886 5.80 31.34 -11.34
C TYR C 886 6.85 31.37 -10.22
N LEU C 887 8.13 31.32 -10.58
CA LEU C 887 9.18 31.36 -9.57
C LEU C 887 9.24 32.72 -8.88
N LYS C 888 8.92 33.80 -9.59
CA LYS C 888 8.81 35.10 -8.93
C LYS C 888 7.57 35.16 -8.04
N MET C 889 6.49 34.47 -8.42
CA MET C 889 5.28 34.48 -7.60
C MET C 889 5.48 33.69 -6.29
N LYS C 890 6.14 32.54 -6.36
CA LYS C 890 6.11 31.56 -5.29
C LYS C 890 6.54 32.08 -3.91
N PRO C 891 7.65 32.82 -3.76
CA PRO C 891 8.05 33.22 -2.39
C PRO C 891 7.03 34.08 -1.69
N VAL C 892 6.17 34.79 -2.43
CA VAL C 892 5.20 35.68 -1.80
C VAL C 892 4.27 34.90 -0.88
N TRP C 893 3.75 33.77 -1.35
CA TRP C 893 2.87 32.93 -0.54
C TRP C 893 3.59 31.73 0.08
N ARG C 894 4.89 31.58 -0.13
CA ARG C 894 5.64 30.54 0.56
C ARG C 894 6.52 31.06 1.68
N SER C 895 6.65 32.38 1.84
CA SER C 895 7.48 32.93 2.91
C SER C 895 6.65 33.20 4.16
N SER C 896 7.26 32.97 5.32
CA SER C 896 6.59 33.15 6.59
C SER C 896 6.54 34.61 7.03
N CYS C 897 7.31 35.49 6.40
CA CYS C 897 7.28 36.92 6.72
C CYS C 897 7.65 37.70 5.46
N PRO C 898 6.72 37.77 4.50
CA PRO C 898 7.05 38.41 3.21
C PRO C 898 7.40 39.89 3.33
N ALA C 899 6.87 40.60 4.33
CA ALA C 899 7.17 42.02 4.47
C ALA C 899 8.64 42.27 4.77
N LYS C 900 9.34 41.28 5.33
CA LYS C 900 10.76 41.44 5.65
C LYS C 900 11.60 40.34 5.02
N GLU C 901 11.09 39.67 3.99
CA GLU C 901 11.84 38.60 3.35
C GLU C 901 11.91 38.82 1.84
N CYS C 902 10.87 39.42 1.26
CA CYS C 902 10.86 39.67 -0.17
C CYS C 902 9.92 40.81 -0.56
N PRO C 903 10.19 42.03 -0.10
CA PRO C 903 9.35 43.17 -0.53
C PRO C 903 9.40 43.42 -2.03
N GLU C 904 10.55 43.16 -2.66
CA GLU C 904 10.65 43.34 -4.11
C GLU C 904 9.72 42.39 -4.84
N SER C 905 9.63 41.14 -4.38
CA SER C 905 8.70 40.20 -4.99
C SER C 905 7.26 40.49 -4.61
N LEU C 906 7.05 41.13 -3.45
CA LEU C 906 5.69 41.45 -3.02
C LEU C 906 5.11 42.62 -3.81
N CYS C 907 5.95 43.61 -4.15
CA CYS C 907 5.42 44.82 -4.77
C CYS C 907 4.92 44.59 -6.19
N GLN C 908 5.58 43.73 -6.95
CA GLN C 908 5.23 43.50 -8.35
C GLN C 908 4.42 42.21 -8.55
N TYR C 909 3.84 41.69 -7.47
CA TYR C 909 3.04 40.47 -7.57
C TYR C 909 1.84 40.67 -8.47
N SER C 910 1.19 41.83 -8.38
CA SER C 910 0.03 42.11 -9.23
C SER C 910 0.42 42.13 -10.71
N PHE C 911 1.53 42.81 -11.03
CA PHE C 911 1.99 42.87 -12.41
C PHE C 911 2.34 41.48 -12.92
N ASN C 912 3.00 40.68 -12.09
CA ASN C 912 3.24 39.29 -12.45
C ASN C 912 1.93 38.54 -12.67
N SER C 913 0.88 38.89 -11.91
CA SER C 913 -0.41 38.25 -12.09
C SER C 913 -1.01 38.56 -13.45
N GLN C 914 -1.00 39.83 -13.87
CA GLN C 914 -1.50 40.13 -15.21
C GLN C 914 -0.65 39.46 -16.29
N ARG C 915 0.67 39.43 -16.10
CA ARG C 915 1.51 38.78 -17.10
C ARG C 915 1.21 37.29 -17.21
N PHE C 916 1.05 36.62 -16.07
CA PHE C 916 0.73 35.19 -16.05
C PHE C 916 -0.63 34.93 -16.70
N ALA C 917 -1.63 35.76 -16.38
CA ALA C 917 -2.95 35.58 -16.95
C ALA C 917 -2.93 35.78 -18.47
N GLU C 918 -2.21 36.81 -18.93
CA GLU C 918 -2.12 37.04 -20.37
C GLU C 918 -1.42 35.88 -21.07
N LEU C 919 -0.34 35.36 -20.48
CA LEU C 919 0.35 34.23 -21.07
C LEU C 919 -0.57 33.02 -21.17
N LEU C 920 -1.31 32.72 -20.09
CA LEU C 920 -2.23 31.58 -20.11
C LEU C 920 -3.32 31.77 -21.14
N SER C 921 -3.86 32.99 -21.25
CA SER C 921 -4.96 33.23 -22.18
C SER C 921 -4.50 33.17 -23.63
N THR C 922 -3.30 33.66 -23.93
CA THR C 922 -2.87 33.77 -25.32
C THR C 922 -2.05 32.56 -25.77
N LYS C 923 -0.92 32.30 -25.11
CA LYS C 923 0.00 31.28 -25.60
C LYS C 923 -0.50 29.87 -25.35
N PHE C 924 -1.34 29.67 -24.34
CA PHE C 924 -1.90 28.35 -24.06
C PHE C 924 -3.40 28.39 -24.31
N LYS C 925 -3.78 28.98 -25.44
CA LYS C 925 -5.18 29.15 -25.81
C LYS C 925 -5.92 27.82 -25.85
N TYR C 926 -5.22 26.73 -26.18
CA TYR C 926 -5.87 25.45 -26.40
C TYR C 926 -6.41 24.80 -25.13
N ARG C 927 -6.11 25.35 -23.95
CA ARG C 927 -6.61 24.80 -22.70
C ARG C 927 -7.33 25.78 -21.80
N TYR C 928 -7.03 27.08 -21.85
CA TYR C 928 -7.50 27.99 -20.81
C TYR C 928 -8.48 29.05 -21.31
N GLU C 929 -9.44 28.65 -22.13
CA GLU C 929 -10.67 29.40 -22.34
C GLU C 929 -11.85 28.54 -21.90
N GLY C 930 -12.73 29.11 -21.07
CA GLY C 930 -13.87 28.41 -20.55
C GLY C 930 -13.65 27.65 -19.27
N LYS C 931 -12.41 27.61 -18.77
CA LYS C 931 -12.10 26.92 -17.53
C LYS C 931 -10.71 27.32 -17.06
N ILE C 932 -10.54 27.35 -15.74
CA ILE C 932 -9.23 27.50 -15.12
C ILE C 932 -9.29 26.90 -13.72
N THR C 933 -8.16 26.40 -13.25
CA THR C 933 -8.15 25.58 -12.04
C THR C 933 -8.32 26.43 -10.79
N ASN C 934 -8.80 25.76 -9.74
CA ASN C 934 -9.09 26.41 -8.46
C ASN C 934 -7.87 27.17 -7.94
N TYR C 935 -6.72 26.51 -7.92
CA TYR C 935 -5.55 27.08 -7.27
C TYR C 935 -4.94 28.20 -8.10
N PHE C 936 -5.04 28.12 -9.43
CA PHE C 936 -4.58 29.25 -10.23
C PHE C 936 -5.49 30.46 -10.05
N HIS C 937 -6.80 30.24 -9.96
CA HIS C 937 -7.71 31.35 -9.65
C HIS C 937 -7.33 31.99 -8.32
N LYS C 938 -7.11 31.15 -7.31
CA LYS C 938 -6.73 31.67 -5.99
C LYS C 938 -5.43 32.47 -6.07
N THR C 939 -4.40 31.90 -6.70
CA THR C 939 -3.09 32.54 -6.74
C THR C 939 -3.14 33.85 -7.50
N LEU C 940 -3.89 33.91 -8.59
CA LEU C 940 -3.95 35.11 -9.42
C LEU C 940 -4.96 36.13 -8.93
N ALA C 941 -5.82 35.81 -7.98
CA ALA C 941 -6.82 36.76 -7.50
C ALA C 941 -6.64 37.16 -6.05
N HIS C 942 -6.56 36.20 -5.13
CA HIS C 942 -6.82 36.47 -3.72
C HIS C 942 -5.56 36.62 -2.88
N VAL C 943 -4.37 36.39 -3.42
CA VAL C 943 -3.15 36.39 -2.60
C VAL C 943 -2.87 37.75 -1.98
N PRO C 944 -2.88 38.87 -2.72
CA PRO C 944 -2.61 40.17 -2.06
C PRO C 944 -3.58 40.51 -0.95
N GLU C 945 -4.87 40.19 -1.13
CA GLU C 945 -5.85 40.52 -0.10
C GLU C 945 -5.60 39.71 1.17
N ILE C 946 -5.28 38.42 1.02
CA ILE C 946 -4.97 37.60 2.19
C ILE C 946 -3.68 38.08 2.85
N ILE C 947 -2.70 38.49 2.05
CA ILE C 947 -1.42 38.89 2.62
C ILE C 947 -1.53 40.24 3.32
N GLU C 948 -2.50 41.07 2.93
CA GLU C 948 -2.71 42.32 3.67
C GLU C 948 -3.65 42.12 4.85
N ARG C 949 -4.53 41.11 4.79
CA ARG C 949 -5.40 40.82 5.92
C ARG C 949 -4.63 40.18 7.07
N ASP C 950 -3.78 39.20 6.76
CA ASP C 950 -3.10 38.40 7.77
C ASP C 950 -1.66 38.85 7.99
N GLY C 951 -0.86 38.87 6.93
CA GLY C 951 0.55 39.18 7.05
C GLY C 951 1.43 38.11 6.44
N SER C 952 0.93 36.87 6.45
CA SER C 952 1.64 35.75 5.85
C SER C 952 0.64 34.67 5.48
N ILE C 953 1.06 33.79 4.56
CA ILE C 953 0.24 32.66 4.13
C ILE C 953 0.90 31.34 4.48
N GLY C 954 2.22 31.22 4.28
CA GLY C 954 2.90 29.97 4.56
C GLY C 954 2.97 29.63 6.04
N ALA C 955 2.90 30.64 6.92
CA ALA C 955 2.90 30.37 8.35
C ALA C 955 1.60 29.73 8.80
N TRP C 956 0.53 29.88 8.03
CA TRP C 956 -0.78 29.33 8.35
C TRP C 956 -1.15 28.14 7.47
N ALA C 957 -0.16 27.35 7.06
CA ALA C 957 -0.39 26.21 6.18
C ALA C 957 -0.64 24.96 7.01
N SER C 958 -0.69 23.80 6.35
CA SER C 958 -0.92 22.52 7.01
C SER C 958 0.34 21.64 7.02
N GLU C 959 1.52 22.25 6.83
CA GLU C 959 2.76 21.49 6.91
C GLU C 959 2.95 20.89 8.29
N GLY C 960 2.65 21.67 9.33
CA GLY C 960 2.72 21.14 10.69
C GLY C 960 1.75 20.01 10.93
N ASN C 961 0.55 20.12 10.35
CA ASN C 961 -0.43 19.05 10.49
C ASN C 961 0.03 17.78 9.77
N GLU C 962 0.66 17.92 8.62
CA GLU C 962 1.17 16.75 7.92
C GLU C 962 2.32 16.09 8.70
N SER C 963 3.21 16.92 9.26
CA SER C 963 4.27 16.37 10.11
C SER C 963 3.69 15.67 11.33
N GLY C 964 2.64 16.24 11.92
CA GLY C 964 1.94 15.57 13.00
C GLY C 964 1.30 14.27 12.57
N ASN C 965 0.81 14.21 11.33
CA ASN C 965 0.29 12.95 10.80
C ASN C 965 1.39 11.90 10.71
N LYS C 966 2.58 12.31 10.27
CA LYS C 966 3.72 11.39 10.25
C LYS C 966 4.07 10.92 11.66
N LEU C 967 4.06 11.84 12.62
CA LEU C 967 4.34 11.47 14.00
C LEU C 967 3.28 10.51 14.54
N PHE C 968 2.02 10.73 14.19
CA PHE C 968 0.94 9.83 14.60
C PHE C 968 1.14 8.44 14.00
N ARG C 969 1.52 8.37 12.72
CA ARG C 969 1.79 7.08 12.09
C ARG C 969 2.92 6.35 12.80
N ARG C 970 4.00 7.07 13.14
CA ARG C 970 5.10 6.44 13.87
C ARG C 970 4.65 5.98 15.26
N PHE C 971 3.90 6.82 15.97
CA PHE C 971 3.56 6.53 17.36
C PHE C 971 2.54 5.41 17.48
N ARG C 972 1.63 5.29 16.51
CA ARG C 972 0.60 4.25 16.59
C ARG C 972 1.18 2.85 16.61
N LYS C 973 2.41 2.67 16.11
CA LYS C 973 3.02 1.35 16.04
C LYS C 973 4.32 1.23 16.82
N MET C 974 4.96 2.33 17.18
CA MET C 974 6.25 2.24 17.85
C MET C 974 6.17 2.46 19.35
N ASN C 975 5.35 3.41 19.82
CA ASN C 975 5.32 3.71 21.25
C ASN C 975 3.88 3.93 21.73
N ALA C 976 2.97 3.07 21.31
CA ALA C 976 1.60 3.08 21.78
C ALA C 976 1.14 1.66 22.06
N ARG C 977 0.21 1.53 22.99
CA ARG C 977 -0.31 0.21 23.35
C ARG C 977 -1.13 -0.37 22.22
N GLN C 978 -1.07 -1.69 22.06
CA GLN C 978 -1.67 -2.36 20.90
C GLN C 978 -3.01 -2.96 21.31
N SER C 979 -4.05 -2.13 21.30
CA SER C 979 -5.41 -2.58 21.54
C SER C 979 -6.37 -1.49 21.11
N LYS C 980 -7.52 -1.89 20.56
CA LYS C 980 -8.40 -0.94 19.89
C LYS C 980 -8.96 0.11 20.84
N CYS C 981 -9.15 -0.24 22.11
CA CYS C 981 -9.87 0.64 23.03
C CYS C 981 -8.97 1.61 23.77
N TYR C 982 -7.69 1.27 23.97
CA TYR C 982 -6.79 2.13 24.72
C TYR C 982 -5.48 2.42 23.98
N GLU C 983 -5.59 2.83 22.72
CA GLU C 983 -4.43 3.26 21.93
C GLU C 983 -4.51 4.71 21.46
N MET C 984 -5.69 5.23 21.11
CA MET C 984 -5.83 6.65 20.82
C MET C 984 -5.41 7.51 22.00
N GLU C 985 -5.79 7.12 23.22
CA GLU C 985 -5.42 7.90 24.39
C GLU C 985 -3.90 7.95 24.57
N ASP C 986 -3.23 6.81 24.39
CA ASP C 986 -1.78 6.76 24.52
C ASP C 986 -1.10 7.61 23.44
N VAL C 987 -1.58 7.53 22.20
CA VAL C 987 -0.99 8.32 21.14
C VAL C 987 -1.16 9.80 21.42
N LEU C 988 -2.36 10.21 21.84
CA LEU C 988 -2.62 11.61 22.15
C LEU C 988 -1.72 12.10 23.28
N LYS C 989 -1.58 11.29 24.34
CA LYS C 989 -0.75 11.68 25.47
C LYS C 989 0.71 11.84 25.06
N HIS C 990 1.23 10.87 24.29
CA HIS C 990 2.63 10.94 23.90
C HIS C 990 2.88 12.10 22.95
N HIS C 991 1.94 12.37 22.03
CA HIS C 991 2.10 13.52 21.14
C HIS C 991 2.08 14.82 21.91
N TRP C 992 1.19 14.94 22.90
CA TRP C 992 1.16 16.13 23.74
C TRP C 992 2.48 16.32 24.48
N LEU C 993 3.04 15.21 25.00
CA LEU C 993 4.35 15.30 25.64
C LEU C 993 5.43 15.74 24.65
N TYR C 994 5.40 15.17 23.45
CA TYR C 994 6.43 15.47 22.46
C TYR C 994 6.36 16.91 21.98
N THR C 995 5.18 17.52 22.01
CA THR C 995 5.01 18.91 21.59
C THR C 995 5.06 19.88 22.76
N SER C 996 5.88 19.59 23.77
CA SER C 996 5.99 20.42 24.97
C SER C 996 7.33 21.15 24.98
N LYS C 997 7.28 22.47 25.05
CA LYS C 997 8.50 23.28 25.08
C LYS C 997 9.32 23.00 26.33
N TYR C 998 8.67 22.71 27.45
CA TYR C 998 9.40 22.47 28.69
C TYR C 998 10.32 21.25 28.54
N LEU C 999 9.83 20.19 27.91
CA LEU C 999 10.68 19.03 27.64
C LEU C 999 11.65 19.29 26.49
N GLN C 1000 11.22 20.09 25.49
CA GLN C 1000 12.09 20.34 24.35
C GLN C 1000 13.36 21.11 24.74
N LYS C 1001 13.24 22.10 25.63
CA LYS C 1001 14.40 22.93 25.96
C LYS C 1001 15.46 22.19 26.75
N PHE C 1002 15.17 21.00 27.29
CA PHE C 1002 16.20 20.21 27.94
C PHE C 1002 17.21 19.62 26.97
N MET C 1003 16.92 19.63 25.68
CA MET C 1003 17.85 19.19 24.66
C MET C 1003 18.67 20.32 24.07
N ASN C 1004 18.53 21.53 24.61
CA ASN C 1004 19.23 22.71 24.11
C ASN C 1004 20.03 23.35 25.23
N ALA C 1005 20.82 22.55 25.94
CA ALA C 1005 21.54 23.00 27.12
C ALA C 1005 22.81 23.77 26.80
N HIS C 1006 22.97 24.26 25.57
CA HIS C 1006 24.11 25.09 25.22
C HIS C 1006 23.78 26.56 25.51
N ASN C 1007 24.63 27.21 26.28
CA ASN C 1007 24.41 28.61 26.65
C ASN C 1007 25.70 29.41 26.55
N MET D 1 -45.49 -14.01 3.61
CA MET D 1 -44.23 -14.05 4.34
C MET D 1 -43.08 -14.53 3.44
N SER D 2 -43.03 -13.98 2.24
CA SER D 2 -41.99 -14.36 1.28
C SER D 2 -40.82 -13.37 1.35
N LEU D 3 -39.62 -13.91 1.53
CA LEU D 3 -38.40 -13.12 1.59
C LEU D 3 -37.66 -13.27 0.27
N GLN D 4 -37.36 -12.15 -0.38
CA GLN D 4 -36.76 -12.16 -1.71
C GLN D 4 -35.65 -11.12 -1.77
N MET D 5 -34.54 -11.51 -2.40
CA MET D 5 -33.38 -10.64 -2.51
C MET D 5 -33.65 -9.49 -3.49
N VAL D 6 -33.12 -8.32 -3.18
CA VAL D 6 -33.21 -7.15 -4.04
C VAL D 6 -31.84 -6.50 -4.15
N THR D 7 -31.48 -6.10 -5.37
CA THR D 7 -30.20 -5.47 -5.64
C THR D 7 -30.38 -3.97 -5.86
N VAL D 8 -29.28 -3.24 -5.67
CA VAL D 8 -29.29 -1.78 -5.77
C VAL D 8 -28.19 -1.36 -6.74
N GLY D 9 -28.46 -0.29 -7.49
CA GLY D 9 -27.52 0.20 -8.47
C GLY D 9 -26.38 1.00 -7.88
N HIS D 10 -26.05 2.13 -8.50
CA HIS D 10 -24.91 2.95 -8.09
C HIS D 10 -25.26 3.95 -6.99
N ASN D 11 -26.36 3.72 -6.26
CA ASN D 11 -26.75 4.61 -5.17
C ASN D 11 -26.91 3.85 -3.86
N ILE D 12 -26.25 2.69 -3.72
CA ILE D 12 -26.38 1.89 -2.51
C ILE D 12 -25.73 2.58 -1.31
N ALA D 13 -24.78 3.48 -1.54
CA ALA D 13 -24.14 4.22 -0.46
C ALA D 13 -24.96 5.41 0.01
N LEU D 14 -26.25 5.42 -0.27
CA LEU D 14 -27.13 6.53 0.07
C LEU D 14 -28.21 6.16 1.07
N ILE D 15 -28.32 4.88 1.45
CA ILE D 15 -29.35 4.40 2.37
C ILE D 15 -28.70 4.11 3.71
N GLN D 16 -29.28 4.64 4.77
CA GLN D 16 -28.81 4.44 6.13
C GLN D 16 -29.99 4.03 7.00
N PRO D 17 -29.74 3.47 8.18
CA PRO D 17 -30.83 3.24 9.12
C PRO D 17 -31.58 4.54 9.42
N GLY D 18 -32.90 4.45 9.42
CA GLY D 18 -33.75 5.57 9.74
C GLY D 18 -34.39 6.28 8.56
N PHE D 19 -34.31 5.72 7.35
CA PHE D 19 -34.93 6.38 6.21
C PHE D 19 -36.45 6.24 6.30
N SER D 20 -37.14 7.03 5.48
CA SER D 20 -38.59 7.04 5.42
C SER D 20 -39.05 6.82 3.98
N LEU D 21 -40.05 5.97 3.82
CA LEU D 21 -40.62 5.65 2.51
C LEU D 21 -42.05 6.18 2.44
N MET D 22 -42.37 6.92 1.39
CA MET D 22 -43.67 7.53 1.22
C MET D 22 -44.34 6.98 -0.03
N ASN D 23 -45.63 6.70 0.06
CA ASN D 23 -46.41 6.14 -1.04
C ASN D 23 -47.40 7.19 -1.53
N PHE D 24 -47.38 7.44 -2.84
CA PHE D 24 -48.28 8.41 -3.47
C PHE D 24 -48.97 7.74 -4.66
N ASP D 25 -50.21 7.31 -4.45
CA ASP D 25 -51.03 6.72 -5.52
C ASP D 25 -50.34 5.50 -6.14
N GLY D 26 -49.85 4.61 -5.28
CA GLY D 26 -49.26 3.36 -5.72
C GLY D 26 -47.79 3.42 -6.06
N GLN D 27 -47.14 4.56 -5.90
CA GLN D 27 -45.71 4.71 -6.14
C GLN D 27 -45.02 5.07 -4.83
N VAL D 28 -44.01 4.30 -4.46
CA VAL D 28 -43.29 4.49 -3.20
C VAL D 28 -42.01 5.28 -3.49
N PHE D 29 -41.69 6.21 -2.61
CA PHE D 29 -40.54 7.09 -2.78
C PHE D 29 -39.59 6.94 -1.59
N PHE D 30 -38.46 7.64 -1.66
CA PHE D 30 -37.40 7.53 -0.67
C PHE D 30 -37.04 8.90 -0.13
N PHE D 31 -36.71 8.95 1.16
CA PHE D 31 -36.29 10.18 1.81
C PHE D 31 -35.36 9.82 2.96
N GLY D 32 -34.46 10.74 3.29
CA GLY D 32 -33.51 10.53 4.36
C GLY D 32 -32.20 9.92 3.90
N GLN D 33 -31.57 10.55 2.91
CA GLN D 33 -30.34 10.03 2.34
C GLN D 33 -29.16 10.31 3.27
N LYS D 34 -27.97 9.94 2.82
CA LYS D 34 -26.75 10.10 3.61
C LYS D 34 -25.98 11.32 3.13
N GLY D 35 -25.67 12.21 4.06
CA GLY D 35 -25.02 13.46 3.73
C GLY D 35 -25.99 14.49 3.20
N TRP D 36 -25.45 15.69 2.99
CA TRP D 36 -26.25 16.77 2.44
C TRP D 36 -26.56 16.50 0.98
N PRO D 37 -27.64 17.10 0.45
CA PRO D 37 -28.00 16.85 -0.95
C PRO D 37 -26.87 17.25 -1.90
N LYS D 38 -26.69 16.44 -2.94
CA LYS D 38 -25.64 16.63 -3.92
C LYS D 38 -26.21 17.27 -5.18
N ARG D 39 -25.34 17.48 -6.17
CA ARG D 39 -25.78 18.04 -7.44
C ARG D 39 -26.58 17.05 -8.27
N SER D 40 -26.42 15.75 -8.03
CA SER D 40 -27.22 14.75 -8.74
C SER D 40 -28.69 14.85 -8.37
N CYS D 41 -29.00 15.16 -7.11
CA CYS D 41 -30.39 15.28 -6.65
C CYS D 41 -30.44 16.29 -5.52
N PRO D 42 -30.54 17.58 -5.84
CA PRO D 42 -30.64 18.60 -4.79
C PRO D 42 -31.88 18.47 -3.93
N THR D 43 -32.98 17.94 -4.45
CA THR D 43 -34.21 17.85 -3.67
C THR D 43 -34.05 16.94 -2.47
N GLY D 44 -33.38 15.80 -2.64
CA GLY D 44 -33.18 14.84 -1.59
C GLY D 44 -34.14 13.66 -1.62
N VAL D 45 -35.26 13.78 -2.31
CA VAL D 45 -36.20 12.68 -2.47
C VAL D 45 -35.83 11.88 -3.71
N PHE D 46 -36.16 10.59 -3.70
CA PHE D 46 -35.77 9.69 -4.77
C PHE D 46 -36.94 8.81 -5.19
N HIS D 47 -36.88 8.31 -6.41
N HIS D 47 -36.88 8.31 -6.41
CA HIS D 47 -37.91 7.42 -6.96
CA HIS D 47 -37.91 7.42 -6.96
C HIS D 47 -37.54 5.99 -6.57
C HIS D 47 -37.53 5.99 -6.57
N PHE D 48 -38.17 5.49 -5.52
CA PHE D 48 -37.88 4.15 -5.01
C PHE D 48 -38.67 3.15 -5.83
N ASP D 49 -38.02 2.60 -6.86
CA ASP D 49 -38.64 1.67 -7.79
C ASP D 49 -37.94 0.32 -7.72
N ILE D 50 -38.70 -0.75 -7.52
CA ILE D 50 -38.18 -2.11 -7.52
C ILE D 50 -38.87 -2.86 -8.66
N LYS D 51 -38.10 -3.17 -9.71
CA LYS D 51 -38.60 -3.93 -10.84
C LYS D 51 -37.63 -5.08 -11.10
N GLN D 52 -38.17 -6.29 -11.18
CA GLN D 52 -37.37 -7.52 -11.33
C GLN D 52 -36.19 -7.54 -10.36
N ASN D 53 -36.50 -7.30 -9.08
CA ASN D 53 -35.53 -7.40 -7.99
C ASN D 53 -34.37 -6.43 -8.15
N HIS D 54 -34.60 -5.30 -8.81
CA HIS D 54 -33.57 -4.30 -9.01
C HIS D 54 -34.09 -2.95 -8.52
N LEU D 55 -33.34 -2.31 -7.63
CA LEU D 55 -33.71 -1.02 -7.06
C LEU D 55 -32.92 0.07 -7.75
N LYS D 56 -33.63 0.96 -8.45
CA LYS D 56 -33.04 2.10 -9.10
C LYS D 56 -33.58 3.37 -8.45
N LEU D 57 -32.69 4.23 -7.99
CA LEU D 57 -33.05 5.46 -7.30
C LEU D 57 -32.94 6.61 -8.28
N LYS D 58 -34.08 7.11 -8.76
CA LYS D 58 -34.09 8.24 -9.66
C LYS D 58 -34.49 9.52 -8.94
N PRO D 59 -33.87 10.64 -9.28
CA PRO D 59 -34.23 11.91 -8.63
C PRO D 59 -35.65 12.33 -8.96
N ALA D 60 -36.26 13.05 -8.02
CA ALA D 60 -37.60 13.62 -8.19
C ALA D 60 -37.52 15.10 -7.88
N ILE D 61 -37.95 15.93 -8.82
CA ILE D 61 -37.82 17.37 -8.66
C ILE D 61 -38.94 17.89 -7.78
N PHE D 62 -38.76 19.12 -7.28
CA PHE D 62 -39.73 19.79 -6.43
C PHE D 62 -40.45 20.88 -7.21
N SER D 63 -41.48 21.43 -6.59
CA SER D 63 -42.24 22.51 -7.20
C SER D 63 -41.51 23.84 -6.99
N LYS D 64 -42.02 24.89 -7.65
CA LYS D 64 -41.41 26.20 -7.52
C LYS D 64 -41.59 26.78 -6.13
N ASP D 65 -42.71 26.48 -5.47
CA ASP D 65 -43.01 26.99 -4.14
C ASP D 65 -42.66 26.02 -3.03
N SER D 66 -41.97 24.93 -3.35
CA SER D 66 -41.61 23.94 -2.35
C SER D 66 -40.43 24.42 -1.51
N CYS D 67 -40.28 23.83 -0.33
CA CYS D 67 -39.18 24.10 0.56
C CYS D 67 -38.20 22.93 0.54
N TYR D 68 -36.92 23.22 0.34
CA TYR D 68 -35.89 22.19 0.22
C TYR D 68 -35.50 21.76 1.61
N LEU D 69 -36.26 20.80 2.16
CA LEU D 69 -36.10 20.35 3.53
C LEU D 69 -34.84 19.49 3.68
N PRO D 70 -34.19 19.57 4.84
CA PRO D 70 -32.98 18.78 5.07
C PRO D 70 -33.30 17.31 5.21
N PRO D 71 -32.34 16.42 4.93
CA PRO D 71 -32.59 14.98 5.12
C PRO D 71 -32.69 14.60 6.58
N LEU D 72 -33.90 14.27 7.03
CA LEU D 72 -34.12 13.91 8.41
C LEU D 72 -33.85 12.42 8.62
N ARG D 73 -33.24 12.09 9.75
CA ARG D 73 -32.75 10.74 9.99
C ARG D 73 -33.70 9.87 10.82
N TYR D 74 -34.61 10.47 11.59
CA TYR D 74 -35.56 9.68 12.36
C TYR D 74 -36.82 10.49 12.63
N PRO D 75 -37.63 10.76 11.61
CA PRO D 75 -38.83 11.58 11.81
C PRO D 75 -40.05 10.76 12.19
N ALA D 76 -41.19 11.42 12.33
CA ALA D 76 -42.47 10.77 12.60
C ALA D 76 -43.32 10.78 11.33
N THR D 77 -43.87 9.64 10.98
CA THR D 77 -44.56 9.45 9.70
C THR D 77 -46.07 9.42 9.92
N CYS D 78 -46.79 10.24 9.14
CA CYS D 78 -48.24 10.23 9.13
C CYS D 78 -48.71 10.31 7.68
N SER D 79 -49.91 9.80 7.43
CA SER D 79 -50.50 9.77 6.10
C SER D 79 -51.87 10.45 6.16
N TYR D 80 -51.90 11.76 5.96
CA TYR D 80 -53.15 12.49 5.96
C TYR D 80 -53.95 12.18 4.70
N LYS D 81 -55.26 12.07 4.87
CA LYS D 81 -56.16 11.78 3.75
C LYS D 81 -56.66 13.07 3.12
N LYS D 88 -55.64 14.81 -2.92
CA LYS D 88 -55.68 15.40 -1.60
C LYS D 88 -54.95 14.53 -0.59
N HIS D 89 -54.22 13.53 -1.09
CA HIS D 89 -53.48 12.62 -0.23
C HIS D 89 -52.14 13.25 0.13
N GLN D 90 -52.01 13.69 1.38
CA GLN D 90 -50.80 14.38 1.83
C GLN D 90 -49.93 13.46 2.68
N TYR D 91 -48.82 13.99 3.18
CA TYR D 91 -47.86 13.19 3.94
C TYR D 91 -47.11 14.10 4.88
N ILE D 92 -47.15 13.80 6.17
CA ILE D 92 -46.71 14.70 7.22
C ILE D 92 -45.53 14.07 7.96
N ILE D 93 -44.45 14.84 8.12
CA ILE D 93 -43.28 14.43 8.88
C ILE D 93 -42.93 15.50 9.90
N HIS D 94 -42.60 15.08 11.12
CA HIS D 94 -42.26 15.99 12.20
C HIS D 94 -41.00 15.50 12.89
N GLY D 95 -40.08 16.42 13.16
CA GLY D 95 -38.87 16.10 13.89
C GLY D 95 -37.88 15.30 13.06
N GLY D 96 -36.80 14.89 13.72
CA GLY D 96 -35.76 14.11 13.10
C GLY D 96 -34.39 14.70 13.37
N LYS D 97 -33.38 14.06 12.77
CA LYS D 97 -32.00 14.47 12.93
C LYS D 97 -31.42 14.89 11.58
N THR D 98 -30.88 16.10 11.52
CA THR D 98 -30.17 16.55 10.35
C THR D 98 -28.80 15.87 10.26
N PRO D 99 -28.18 15.86 9.08
CA PRO D 99 -26.83 15.26 8.97
C PRO D 99 -25.79 15.92 9.84
N ASN D 100 -26.01 17.17 10.29
CA ASN D 100 -25.11 17.83 11.22
C ASN D 100 -25.45 17.54 12.67
N ASN D 101 -26.44 16.66 12.92
CA ASN D 101 -26.77 16.18 14.25
C ASN D 101 -27.30 17.29 15.15
N GLU D 102 -28.33 17.99 14.68
CA GLU D 102 -29.15 18.84 15.53
C GLU D 102 -30.61 18.56 15.24
N LEU D 103 -31.40 18.47 16.30
CA LEU D 103 -32.81 18.14 16.17
C LEU D 103 -33.59 19.34 15.63
N SER D 104 -34.63 19.03 14.85
CA SER D 104 -35.48 20.04 14.23
C SER D 104 -36.88 19.94 14.81
N ASP D 105 -37.44 21.08 15.21
CA ASP D 105 -38.81 21.16 15.69
C ASP D 105 -39.78 21.63 14.61
N LYS D 106 -39.43 21.46 13.34
CA LYS D 106 -40.22 21.99 12.24
C LYS D 106 -41.09 20.91 11.63
N ILE D 107 -42.23 21.33 11.08
CA ILE D 107 -43.22 20.42 10.52
C ILE D 107 -43.24 20.61 9.01
N TYR D 108 -43.24 19.50 8.27
CA TYR D 108 -43.23 19.52 6.82
C TYR D 108 -44.41 18.71 6.28
N ILE D 109 -45.01 19.22 5.20
CA ILE D 109 -46.12 18.56 4.53
C ILE D 109 -45.72 18.33 3.07
N MET D 110 -45.90 17.10 2.61
CA MET D 110 -45.52 16.71 1.26
C MET D 110 -46.75 16.29 0.47
N SER D 111 -46.78 16.65 -0.82
CA SER D 111 -47.87 16.28 -1.71
C SER D 111 -47.36 16.34 -3.14
N VAL D 112 -48.08 15.68 -4.04
CA VAL D 112 -47.72 15.66 -5.45
C VAL D 112 -48.34 16.90 -6.10
N ALA D 113 -47.49 17.85 -6.48
CA ALA D 113 -47.98 19.10 -7.07
C ALA D 113 -48.52 18.86 -8.47
N CYS D 114 -47.77 18.15 -9.31
CA CYS D 114 -48.19 17.86 -10.67
C CYS D 114 -47.45 16.62 -11.15
N LYS D 115 -48.14 15.78 -11.90
CA LYS D 115 -47.59 14.52 -12.38
C LYS D 115 -47.86 14.36 -13.87
N ASN D 116 -46.82 13.96 -14.60
CA ASN D 116 -46.95 13.58 -16.01
C ASN D 116 -46.37 12.17 -16.18
N ASN D 117 -46.16 11.75 -17.42
CA ASN D 117 -45.71 10.38 -17.68
C ASN D 117 -44.39 10.07 -17.00
N LYS D 118 -44.44 9.20 -15.98
CA LYS D 118 -43.27 8.66 -15.30
C LYS D 118 -42.45 9.71 -14.56
N LYS D 119 -42.95 10.94 -14.44
CA LYS D 119 -42.26 11.97 -13.69
C LYS D 119 -43.23 12.66 -12.75
N VAL D 120 -42.73 13.08 -11.59
CA VAL D 120 -43.55 13.70 -10.56
C VAL D 120 -42.78 14.87 -9.94
N THR D 121 -43.52 15.92 -9.59
CA THR D 121 -42.97 17.08 -8.90
C THR D 121 -43.69 17.22 -7.56
N PHE D 122 -42.92 17.25 -6.48
CA PHE D 122 -43.49 17.29 -5.14
C PHE D 122 -43.71 18.73 -4.68
N ARG D 123 -44.51 18.86 -3.63
CA ARG D 123 -44.83 20.16 -3.02
C ARG D 123 -44.57 20.06 -1.53
N CYS D 124 -43.42 20.54 -1.08
CA CYS D 124 -43.05 20.53 0.34
C CYS D 124 -43.44 21.89 0.94
N THR D 125 -44.28 21.86 1.97
CA THR D 125 -44.82 23.06 2.57
C THR D 125 -44.41 23.14 4.04
N GLU D 126 -43.98 24.32 4.46
CA GLU D 126 -43.51 24.56 5.81
C GLU D 126 -44.61 25.24 6.62
N LYS D 127 -44.82 24.77 7.85
CA LYS D 127 -45.79 25.36 8.75
C LYS D 127 -45.13 25.63 10.11
N ASP D 128 -45.77 26.50 10.88
CA ASP D 128 -45.30 26.87 12.21
C ASP D 128 -46.36 26.49 13.24
N LEU D 129 -45.93 25.76 14.27
CA LEU D 129 -46.84 25.36 15.35
C LEU D 129 -46.80 26.38 16.48
N VAL D 130 -47.98 26.70 17.01
CA VAL D 130 -48.11 27.66 18.09
C VAL D 130 -48.82 26.99 19.26
N GLY D 131 -48.60 27.54 20.45
CA GLY D 131 -49.16 26.98 21.66
C GLY D 131 -48.15 26.13 22.41
N ASP D 132 -48.57 24.96 22.86
CA ASP D 132 -47.69 24.02 23.55
C ASP D 132 -46.95 23.16 22.50
N VAL D 133 -46.04 23.82 21.80
CA VAL D 133 -45.29 23.16 20.73
C VAL D 133 -44.35 22.12 21.34
N PRO D 134 -44.28 20.91 20.78
CA PRO D 134 -43.33 19.91 21.30
C PRO D 134 -41.89 20.35 21.08
N GLU D 135 -41.02 19.95 22.01
CA GLU D 135 -39.61 20.19 21.86
C GLU D 135 -39.05 19.32 20.73
N PRO D 136 -37.92 19.73 20.14
CA PRO D 136 -37.32 18.90 19.09
C PRO D 136 -36.97 17.52 19.62
N ARG D 137 -37.25 16.51 18.81
CA ARG D 137 -37.12 15.12 19.24
C ARG D 137 -37.10 14.22 18.02
N TYR D 138 -36.79 12.94 18.25
CA TYR D 138 -36.80 11.95 17.19
C TYR D 138 -37.23 10.61 17.78
N GLY D 139 -37.70 9.73 16.91
CA GLY D 139 -38.19 8.42 17.32
C GLY D 139 -39.64 8.36 17.74
N HIS D 140 -40.33 9.50 17.72
CA HIS D 140 -41.73 9.53 18.14
C HIS D 140 -42.63 9.09 16.99
N SER D 141 -43.94 9.16 17.22
CA SER D 141 -44.93 8.75 16.23
C SER D 141 -46.06 9.77 16.19
N ILE D 142 -46.56 10.03 14.98
CA ILE D 142 -47.66 10.96 14.77
C ILE D 142 -48.74 10.28 13.94
N ASP D 143 -49.99 10.37 14.39
CA ASP D 143 -51.14 9.82 13.69
C ASP D 143 -52.25 10.86 13.65
N VAL D 144 -53.28 10.56 12.87
CA VAL D 144 -54.42 11.45 12.68
C VAL D 144 -55.70 10.70 13.05
N VAL D 145 -56.64 11.40 13.68
CA VAL D 145 -57.91 10.82 14.08
C VAL D 145 -59.04 11.61 13.42
N TYR D 146 -60.16 10.93 13.18
CA TYR D 146 -61.34 11.51 12.52
C TYR D 146 -62.53 11.32 13.45
N SER D 147 -62.76 12.28 14.34
CA SER D 147 -63.85 12.23 15.30
C SER D 147 -64.83 13.36 15.03
N ARG D 148 -66.10 13.00 14.84
CA ARG D 148 -67.19 13.96 14.65
C ARG D 148 -66.91 14.90 13.47
N GLY D 149 -66.33 14.34 12.41
CA GLY D 149 -66.09 15.08 11.19
C GLY D 149 -64.90 16.01 11.20
N LYS D 150 -64.16 16.08 12.32
CA LYS D 150 -63.00 16.94 12.44
C LYS D 150 -61.74 16.09 12.54
N SER D 151 -60.71 16.47 11.80
CA SER D 151 -59.45 15.75 11.76
C SER D 151 -58.42 16.48 12.60
N MET D 152 -57.68 15.73 13.42
CA MET D 152 -56.66 16.32 14.27
C MET D 152 -55.56 15.29 14.50
N GLY D 153 -54.31 15.78 14.50
CA GLY D 153 -53.17 14.90 14.70
C GLY D 153 -52.81 14.74 16.17
N VAL D 154 -52.15 13.62 16.47
CA VAL D 154 -51.74 13.29 17.83
C VAL D 154 -50.25 13.00 17.83
N LEU D 155 -49.57 13.41 18.90
CA LEU D 155 -48.14 13.23 19.05
C LEU D 155 -47.83 12.65 20.42
N PHE D 156 -46.80 11.83 20.50
CA PHE D 156 -46.37 11.21 21.73
C PHE D 156 -44.87 11.41 21.91
N GLY D 157 -44.38 11.14 23.11
CA GLY D 157 -43.00 11.43 23.44
C GLY D 157 -42.01 10.56 22.70
N GLY D 158 -40.76 11.00 22.71
CA GLY D 158 -39.67 10.28 22.07
C GLY D 158 -38.37 10.53 22.78
N ARG D 159 -37.28 10.64 22.01
CA ARG D 159 -35.97 10.92 22.56
C ARG D 159 -35.51 12.30 22.12
N SER D 160 -34.85 13.01 23.04
CA SER D 160 -34.36 14.36 22.77
C SER D 160 -33.13 14.63 23.61
N TYR D 161 -32.36 15.63 23.18
CA TYR D 161 -31.16 16.03 23.91
C TYR D 161 -31.54 16.68 25.24
N MET D 162 -30.55 16.80 26.11
CA MET D 162 -30.76 17.44 27.40
C MET D 162 -31.06 18.92 27.20
N PRO D 163 -31.81 19.53 28.12
CA PRO D 163 -32.15 20.95 27.97
C PRO D 163 -30.90 21.83 27.98
N SER D 164 -31.08 23.06 27.50
CA SER D 164 -29.97 23.99 27.32
C SER D 164 -29.35 24.43 28.63
N THR D 165 -30.01 24.20 29.77
CA THR D 165 -29.47 24.61 31.06
C THR D 165 -28.69 23.50 31.76
N GLN D 166 -28.87 22.25 31.36
CA GLN D 166 -28.19 21.11 31.99
C GLN D 166 -27.36 20.31 30.99
N ARG D 167 -26.93 20.93 29.90
CA ARG D 167 -26.19 20.25 28.85
C ARG D 167 -24.71 20.65 28.93
N THR D 168 -23.82 19.67 28.99
CA THR D 168 -22.39 19.89 29.07
C THR D 168 -21.69 19.28 27.86
N THR D 169 -20.49 19.79 27.57
CA THR D 169 -19.76 19.31 26.40
C THR D 169 -19.22 17.90 26.59
N GLU D 170 -19.04 17.44 27.83
CA GLU D 170 -18.60 16.07 28.05
C GLU D 170 -19.72 15.09 27.71
N LYS D 171 -20.96 15.42 28.02
CA LYS D 171 -22.14 14.62 27.72
C LYS D 171 -23.02 15.31 26.69
N TRP D 172 -22.36 15.93 25.70
CA TRP D 172 -23.08 16.75 24.71
C TRP D 172 -24.11 15.92 23.94
N ASN D 173 -23.74 14.71 23.53
CA ASN D 173 -24.61 13.89 22.69
C ASN D 173 -25.53 12.98 23.50
N SER D 174 -25.51 13.07 24.83
CA SER D 174 -26.39 12.25 25.65
C SER D 174 -27.84 12.66 25.43
N VAL D 175 -28.71 11.66 25.39
CA VAL D 175 -30.14 11.88 25.12
C VAL D 175 -30.95 11.40 26.31
N ALA D 176 -32.13 12.01 26.48
CA ALA D 176 -33.06 11.63 27.53
C ALA D 176 -34.46 11.55 26.95
N ASP D 177 -35.26 10.63 27.48
CA ASP D 177 -36.62 10.44 26.99
C ASP D 177 -37.47 11.67 27.27
N CYS D 178 -38.37 11.98 26.34
CA CYS D 178 -39.24 13.13 26.49
C CYS D 178 -40.33 12.83 27.53
N LEU D 179 -41.07 13.87 27.89
CA LEU D 179 -42.13 13.73 28.87
C LEU D 179 -43.28 12.91 28.28
N PRO D 180 -43.99 12.14 29.12
CA PRO D 180 -45.10 11.31 28.63
C PRO D 180 -46.29 12.10 28.11
N HIS D 181 -46.17 13.42 28.03
CA HIS D 181 -47.29 14.26 27.61
C HIS D 181 -47.74 13.91 26.20
N VAL D 182 -49.05 13.98 25.98
CA VAL D 182 -49.66 13.70 24.68
C VAL D 182 -50.14 15.02 24.10
N PHE D 183 -49.76 15.28 22.85
CA PHE D 183 -50.02 16.56 22.19
C PHE D 183 -50.97 16.35 21.03
N LEU D 184 -51.89 17.30 20.84
CA LEU D 184 -52.84 17.31 19.74
C LEU D 184 -52.47 18.43 18.78
N ILE D 185 -52.22 18.08 17.52
CA ILE D 185 -51.78 19.02 16.51
C ILE D 185 -52.92 19.22 15.51
N ASP D 186 -53.33 20.47 15.32
CA ASP D 186 -54.35 20.84 14.35
C ASP D 186 -53.67 21.30 13.07
N PHE D 187 -53.66 20.46 12.04
CA PHE D 187 -52.87 20.74 10.85
C PHE D 187 -53.40 21.93 10.08
N GLU D 188 -54.72 22.06 9.96
CA GLU D 188 -55.28 23.15 9.16
C GLU D 188 -55.07 24.52 9.81
N PHE D 189 -54.88 24.56 11.14
CA PHE D 189 -54.67 25.81 11.85
C PHE D 189 -53.28 25.95 12.46
N GLY D 190 -52.50 24.87 12.55
CA GLY D 190 -51.15 24.95 13.08
C GLY D 190 -51.10 25.29 14.56
N CYS D 191 -51.95 24.65 15.36
CA CYS D 191 -52.00 24.89 16.80
C CYS D 191 -51.88 23.56 17.53
N ALA D 192 -51.27 23.61 18.71
CA ALA D 192 -51.03 22.42 19.52
C ALA D 192 -51.40 22.70 20.97
N THR D 193 -52.07 21.74 21.60
CA THR D 193 -52.47 21.83 23.00
C THR D 193 -51.92 20.63 23.76
N SER D 194 -51.27 20.90 24.89
CA SER D 194 -50.71 19.85 25.72
C SER D 194 -51.80 19.15 26.53
N TYR D 195 -51.54 17.90 26.89
CA TYR D 195 -52.45 17.12 27.73
C TYR D 195 -51.63 16.14 28.54
N ILE D 196 -51.85 16.14 29.85
CA ILE D 196 -51.16 15.25 30.77
C ILE D 196 -52.13 14.13 31.17
N LEU D 197 -51.72 12.89 30.94
CA LEU D 197 -52.57 11.73 31.21
C LEU D 197 -51.99 10.95 32.38
N PRO D 198 -52.76 10.73 33.46
CA PRO D 198 -52.22 10.00 34.61
C PRO D 198 -51.85 8.55 34.31
N GLU D 199 -52.44 7.94 33.27
CA GLU D 199 -52.13 6.55 32.95
C GLU D 199 -50.76 6.40 32.30
N LEU D 200 -50.12 7.49 31.89
CA LEU D 200 -48.81 7.46 31.27
C LEU D 200 -47.82 8.16 32.20
N GLN D 201 -46.87 7.40 32.74
CA GLN D 201 -45.91 7.92 33.70
C GLN D 201 -44.47 7.87 33.23
N ASP D 202 -44.08 6.88 32.43
CA ASP D 202 -42.72 6.73 31.97
C ASP D 202 -42.62 7.12 30.50
N GLY D 203 -41.44 7.60 30.12
CA GLY D 203 -41.20 7.95 28.74
C GLY D 203 -41.17 6.74 27.83
N LEU D 204 -41.42 6.99 26.55
CA LEU D 204 -41.50 5.91 25.57
C LEU D 204 -40.96 6.42 24.23
N SER D 205 -40.20 5.56 23.55
CA SER D 205 -39.59 5.94 22.28
C SER D 205 -39.47 4.70 21.40
N PHE D 206 -39.33 4.95 20.09
CA PHE D 206 -39.21 3.90 19.09
C PHE D 206 -40.37 2.90 19.18
N HIS D 207 -41.58 3.43 19.30
CA HIS D 207 -42.78 2.62 19.35
C HIS D 207 -43.51 2.67 18.02
N VAL D 208 -44.48 1.77 17.87
CA VAL D 208 -45.32 1.72 16.67
C VAL D 208 -46.73 2.18 17.05
N SER D 209 -47.40 2.83 16.11
CA SER D 209 -48.71 3.40 16.33
C SER D 209 -49.69 2.89 15.28
N ILE D 210 -50.90 2.55 15.73
CA ILE D 210 -51.96 2.08 14.86
C ILE D 210 -53.15 3.02 15.04
N ALA D 211 -53.66 3.54 13.93
CA ALA D 211 -54.76 4.50 13.95
C ALA D 211 -56.08 3.85 13.59
N ARG D 212 -57.16 4.52 13.97
CA ARG D 212 -58.52 4.06 13.68
C ARG D 212 -59.38 5.30 13.50
N ASN D 213 -60.71 5.12 13.59
CA ASN D 213 -61.63 6.23 13.35
C ASN D 213 -61.39 7.37 14.34
N ASP D 214 -61.36 7.06 15.64
CA ASP D 214 -61.18 8.10 16.65
C ASP D 214 -60.28 7.66 17.78
N THR D 215 -59.32 6.78 17.49
CA THR D 215 -58.41 6.30 18.53
C THR D 215 -57.07 5.92 17.92
N VAL D 216 -56.04 5.92 18.75
CA VAL D 216 -54.68 5.56 18.38
C VAL D 216 -54.19 4.50 19.35
N TYR D 217 -53.63 3.42 18.82
CA TYR D 217 -53.14 2.30 19.63
C TYR D 217 -51.61 2.32 19.58
N ILE D 218 -51.00 2.80 20.66
CA ILE D 218 -49.55 2.78 20.81
C ILE D 218 -49.17 1.53 21.61
N LEU D 219 -48.21 0.77 21.09
CA LEU D 219 -47.81 -0.48 21.72
C LEU D 219 -46.33 -0.70 21.47
N GLY D 220 -45.65 -1.25 22.47
CA GLY D 220 -44.23 -1.48 22.39
C GLY D 220 -43.43 -0.21 22.63
N GLY D 221 -42.12 -0.34 22.52
CA GLY D 221 -41.23 0.79 22.67
C GLY D 221 -40.17 0.60 23.73
N HIS D 222 -39.26 1.57 23.84
CA HIS D 222 -38.15 1.51 24.78
C HIS D 222 -38.21 2.72 25.70
N SER D 223 -38.00 2.48 26.99
CA SER D 223 -37.94 3.54 28.00
C SER D 223 -36.49 3.69 28.43
N LEU D 224 -35.89 4.85 28.13
CA LEU D 224 -34.48 5.06 28.42
C LEU D 224 -34.21 5.30 29.90
N ALA D 225 -35.21 5.77 30.66
CA ALA D 225 -34.99 6.05 32.08
C ALA D 225 -34.67 4.79 32.85
N SER D 226 -35.38 3.69 32.57
CA SER D 226 -35.16 2.43 33.26
C SER D 226 -34.44 1.40 32.40
N ASN D 227 -34.19 1.71 31.12
CA ASN D 227 -33.55 0.78 30.18
C ASN D 227 -34.33 -0.53 30.15
N ILE D 228 -35.62 -0.42 29.83
CA ILE D 228 -36.51 -1.57 29.73
C ILE D 228 -37.35 -1.42 28.48
N ARG D 229 -37.95 -2.54 28.06
CA ARG D 229 -38.87 -2.58 26.93
C ARG D 229 -40.19 -3.15 27.43
N PRO D 230 -41.10 -2.30 27.92
CA PRO D 230 -42.33 -2.81 28.52
C PRO D 230 -43.25 -3.48 27.50
N ALA D 231 -43.96 -4.49 27.97
CA ALA D 231 -44.98 -5.16 27.15
C ALA D 231 -46.35 -4.55 27.42
N ASN D 232 -46.43 -3.24 27.18
CA ASN D 232 -47.62 -2.46 27.45
C ASN D 232 -48.42 -2.20 26.17
N LEU D 233 -49.63 -1.67 26.36
CA LEU D 233 -50.50 -1.34 25.24
C LEU D 233 -51.51 -0.31 25.73
N TYR D 234 -51.50 0.87 25.13
CA TYR D 234 -52.40 1.95 25.48
C TYR D 234 -53.33 2.27 24.33
N ARG D 235 -54.57 2.59 24.66
CA ARG D 235 -55.54 3.08 23.69
C ARG D 235 -55.87 4.53 24.03
N ILE D 236 -55.65 5.43 23.09
CA ILE D 236 -55.88 6.86 23.29
C ILE D 236 -57.08 7.25 22.42
N ARG D 237 -58.18 7.60 23.06
CA ARG D 237 -59.41 7.96 22.37
C ARG D 237 -59.65 9.46 22.53
N VAL D 238 -59.95 10.13 21.42
CA VAL D 238 -60.11 11.58 21.40
C VAL D 238 -61.45 11.90 20.74
N ASP D 239 -62.19 12.83 21.35
CA ASP D 239 -63.40 13.38 20.75
C ASP D 239 -63.24 14.89 20.55
N LEU D 240 -63.99 15.42 19.59
CA LEU D 240 -63.90 16.83 19.20
C LEU D 240 -65.29 17.46 19.27
N PRO D 241 -65.73 17.85 20.46
CA PRO D 241 -66.98 18.62 20.56
C PRO D 241 -66.77 20.07 20.15
N LEU D 242 -67.80 20.90 20.33
CA LEU D 242 -67.66 22.31 20.01
C LEU D 242 -66.60 22.98 20.89
N GLY D 243 -66.54 22.60 22.16
CA GLY D 243 -65.59 23.18 23.09
C GLY D 243 -64.20 22.57 22.97
N THR D 244 -63.51 22.52 24.11
CA THR D 244 -62.14 22.02 24.12
C THR D 244 -62.13 20.51 23.89
N PRO D 245 -61.10 19.99 23.21
CA PRO D 245 -61.02 18.54 23.02
C PRO D 245 -60.73 17.82 24.33
N ALA D 246 -61.18 16.57 24.40
CA ALA D 246 -60.98 15.71 25.56
C ALA D 246 -60.26 14.43 25.11
N VAL D 247 -59.26 14.02 25.88
CA VAL D 247 -58.47 12.83 25.58
C VAL D 247 -58.51 11.89 26.77
N ASN D 248 -58.60 10.60 26.48
CA ASN D 248 -58.62 9.56 27.51
C ASN D 248 -57.70 8.43 27.09
N CYS D 249 -56.91 7.92 28.04
CA CYS D 249 -56.00 6.81 27.80
C CYS D 249 -56.42 5.63 28.68
N THR D 250 -56.52 4.45 28.07
CA THR D 250 -56.90 3.24 28.78
C THR D 250 -55.84 2.18 28.55
N VAL D 251 -55.40 1.55 29.63
CA VAL D 251 -54.38 0.50 29.54
C VAL D 251 -55.07 -0.83 29.23
N LEU D 252 -54.57 -1.52 28.20
CA LEU D 252 -55.16 -2.78 27.78
C LEU D 252 -54.14 -3.91 27.92
N PRO D 253 -54.60 -5.11 28.24
CA PRO D 253 -53.68 -6.25 28.38
C PRO D 253 -53.45 -6.95 27.04
N GLY D 254 -52.47 -7.85 27.06
CA GLY D 254 -52.14 -8.64 25.88
C GLY D 254 -51.17 -7.99 24.93
N GLY D 255 -50.47 -6.95 25.35
CA GLY D 255 -49.54 -6.26 24.47
C GLY D 255 -48.23 -7.02 24.29
N ILE D 256 -47.41 -6.49 23.38
CA ILE D 256 -46.12 -7.08 23.08
C ILE D 256 -45.02 -6.10 23.50
N SER D 257 -43.81 -6.63 23.61
CA SER D 257 -42.63 -5.85 24.02
C SER D 257 -41.66 -5.82 22.85
N VAL D 258 -41.65 -4.71 22.12
CA VAL D 258 -40.78 -4.54 20.96
C VAL D 258 -40.53 -3.05 20.75
N SER D 259 -39.38 -2.72 20.19
CA SER D 259 -39.00 -1.34 19.91
C SER D 259 -38.46 -1.25 18.49
N SER D 260 -38.72 -0.12 17.84
CA SER D 260 -38.31 0.14 16.46
C SER D 260 -38.78 -0.97 15.53
N ALA D 261 -40.06 -1.32 15.65
CA ALA D 261 -40.68 -2.31 14.79
C ALA D 261 -41.22 -1.66 13.52
N ILE D 262 -41.61 -2.51 12.57
CA ILE D 262 -42.08 -2.05 11.26
C ILE D 262 -43.53 -2.48 11.10
N LEU D 263 -44.38 -1.53 10.68
CA LEU D 263 -45.80 -1.75 10.46
C LEU D 263 -46.13 -1.57 8.98
N THR D 264 -47.06 -2.38 8.50
CA THR D 264 -47.48 -2.32 7.10
C THR D 264 -49.00 -2.43 7.02
N GLN D 265 -49.52 -2.12 5.83
CA GLN D 265 -50.97 -2.07 5.60
C GLN D 265 -51.33 -3.30 4.76
N THR D 266 -51.70 -4.39 5.43
CA THR D 266 -52.00 -5.64 4.72
C THR D 266 -53.43 -5.62 4.18
N ASN D 267 -54.41 -5.55 5.07
CA ASN D 267 -55.82 -5.55 4.69
C ASN D 267 -56.54 -4.51 5.52
N ASN D 268 -57.75 -4.17 5.10
CA ASN D 268 -58.56 -3.23 5.86
C ASN D 268 -58.83 -3.78 7.25
N ASP D 269 -58.54 -2.95 8.26
CA ASP D 269 -58.65 -3.34 9.67
C ASP D 269 -57.80 -4.58 9.99
N GLU D 270 -56.66 -4.70 9.31
CA GLU D 270 -55.73 -5.81 9.53
C GLU D 270 -54.31 -5.30 9.36
N PHE D 271 -53.51 -5.39 10.42
CA PHE D 271 -52.12 -4.95 10.39
C PHE D 271 -51.23 -6.03 10.96
N VAL D 272 -49.95 -6.00 10.56
CA VAL D 272 -48.94 -6.92 11.08
C VAL D 272 -47.70 -6.13 11.42
N ILE D 273 -47.00 -6.56 12.47
CA ILE D 273 -45.78 -5.91 12.94
C ILE D 273 -44.61 -6.86 12.73
N VAL D 274 -43.57 -6.38 12.06
CA VAL D 274 -42.37 -7.15 11.81
C VAL D 274 -41.17 -6.37 12.31
N GLY D 275 -40.10 -7.10 12.64
CA GLY D 275 -38.87 -6.48 13.05
C GLY D 275 -38.91 -5.97 14.47
N GLY D 276 -37.79 -5.38 14.88
CA GLY D 276 -37.65 -4.80 16.20
C GLY D 276 -36.62 -5.54 17.03
N TYR D 277 -36.51 -5.11 18.29
CA TYR D 277 -35.59 -5.72 19.23
C TYR D 277 -36.30 -5.91 20.57
N GLN D 278 -36.05 -7.05 21.20
CA GLN D 278 -36.61 -7.35 22.51
C GLN D 278 -35.69 -6.92 23.63
N LEU D 279 -34.41 -7.30 23.55
CA LEU D 279 -33.37 -6.85 24.46
C LEU D 279 -32.26 -6.17 23.66
N GLU D 280 -31.19 -5.78 24.35
CA GLU D 280 -30.08 -5.14 23.67
C GLU D 280 -29.42 -6.08 22.67
N ASN D 281 -29.20 -7.33 23.07
CA ASN D 281 -28.62 -8.33 22.18
C ASN D 281 -29.65 -9.30 21.62
N GLN D 282 -30.89 -9.24 22.09
CA GLN D 282 -31.98 -10.06 21.58
C GLN D 282 -32.69 -9.32 20.45
N LYS D 283 -33.04 -10.06 19.42
CA LYS D 283 -33.53 -9.48 18.18
C LYS D 283 -34.80 -10.19 17.73
N ARG D 284 -35.82 -9.41 17.38
CA ARG D 284 -37.19 -9.90 17.20
C ARG D 284 -37.27 -10.77 15.95
N MET D 285 -37.53 -12.06 16.15
CA MET D 285 -37.66 -13.02 15.06
C MET D 285 -39.11 -13.35 14.71
N VAL D 286 -40.08 -12.83 15.45
CA VAL D 286 -41.48 -13.23 15.29
C VAL D 286 -42.28 -12.05 14.78
N CYS D 287 -43.45 -12.37 14.23
CA CYS D 287 -44.37 -11.39 13.67
C CYS D 287 -45.70 -11.45 14.40
N SER D 288 -46.27 -10.29 14.69
CA SER D 288 -47.54 -10.17 15.39
C SER D 288 -48.58 -9.57 14.47
N LEU D 289 -49.71 -10.26 14.32
CA LEU D 289 -50.82 -9.78 13.50
C LEU D 289 -51.82 -9.07 14.40
N VAL D 290 -52.14 -7.82 14.05
CA VAL D 290 -53.12 -7.03 14.80
C VAL D 290 -54.45 -7.10 14.07
N SER D 291 -55.46 -7.63 14.74
CA SER D 291 -56.82 -7.70 14.20
C SER D 291 -57.59 -6.50 14.73
N LEU D 292 -57.79 -5.50 13.88
CA LEU D 292 -58.48 -4.29 14.28
C LEU D 292 -59.98 -4.56 14.45
N GLY D 293 -60.65 -3.63 15.12
CA GLY D 293 -62.07 -3.75 15.34
C GLY D 293 -62.66 -2.43 15.76
N ASP D 294 -63.95 -2.46 16.06
CA ASP D 294 -64.64 -1.24 16.50
C ASP D 294 -64.10 -0.77 17.84
N ASN D 295 -64.28 -1.59 18.88
CA ASN D 295 -63.75 -1.27 20.21
C ASN D 295 -62.91 -2.41 20.77
N THR D 296 -62.45 -3.34 19.94
CA THR D 296 -61.71 -4.51 20.40
C THR D 296 -60.40 -4.61 19.64
N ILE D 297 -59.35 -5.07 20.33
CA ILE D 297 -58.03 -5.29 19.75
C ILE D 297 -57.59 -6.70 20.07
N GLU D 298 -57.13 -7.43 19.06
CA GLU D 298 -56.63 -8.78 19.24
C GLU D 298 -55.31 -8.92 18.48
N ILE D 299 -54.25 -9.27 19.20
CA ILE D 299 -52.93 -9.49 18.60
C ILE D 299 -52.68 -10.99 18.53
N SER D 300 -52.36 -11.47 17.33
CA SER D 300 -52.09 -12.88 17.10
C SER D 300 -50.74 -13.04 16.43
N GLU D 301 -50.10 -14.18 16.70
CA GLU D 301 -48.80 -14.51 16.13
C GLU D 301 -48.99 -15.51 15.00
N MET D 302 -48.48 -15.17 13.82
CA MET D 302 -48.53 -16.07 12.67
C MET D 302 -47.24 -16.86 12.56
N GLU D 303 -47.08 -17.57 11.44
CA GLU D 303 -45.86 -18.31 11.19
C GLU D 303 -44.68 -17.37 10.99
N THR D 304 -43.51 -17.80 11.43
CA THR D 304 -42.30 -17.01 11.25
C THR D 304 -41.83 -17.11 9.80
N PRO D 305 -41.55 -15.99 9.14
CA PRO D 305 -41.05 -16.06 7.76
C PRO D 305 -39.68 -16.72 7.70
N ASP D 306 -39.38 -17.29 6.54
CA ASP D 306 -38.15 -18.05 6.37
C ASP D 306 -36.95 -17.12 6.33
N TRP D 307 -36.42 -16.77 7.50
CA TRP D 307 -35.26 -15.90 7.59
C TRP D 307 -34.01 -16.62 7.10
N THR D 308 -33.08 -15.85 6.55
CA THR D 308 -31.82 -16.37 6.05
C THR D 308 -30.76 -16.30 7.14
N SER D 309 -29.61 -16.92 6.85
CA SER D 309 -28.51 -16.93 7.81
C SER D 309 -27.98 -15.53 8.09
N ASP D 310 -27.89 -14.70 7.04
CA ASP D 310 -27.37 -13.35 7.22
C ASP D 310 -28.25 -12.52 8.16
N ILE D 311 -29.57 -12.63 8.00
CA ILE D 311 -30.48 -11.93 8.90
C ILE D 311 -30.42 -12.53 10.30
N LYS D 312 -30.42 -13.86 10.39
CA LYS D 312 -30.48 -14.52 11.69
C LYS D 312 -29.22 -14.31 12.51
N HIS D 313 -28.08 -14.03 11.88
CA HIS D 313 -26.82 -13.88 12.60
C HIS D 313 -26.28 -12.46 12.54
N SER D 314 -27.16 -11.47 12.44
CA SER D 314 -26.78 -10.07 12.40
C SER D 314 -27.08 -9.40 13.74
N LYS D 315 -26.80 -8.09 13.80
CA LYS D 315 -27.12 -7.26 14.96
C LYS D 315 -28.34 -6.37 14.74
N ILE D 316 -28.42 -5.71 13.59
CA ILE D 316 -29.47 -4.73 13.34
C ILE D 316 -30.06 -4.94 11.95
N TRP D 317 -31.31 -4.55 11.80
CA TRP D 317 -31.86 -4.16 10.51
C TRP D 317 -32.71 -2.92 10.67
N PHE D 318 -33.02 -2.30 9.53
CA PHE D 318 -33.83 -1.10 9.48
C PHE D 318 -34.72 -1.18 8.26
N GLY D 319 -35.85 -0.49 8.31
CA GLY D 319 -36.78 -0.55 7.20
C GLY D 319 -37.95 0.38 7.40
N SER D 320 -38.83 0.39 6.41
CA SER D 320 -40.02 1.20 6.40
C SER D 320 -41.14 0.41 5.72
N ASN D 321 -42.23 1.09 5.40
CA ASN D 321 -43.40 0.47 4.79
C ASN D 321 -43.56 0.96 3.35
N MET D 322 -43.64 0.01 2.41
CA MET D 322 -43.89 0.37 1.02
C MET D 322 -45.33 0.78 0.76
N GLY D 323 -46.24 0.44 1.65
CA GLY D 323 -47.63 0.82 1.49
C GLY D 323 -48.50 -0.27 0.90
N ASN D 324 -47.99 -0.98 -0.08
CA ASN D 324 -48.73 -2.06 -0.75
C ASN D 324 -48.43 -3.42 -0.12
N GLY D 325 -48.53 -3.50 1.20
CA GLY D 325 -48.28 -4.75 1.89
C GLY D 325 -46.87 -5.27 1.73
N THR D 326 -45.91 -4.40 1.46
CA THR D 326 -44.52 -4.79 1.24
C THR D 326 -43.63 -4.06 2.23
N ILE D 327 -42.63 -4.78 2.75
CA ILE D 327 -41.73 -4.24 3.77
C ILE D 327 -40.30 -4.41 3.27
N PHE D 328 -39.54 -3.32 3.30
CA PHE D 328 -38.20 -3.26 2.73
C PHE D 328 -37.19 -3.08 3.87
N LEU D 329 -36.46 -4.15 4.18
CA LEU D 329 -35.48 -4.15 5.26
C LEU D 329 -34.09 -4.45 4.70
N GLY D 330 -33.07 -3.98 5.42
CA GLY D 330 -31.70 -4.17 5.00
C GLY D 330 -30.84 -4.70 6.13
N ILE D 331 -29.79 -5.43 5.75
CA ILE D 331 -28.86 -6.05 6.69
C ILE D 331 -27.48 -5.51 6.40
N PRO D 332 -26.74 -5.01 7.39
CA PRO D 332 -25.40 -4.48 7.13
C PRO D 332 -24.41 -5.59 6.81
N GLY D 333 -23.40 -5.24 6.00
CA GLY D 333 -22.35 -6.16 5.65
C GLY D 333 -21.02 -5.78 6.31
N ASP D 334 -20.04 -6.69 6.17
CA ASP D 334 -18.72 -6.50 6.73
C ASP D 334 -17.69 -6.06 5.71
N ASN D 335 -18.12 -5.77 4.47
CA ASN D 335 -17.16 -5.34 3.45
C ASN D 335 -16.58 -3.97 3.78
N LYS D 336 -17.45 -2.95 3.81
CA LYS D 336 -17.08 -1.59 4.22
C LYS D 336 -15.87 -1.05 3.46
N GLN D 337 -14.69 -1.63 3.68
CA GLN D 337 -13.50 -1.19 2.98
C GLN D 337 -13.64 -1.41 1.48
N ALA D 338 -14.15 -2.56 1.07
CA ALA D 338 -14.50 -2.77 -0.33
C ALA D 338 -15.71 -1.93 -0.75
N MET D 339 -16.50 -1.47 0.20
CA MET D 339 -17.68 -0.63 -0.02
C MET D 339 -18.61 -1.43 -0.95
N SER D 340 -19.27 -0.77 -1.91
CA SER D 340 -20.23 -1.42 -2.80
C SER D 340 -21.29 -2.16 -1.99
N GLU D 341 -20.99 -3.38 -1.58
CA GLU D 341 -21.94 -4.19 -0.80
C GLU D 341 -21.79 -3.85 0.68
N ALA D 342 -22.04 -2.58 0.98
CA ALA D 342 -22.03 -2.10 2.36
C ALA D 342 -23.34 -2.37 3.09
N PHE D 343 -24.41 -2.70 2.35
CA PHE D 343 -25.69 -3.02 2.96
C PHE D 343 -26.42 -4.02 2.07
N TYR D 344 -26.87 -5.12 2.66
CA TYR D 344 -27.62 -6.14 1.95
C TYR D 344 -29.11 -5.90 2.22
N PHE D 345 -29.89 -5.76 1.15
CA PHE D 345 -31.29 -5.36 1.25
C PHE D 345 -32.20 -6.53 0.90
N TYR D 346 -33.37 -6.55 1.52
CA TYR D 346 -34.35 -7.61 1.33
C TYR D 346 -35.74 -6.99 1.22
N THR D 347 -36.66 -7.77 0.64
CA THR D 347 -38.05 -7.38 0.54
C THR D 347 -38.92 -8.49 1.13
N LEU D 348 -40.03 -8.10 1.74
CA LEU D 348 -40.93 -9.03 2.41
C LEU D 348 -42.35 -8.73 1.99
N ARG D 349 -43.10 -9.77 1.63
CA ARG D 349 -44.49 -9.64 1.20
C ARG D 349 -45.41 -10.24 2.24
N CYS D 350 -46.48 -9.51 2.55
CA CYS D 350 -47.49 -9.94 3.52
C CYS D 350 -48.80 -10.13 2.77
N SER D 351 -49.03 -11.36 2.29
CA SER D 351 -50.24 -11.72 1.55
C SER D 351 -50.46 -10.81 0.34
#